data_7K4F
#
_entry.id   7K4F
#
_cell.length_a   1.00
_cell.length_b   1.00
_cell.length_c   1.00
_cell.angle_alpha   90.00
_cell.angle_beta   90.00
_cell.angle_gamma   90.00
#
_symmetry.space_group_name_H-M   'P 1'
#
loop_
_entity.id
_entity.type
_entity.pdbx_description
1 polymer 'Transient receptor potential cation channel subfamily V member 6'
2 non-polymer 5-[(4-{cis-4-[3-(trifluoromethyl)phenyl]cyclohexyl}piperazin-1-yl)methyl]pyridin-2(1H)-one
3 non-polymer 'CALCIUM ION'
#
_entity_poly.entity_id   1
_entity_poly.type   'polypeptide(L)'
_entity_poly.pdbx_seq_one_letter_code
;MGLSLPKEKGLILCLWSKFCRWFQRRESWAQSRDEQNLLQQKRIWESPLLLAAKDNDVQALNKLLKYEDCKVHQRGAMGE
TALHIAALYDNLEAAMVLMEAAPELVFEPMTSELYEGQTALHIAVVNQNMNLVRALLARRASVSARATGTAFRRSPCNLI
YFGEHPLSFAACVNSEEIVRLLIEHGADIRAQDSLGNTVLHILILQPNKTFACQMYNLLLSYDRHGDHLQPLDLVPNHQG
LTPFKLAGVEGNTVMFQHLMQKRKHTQWTYGPLTSTLYDLTEIDSSGDEQSLLELIITTKKREARQILDQTPVKELVSLK
WKRYGRPYFCMLGAIYLLYIICFTMCCIYRPLKPRTNNRTSPRDNTLLQQKLLQEAYMTPKDDIRLVGELVTVIGAIIIL
LVEVPDIFRMGVTRFFGQTILGGPFHVLIITYAFMVLVTMVMRLISASGEVVPMSFALVLGWCNVMYFARGFQMLGPFTI
MIQKMIFGDLMRFCWLMAVVILGFASAFYIIFQTEDPEELGHFYDYPMALFSTFELFLTIIDGPANYNVDLPFMYSITYA
AFAIIATLLMLNLLIAMMGDTHWRVAHERDELWRAQIVATTVMLERKLPRCLWPRSGICGREYGLGDRWFLRVEDRQDLN
RQRIQRYAQAFHTRGSEDLDKDSVEKLVPR
;
_entity_poly.pdbx_strand_id   A,B,C,D
#
# COMPACT_ATOMS: atom_id res chain seq x y z
N ARG A 26 35.72 -9.53 -24.76
CA ARG A 26 35.02 -8.59 -23.88
C ARG A 26 33.87 -7.91 -24.60
N GLU A 27 34.09 -6.68 -25.05
CA GLU A 27 33.01 -5.91 -25.67
C GLU A 27 33.21 -5.75 -27.17
N SER A 28 34.45 -5.61 -27.62
CA SER A 28 34.73 -5.44 -29.05
C SER A 28 34.48 -6.72 -29.84
N TRP A 29 34.24 -7.84 -29.18
CA TRP A 29 33.82 -9.05 -29.88
C TRP A 29 32.45 -8.88 -30.51
N ALA A 30 31.60 -8.02 -29.96
CA ALA A 30 30.38 -7.64 -30.64
C ALA A 30 30.67 -6.77 -31.85
N GLN A 31 31.70 -5.94 -31.76
CA GLN A 31 32.12 -5.07 -32.85
C GLN A 31 32.77 -5.84 -33.99
N SER A 32 33.24 -7.06 -33.74
CA SER A 32 33.74 -7.89 -34.82
C SER A 32 32.69 -8.86 -35.35
N ARG A 33 31.64 -9.12 -34.59
CA ARG A 33 30.65 -10.07 -35.03
C ARG A 33 29.72 -9.44 -36.06
N ASP A 34 29.29 -8.22 -35.80
CA ASP A 34 28.35 -7.55 -36.67
C ASP A 34 28.94 -7.20 -38.03
N GLU A 35 30.25 -6.97 -38.10
CA GLU A 35 30.87 -6.71 -39.39
C GLU A 35 30.88 -7.92 -40.29
N GLN A 36 30.83 -9.13 -39.73
CA GLN A 36 30.65 -10.32 -40.55
C GLN A 36 29.28 -10.31 -41.23
N ASN A 37 28.25 -9.81 -40.54
CA ASN A 37 26.93 -9.79 -41.13
C ASN A 37 26.82 -8.74 -42.21
N LEU A 38 27.53 -7.62 -42.06
CA LEU A 38 27.54 -6.65 -43.14
C LEU A 38 28.39 -7.12 -44.31
N LEU A 39 29.46 -7.87 -44.03
CA LEU A 39 30.37 -8.27 -45.10
C LEU A 39 29.73 -9.34 -45.96
N GLN A 40 28.77 -10.07 -45.40
CA GLN A 40 27.98 -11.02 -46.19
C GLN A 40 27.16 -10.30 -47.24
N GLN A 41 26.64 -9.14 -46.90
CA GLN A 41 25.77 -8.44 -47.84
C GLN A 41 26.54 -7.77 -48.95
N LYS A 42 27.86 -7.65 -48.81
CA LYS A 42 28.68 -7.23 -49.94
C LYS A 42 29.01 -8.42 -50.82
N ARG A 43 29.30 -9.56 -50.19
CA ARG A 43 29.61 -10.76 -50.97
C ARG A 43 28.37 -11.35 -51.60
N ILE A 44 27.19 -11.05 -51.05
CA ILE A 44 25.97 -11.45 -51.75
C ILE A 44 25.67 -10.50 -52.89
N TRP A 45 26.35 -9.36 -52.94
CA TRP A 45 26.06 -8.33 -53.92
C TRP A 45 27.00 -8.40 -55.12
N GLU A 46 28.30 -8.55 -54.88
CA GLU A 46 29.27 -8.57 -55.97
C GLU A 46 29.45 -9.94 -56.58
N SER A 47 28.50 -10.85 -56.38
CA SER A 47 28.61 -12.22 -56.87
C SER A 47 27.40 -12.56 -57.73
N PRO A 48 27.58 -12.87 -59.02
CA PRO A 48 26.43 -12.95 -59.93
C PRO A 48 25.51 -14.13 -59.70
N LEU A 49 26.04 -15.35 -59.60
CA LEU A 49 25.20 -16.52 -59.39
C LEU A 49 24.68 -16.56 -57.97
N LEU A 50 25.44 -16.02 -57.04
CA LEU A 50 25.11 -16.13 -55.62
C LEU A 50 24.00 -15.17 -55.24
N LEU A 51 23.93 -14.00 -55.88
CA LEU A 51 22.75 -13.16 -55.71
C LEU A 51 21.53 -13.79 -56.33
N ALA A 52 21.73 -14.52 -57.44
CA ALA A 52 20.65 -15.31 -58.02
C ALA A 52 20.28 -16.48 -57.12
N ALA A 53 21.18 -16.91 -56.25
CA ALA A 53 20.80 -17.87 -55.22
C ALA A 53 20.02 -17.22 -54.09
N LYS A 54 20.22 -15.92 -53.86
CA LYS A 54 19.48 -15.27 -52.79
C LYS A 54 18.02 -15.08 -53.15
N ASP A 55 17.74 -14.85 -54.42
CA ASP A 55 16.39 -14.89 -54.93
C ASP A 55 16.18 -16.27 -55.55
N ASN A 56 15.09 -16.46 -56.27
CA ASN A 56 14.94 -17.73 -56.97
C ASN A 56 15.78 -17.72 -58.24
N ASP A 57 15.38 -16.88 -59.21
CA ASP A 57 16.07 -16.68 -60.49
C ASP A 57 16.39 -17.99 -61.22
N VAL A 58 15.45 -18.94 -61.15
CA VAL A 58 15.75 -20.31 -61.57
C VAL A 58 15.87 -20.40 -63.09
N GLN A 59 15.31 -19.44 -63.81
CA GLN A 59 15.59 -19.34 -65.24
C GLN A 59 17.00 -18.79 -65.46
N ALA A 60 17.38 -17.79 -64.67
CA ALA A 60 18.69 -17.19 -64.87
C ALA A 60 19.79 -18.05 -64.24
N LEU A 61 19.55 -18.61 -63.07
CA LEU A 61 20.54 -19.45 -62.41
C LEU A 61 20.78 -20.75 -63.17
N ASN A 62 19.80 -21.20 -63.95
CA ASN A 62 20.03 -22.29 -64.89
C ASN A 62 21.07 -21.89 -65.92
N LYS A 63 20.99 -20.66 -66.42
CA LYS A 63 21.95 -20.20 -67.41
C LYS A 63 23.23 -19.71 -66.78
N LEU A 64 23.16 -19.15 -65.57
CA LEU A 64 24.35 -18.65 -64.88
C LEU A 64 25.31 -19.77 -64.48
N LEU A 65 24.83 -21.00 -64.37
CA LEU A 65 25.71 -22.10 -64.07
C LEU A 65 26.43 -22.57 -65.33
N LYS A 66 25.74 -22.60 -66.46
CA LYS A 66 26.26 -23.19 -67.70
C LYS A 66 27.27 -22.22 -68.32
N TYR A 67 28.50 -22.30 -67.82
CA TYR A 67 29.61 -21.54 -68.35
C TYR A 67 30.88 -22.37 -68.19
N GLU A 68 32.01 -21.78 -68.56
CA GLU A 68 33.28 -22.50 -68.49
C GLU A 68 33.83 -22.50 -67.08
N ASP A 69 34.10 -21.31 -66.53
CA ASP A 69 34.71 -21.22 -65.21
C ASP A 69 33.84 -20.30 -64.34
N CYS A 70 32.78 -20.88 -63.78
CA CYS A 70 31.88 -20.23 -62.83
C CYS A 70 31.56 -21.17 -61.69
N LYS A 71 32.62 -21.70 -61.06
CA LYS A 71 32.52 -22.80 -60.12
C LYS A 71 31.65 -22.45 -58.91
N VAL A 72 31.12 -23.49 -58.26
CA VAL A 72 30.19 -23.31 -57.16
C VAL A 72 30.86 -23.34 -55.80
N HIS A 73 32.15 -23.59 -55.75
CA HIS A 73 32.84 -23.70 -54.48
C HIS A 73 33.30 -22.35 -53.93
N GLN A 74 32.93 -21.25 -54.58
CA GLN A 74 33.27 -19.93 -54.06
C GLN A 74 32.48 -19.65 -52.80
N ARG A 75 33.10 -18.91 -51.89
CA ARG A 75 32.53 -18.70 -50.58
C ARG A 75 32.44 -17.22 -50.27
N GLY A 76 31.40 -16.86 -49.54
CA GLY A 76 31.15 -15.48 -49.20
C GLY A 76 32.00 -15.00 -48.04
N ALA A 77 31.37 -14.19 -47.20
CA ALA A 77 32.07 -13.64 -46.05
C ALA A 77 32.35 -14.69 -45.00
N MET A 78 31.34 -15.47 -44.64
CA MET A 78 31.45 -16.46 -43.57
C MET A 78 31.83 -17.82 -44.10
N GLY A 79 32.36 -17.90 -45.31
CA GLY A 79 32.76 -19.15 -45.89
C GLY A 79 31.58 -20.03 -46.24
N GLU A 80 30.72 -19.57 -47.14
CA GLU A 80 29.45 -20.23 -47.37
C GLU A 80 29.21 -20.44 -48.84
N THR A 81 28.61 -21.58 -49.18
CA THR A 81 28.43 -21.93 -50.57
C THR A 81 27.08 -21.45 -51.10
N ALA A 82 26.87 -21.67 -52.40
CA ALA A 82 25.65 -21.18 -53.04
C ALA A 82 24.45 -22.04 -52.68
N LEU A 83 24.66 -23.23 -52.14
CA LEU A 83 23.53 -24.03 -51.71
C LEU A 83 22.95 -23.51 -50.40
N HIS A 84 23.81 -23.04 -49.50
CA HIS A 84 23.38 -22.56 -48.19
C HIS A 84 22.51 -21.32 -48.29
N ILE A 85 22.88 -20.40 -49.17
CA ILE A 85 22.11 -19.18 -49.36
C ILE A 85 20.76 -19.51 -49.95
N ALA A 86 20.70 -20.51 -50.83
CA ALA A 86 19.42 -20.99 -51.33
C ALA A 86 18.60 -21.62 -50.22
N ALA A 87 19.26 -22.20 -49.22
CA ALA A 87 18.54 -22.77 -48.10
C ALA A 87 18.14 -21.69 -47.10
N LEU A 88 19.02 -20.72 -46.87
CA LEU A 88 18.82 -19.78 -45.77
C LEU A 88 17.71 -18.79 -46.07
N TYR A 89 17.38 -18.59 -47.34
CA TYR A 89 16.18 -17.87 -47.74
C TYR A 89 15.13 -18.81 -48.31
N ASP A 90 15.07 -20.05 -47.80
CA ASP A 90 14.15 -21.17 -48.07
C ASP A 90 13.63 -21.27 -49.50
N ASN A 91 14.53 -21.14 -50.46
CA ASN A 91 14.18 -21.21 -51.88
C ASN A 91 14.41 -22.63 -52.37
N LEU A 92 13.31 -23.38 -52.53
CA LEU A 92 13.42 -24.79 -52.86
C LEU A 92 13.83 -24.99 -54.31
N GLU A 93 13.32 -24.14 -55.21
CA GLU A 93 13.61 -24.30 -56.63
C GLU A 93 15.07 -24.03 -56.93
N ALA A 94 15.64 -23.00 -56.31
CA ALA A 94 17.04 -22.71 -56.52
C ALA A 94 17.94 -23.71 -55.80
N ALA A 95 17.39 -24.41 -54.81
CA ALA A 95 18.19 -25.40 -54.09
C ALA A 95 18.46 -26.63 -54.94
N MET A 96 17.44 -27.17 -55.59
CA MET A 96 17.57 -28.44 -56.29
C MET A 96 18.39 -28.33 -57.56
N VAL A 97 18.43 -27.15 -58.17
CA VAL A 97 19.21 -26.98 -59.39
C VAL A 97 20.70 -27.00 -59.06
N LEU A 98 21.07 -26.48 -57.90
CA LEU A 98 22.45 -26.59 -57.45
C LEU A 98 22.81 -28.02 -57.10
N MET A 99 21.85 -28.80 -56.61
CA MET A 99 22.09 -30.21 -56.37
C MET A 99 22.20 -31.00 -57.67
N GLU A 100 21.32 -30.69 -58.63
CA GLU A 100 21.30 -31.39 -59.91
C GLU A 100 22.55 -31.09 -60.73
N ALA A 101 23.08 -29.88 -60.60
CA ALA A 101 24.28 -29.51 -61.34
C ALA A 101 25.56 -29.81 -60.58
N ALA A 102 25.48 -29.99 -59.27
CA ALA A 102 26.66 -30.27 -58.46
C ALA A 102 26.31 -31.25 -57.35
N PRO A 103 26.61 -32.54 -57.52
CA PRO A 103 26.29 -33.52 -56.48
C PRO A 103 27.20 -33.46 -55.26
N GLU A 104 28.42 -32.94 -55.39
CA GLU A 104 29.32 -32.89 -54.25
C GLU A 104 28.97 -31.77 -53.29
N LEU A 105 28.13 -30.83 -53.72
CA LEU A 105 27.94 -29.56 -53.03
C LEU A 105 27.27 -29.71 -51.67
N VAL A 106 26.52 -30.79 -51.43
CA VAL A 106 25.85 -30.96 -50.15
C VAL A 106 26.83 -31.37 -49.07
N PHE A 107 27.97 -31.96 -49.42
CA PHE A 107 28.99 -32.38 -48.46
C PHE A 107 29.86 -31.20 -48.05
N GLU A 108 29.25 -30.10 -47.62
CA GLU A 108 30.05 -28.89 -47.52
C GLU A 108 29.64 -28.04 -46.33
N PRO A 109 30.45 -28.00 -45.29
CA PRO A 109 30.16 -27.14 -44.14
C PRO A 109 30.81 -25.78 -44.29
N MET A 110 30.29 -24.82 -43.52
CA MET A 110 30.85 -23.49 -43.52
C MET A 110 32.13 -23.46 -42.69
N THR A 111 33.03 -22.55 -43.05
CA THR A 111 34.38 -22.54 -42.50
C THR A 111 34.78 -21.22 -41.86
N SER A 112 33.84 -20.46 -41.31
CA SER A 112 34.22 -19.27 -40.57
C SER A 112 34.66 -19.66 -39.16
N GLU A 113 35.03 -18.66 -38.36
CA GLU A 113 35.21 -18.94 -36.95
C GLU A 113 33.93 -18.70 -36.17
N LEU A 114 33.01 -17.92 -36.72
CA LEU A 114 31.73 -17.71 -36.05
C LEU A 114 30.83 -18.91 -36.23
N TYR A 115 30.46 -19.20 -37.47
CA TYR A 115 29.77 -20.42 -37.83
C TYR A 115 30.83 -21.40 -38.30
N GLU A 116 30.75 -22.65 -37.87
CA GLU A 116 31.72 -23.64 -38.30
C GLU A 116 31.09 -25.01 -38.23
N GLY A 117 31.34 -25.81 -39.26
CA GLY A 117 30.79 -27.14 -39.30
C GLY A 117 29.30 -27.20 -39.50
N GLN A 118 28.70 -26.20 -40.13
CA GLN A 118 27.26 -26.20 -40.36
C GLN A 118 27.01 -26.57 -41.82
N THR A 119 26.33 -27.69 -42.04
CA THR A 119 26.05 -28.16 -43.38
C THR A 119 24.70 -27.64 -43.86
N ALA A 120 24.37 -27.99 -45.11
CA ALA A 120 23.12 -27.55 -45.70
C ALA A 120 21.91 -28.25 -45.09
N LEU A 121 22.11 -29.38 -44.43
CA LEU A 121 21.00 -30.07 -43.78
C LEU A 121 20.51 -29.30 -42.58
N HIS A 122 21.39 -28.55 -41.91
CA HIS A 122 21.05 -27.82 -40.69
C HIS A 122 20.02 -26.74 -40.94
N ILE A 123 20.25 -25.92 -41.97
CA ILE A 123 19.46 -24.71 -42.17
C ILE A 123 18.03 -25.05 -42.57
N ALA A 124 17.84 -26.07 -43.41
CA ALA A 124 16.49 -26.50 -43.76
C ALA A 124 15.77 -27.11 -42.57
N VAL A 125 16.51 -27.66 -41.62
CA VAL A 125 15.90 -28.15 -40.40
C VAL A 125 15.54 -26.99 -39.47
N VAL A 126 16.38 -25.94 -39.43
CA VAL A 126 16.11 -24.79 -38.57
C VAL A 126 14.89 -24.03 -39.06
N ASN A 127 14.71 -23.96 -40.38
CA ASN A 127 13.50 -23.36 -40.94
C ASN A 127 12.26 -24.27 -40.83
N GLN A 128 12.39 -25.43 -40.19
CA GLN A 128 11.35 -26.25 -39.54
C GLN A 128 10.23 -26.74 -40.44
N ASN A 129 10.28 -26.41 -41.72
CA ASN A 129 9.22 -26.80 -42.65
C ASN A 129 9.87 -26.82 -44.02
N MET A 130 10.18 -28.00 -44.51
CA MET A 130 10.93 -28.03 -45.75
C MET A 130 10.75 -29.38 -46.42
N ASN A 131 10.73 -29.35 -47.75
CA ASN A 131 10.86 -30.55 -48.56
C ASN A 131 12.28 -30.75 -49.05
N LEU A 132 13.18 -29.81 -48.74
CA LEU A 132 14.57 -29.99 -49.10
C LEU A 132 15.23 -31.05 -48.22
N VAL A 133 14.71 -31.27 -47.01
CA VAL A 133 15.22 -32.35 -46.17
C VAL A 133 14.88 -33.71 -46.74
N ARG A 134 13.87 -33.81 -47.59
CA ARG A 134 13.70 -35.02 -48.40
C ARG A 134 14.87 -35.16 -49.37
N ALA A 135 15.21 -34.06 -50.05
CA ALA A 135 16.18 -34.13 -51.13
C ALA A 135 17.60 -34.27 -50.61
N LEU A 136 17.95 -33.56 -49.54
CA LEU A 136 19.32 -33.61 -49.05
C LEU A 136 19.61 -34.96 -48.41
N LEU A 137 18.62 -35.56 -47.76
CA LEU A 137 18.78 -36.92 -47.27
C LEU A 137 18.87 -37.91 -48.42
N ALA A 138 18.12 -37.68 -49.50
CA ALA A 138 18.12 -38.62 -50.62
C ALA A 138 19.40 -38.54 -51.43
N ARG A 139 20.19 -37.49 -51.25
CA ARG A 139 21.51 -37.41 -51.88
C ARG A 139 22.61 -37.75 -50.90
N ARG A 140 22.25 -38.44 -49.82
CA ARG A 140 23.17 -39.01 -48.82
C ARG A 140 23.98 -37.92 -48.12
N ALA A 141 23.26 -37.02 -47.44
CA ALA A 141 23.90 -36.09 -46.53
C ALA A 141 24.34 -36.81 -45.26
N SER A 142 25.24 -36.18 -44.52
CA SER A 142 25.71 -36.75 -43.28
C SER A 142 24.96 -36.14 -42.11
N VAL A 143 24.34 -36.98 -41.29
CA VAL A 143 23.46 -36.51 -40.22
C VAL A 143 24.23 -36.45 -38.91
N SER A 144 25.56 -36.44 -38.99
CA SER A 144 26.38 -36.34 -37.79
C SER A 144 27.43 -35.27 -37.95
N ALA A 145 27.10 -34.16 -38.62
CA ALA A 145 28.03 -33.06 -38.77
C ALA A 145 27.91 -32.14 -37.57
N ARG A 146 28.90 -32.19 -36.68
CA ARG A 146 28.86 -31.37 -35.48
C ARG A 146 29.11 -29.92 -35.84
N ALA A 147 28.18 -29.06 -35.43
CA ALA A 147 28.28 -27.63 -35.72
C ALA A 147 28.81 -26.90 -34.49
N THR A 148 30.11 -27.06 -34.25
CA THR A 148 30.74 -26.53 -33.06
C THR A 148 31.29 -25.11 -33.25
N GLY A 149 30.70 -24.34 -34.14
CA GLY A 149 31.09 -22.95 -34.28
C GLY A 149 30.73 -22.13 -33.05
N THR A 150 31.35 -20.95 -32.97
CA THR A 150 31.18 -20.12 -31.78
C THR A 150 29.83 -19.44 -31.72
N ALA A 151 29.03 -19.50 -32.78
CA ALA A 151 27.67 -19.01 -32.70
C ALA A 151 26.70 -20.07 -32.21
N PHE A 152 27.18 -21.12 -31.56
CA PHE A 152 26.30 -22.14 -31.02
C PHE A 152 26.62 -22.54 -29.59
N ARG A 153 27.68 -21.99 -28.98
CA ARG A 153 27.99 -22.37 -27.61
C ARG A 153 27.03 -21.70 -26.64
N ARG A 154 26.79 -22.38 -25.52
CA ARG A 154 25.86 -21.90 -24.51
C ARG A 154 26.50 -20.74 -23.77
N SER A 155 26.18 -19.52 -24.17
CA SER A 155 26.72 -18.33 -23.56
C SER A 155 25.63 -17.27 -23.63
N PRO A 156 25.62 -16.30 -22.73
CA PRO A 156 24.63 -15.23 -22.80
C PRO A 156 24.94 -14.14 -23.83
N CYS A 157 25.35 -14.58 -25.02
CA CYS A 157 25.52 -13.72 -26.18
C CYS A 157 24.91 -14.28 -27.44
N ASN A 158 24.80 -15.60 -27.59
CA ASN A 158 23.96 -16.21 -28.60
C ASN A 158 22.55 -16.30 -28.06
N LEU A 159 21.57 -15.90 -28.85
CA LEU A 159 20.21 -15.92 -28.37
C LEU A 159 19.57 -17.29 -28.48
N ILE A 160 20.27 -18.27 -29.03
CA ILE A 160 19.76 -19.62 -29.14
C ILE A 160 20.72 -20.55 -28.42
N TYR A 161 20.24 -21.74 -28.09
CA TYR A 161 21.13 -22.85 -27.76
C TYR A 161 20.51 -24.09 -28.37
N PHE A 162 21.00 -24.48 -29.54
CA PHE A 162 20.38 -25.54 -30.30
C PHE A 162 21.18 -26.83 -30.27
N GLY A 163 22.30 -26.88 -29.56
CA GLY A 163 23.09 -28.09 -29.56
C GLY A 163 23.98 -28.17 -30.77
N GLU A 164 24.27 -29.36 -31.26
CA GLU A 164 25.21 -29.48 -32.37
C GLU A 164 24.70 -30.32 -33.53
N HIS A 165 24.02 -31.40 -33.26
CA HIS A 165 23.67 -32.41 -34.25
C HIS A 165 22.40 -32.05 -35.01
N PRO A 166 22.19 -32.64 -36.19
CA PRO A 166 21.00 -32.27 -36.97
C PRO A 166 19.67 -32.65 -36.37
N LEU A 167 19.57 -33.82 -35.72
CA LEU A 167 18.31 -34.12 -35.05
C LEU A 167 18.19 -33.34 -33.76
N SER A 168 19.32 -32.87 -33.22
CA SER A 168 19.26 -31.99 -32.07
C SER A 168 18.61 -30.67 -32.43
N PHE A 169 18.84 -30.16 -33.65
CA PHE A 169 18.15 -28.95 -34.08
C PHE A 169 16.66 -29.22 -34.26
N ALA A 170 16.32 -30.41 -34.74
CA ALA A 170 14.95 -30.69 -35.15
C ALA A 170 14.02 -30.77 -33.96
N ALA A 171 14.48 -31.39 -32.87
CA ALA A 171 13.72 -31.38 -31.64
C ALA A 171 13.65 -29.98 -31.05
N CYS A 172 14.70 -29.19 -31.27
CA CYS A 172 14.85 -27.95 -30.53
C CYS A 172 13.85 -26.89 -31.01
N VAL A 173 13.31 -27.04 -32.21
CA VAL A 173 12.38 -26.06 -32.76
C VAL A 173 10.98 -26.65 -32.88
N ASN A 174 10.76 -27.81 -32.24
CA ASN A 174 9.46 -28.49 -32.14
C ASN A 174 8.90 -28.84 -33.52
N SER A 175 9.58 -29.75 -34.19
CA SER A 175 9.08 -30.26 -35.46
C SER A 175 9.28 -31.78 -35.45
N GLU A 176 8.22 -32.49 -35.07
CA GLU A 176 8.26 -33.94 -34.98
C GLU A 176 8.49 -34.59 -36.33
N GLU A 177 7.93 -33.99 -37.39
CA GLU A 177 7.95 -34.59 -38.70
C GLU A 177 9.35 -34.59 -39.30
N ILE A 178 10.24 -33.75 -38.77
CA ILE A 178 11.63 -33.87 -39.14
C ILE A 178 12.32 -34.92 -38.27
N VAL A 179 11.89 -35.03 -37.01
CA VAL A 179 12.54 -35.94 -36.07
C VAL A 179 12.29 -37.39 -36.47
N ARG A 180 11.03 -37.72 -36.78
CA ARG A 180 10.71 -39.07 -37.24
C ARG A 180 11.36 -39.39 -38.58
N LEU A 181 11.55 -38.38 -39.43
CA LEU A 181 12.24 -38.62 -40.68
C LEU A 181 13.73 -38.81 -40.44
N LEU A 182 14.30 -38.03 -39.52
CA LEU A 182 15.73 -38.05 -39.38
C LEU A 182 16.20 -39.25 -38.59
N ILE A 183 15.39 -39.70 -37.62
CA ILE A 183 15.75 -40.88 -36.85
C ILE A 183 15.66 -42.13 -37.69
N GLU A 184 14.88 -42.11 -38.76
CA GLU A 184 14.66 -43.30 -39.56
C GLU A 184 15.88 -43.61 -40.41
N HIS A 185 16.75 -42.64 -40.65
CA HIS A 185 17.90 -42.82 -41.52
C HIS A 185 19.22 -42.80 -40.75
N GLY A 186 19.27 -43.44 -39.59
CA GLY A 186 20.51 -43.70 -38.90
C GLY A 186 20.95 -42.67 -37.88
N ALA A 187 20.05 -41.81 -37.41
CA ALA A 187 20.41 -40.80 -36.42
C ALA A 187 20.69 -41.46 -35.08
N ASP A 188 21.74 -41.01 -34.41
CA ASP A 188 22.13 -41.58 -33.14
C ASP A 188 21.63 -40.67 -32.02
N ILE A 189 20.79 -41.22 -31.15
CA ILE A 189 20.25 -40.45 -30.03
C ILE A 189 21.35 -40.09 -29.06
N ARG A 190 22.20 -41.05 -28.74
CA ARG A 190 23.14 -40.94 -27.63
C ARG A 190 24.35 -40.07 -27.93
N ALA A 191 24.35 -39.35 -29.04
CA ALA A 191 25.48 -38.50 -29.39
C ALA A 191 25.51 -37.28 -28.49
N GLN A 192 26.58 -37.12 -27.74
CA GLN A 192 26.75 -35.98 -26.85
C GLN A 192 27.34 -34.81 -27.65
N ASP A 193 27.72 -33.75 -26.96
CA ASP A 193 28.25 -32.56 -27.63
C ASP A 193 29.59 -32.18 -27.03
N SER A 194 30.14 -31.07 -27.54
CA SER A 194 31.39 -30.56 -26.98
C SER A 194 31.18 -29.95 -25.61
N LEU A 195 29.95 -29.53 -25.31
CA LEU A 195 29.62 -29.16 -23.94
C LEU A 195 29.43 -30.40 -23.08
N GLY A 196 29.15 -31.55 -23.71
CA GLY A 196 29.01 -32.83 -23.03
C GLY A 196 27.58 -33.31 -22.96
N ASN A 197 26.62 -32.40 -23.09
CA ASN A 197 25.22 -32.72 -22.98
C ASN A 197 24.72 -33.54 -24.16
N THR A 198 23.70 -34.35 -23.89
CA THR A 198 23.08 -35.17 -24.92
C THR A 198 21.92 -34.42 -25.56
N VAL A 199 21.08 -35.13 -26.32
CA VAL A 199 19.89 -34.55 -26.94
C VAL A 199 18.94 -34.04 -25.89
N LEU A 200 18.84 -34.74 -24.78
CA LEU A 200 17.75 -34.50 -23.86
C LEU A 200 18.06 -33.38 -22.88
N HIS A 201 19.33 -33.14 -22.57
CA HIS A 201 19.68 -31.99 -21.76
C HIS A 201 19.37 -30.69 -22.48
N ILE A 202 19.47 -30.70 -23.81
CA ILE A 202 19.13 -29.53 -24.59
C ILE A 202 17.66 -29.22 -24.48
N LEU A 203 16.83 -30.25 -24.38
CA LEU A 203 15.40 -30.06 -24.26
C LEU A 203 14.98 -29.44 -22.94
N ILE A 204 15.79 -29.56 -21.91
CA ILE A 204 15.37 -29.07 -20.61
C ILE A 204 15.51 -27.56 -20.53
N LEU A 205 16.61 -27.02 -21.02
CA LEU A 205 16.84 -25.59 -20.87
C LEU A 205 16.34 -24.79 -22.07
N GLN A 206 15.36 -25.30 -22.79
CA GLN A 206 14.67 -24.50 -23.79
C GLN A 206 13.75 -23.48 -23.12
N PRO A 207 13.46 -22.36 -23.78
CA PRO A 207 12.56 -21.38 -23.18
C PRO A 207 11.09 -21.70 -23.39
N ASN A 208 10.73 -22.38 -24.46
CA ASN A 208 9.33 -22.68 -24.76
C ASN A 208 9.01 -23.99 -24.05
N LYS A 209 8.62 -23.89 -22.79
CA LYS A 209 8.71 -25.00 -21.85
C LYS A 209 7.69 -26.10 -22.12
N THR A 210 6.46 -25.74 -22.47
CA THR A 210 5.39 -26.73 -22.56
C THR A 210 5.59 -27.65 -23.75
N PHE A 211 6.00 -27.10 -24.90
CA PHE A 211 6.18 -27.92 -26.09
C PHE A 211 7.36 -28.86 -25.98
N ALA A 212 8.31 -28.58 -25.09
CA ALA A 212 9.38 -29.52 -24.86
C ALA A 212 8.88 -30.76 -24.12
N CYS A 213 7.93 -30.55 -23.20
CA CYS A 213 7.48 -31.62 -22.33
C CYS A 213 6.73 -32.70 -23.09
N GLN A 214 5.97 -32.29 -24.11
CA GLN A 214 5.29 -33.27 -24.96
C GLN A 214 6.29 -34.08 -25.76
N MET A 215 7.23 -33.42 -26.40
CA MET A 215 8.12 -34.11 -27.32
C MET A 215 9.25 -34.80 -26.58
N TYR A 216 9.46 -34.48 -25.30
CA TYR A 216 10.32 -35.27 -24.44
C TYR A 216 9.82 -36.71 -24.34
N ASN A 217 8.50 -36.89 -24.35
CA ASN A 217 7.95 -38.24 -24.28
C ASN A 217 8.21 -39.01 -25.58
N LEU A 218 8.24 -38.30 -26.70
CA LEU A 218 8.48 -38.96 -27.99
C LEU A 218 9.93 -39.41 -28.14
N LEU A 219 10.87 -38.54 -27.77
CA LEU A 219 12.29 -38.89 -27.86
C LEU A 219 12.68 -40.01 -26.91
N LEU A 220 11.92 -40.20 -25.84
CA LEU A 220 12.24 -41.29 -24.94
C LEU A 220 11.85 -42.64 -25.53
N SER A 221 10.91 -42.65 -26.47
CA SER A 221 10.35 -43.91 -26.95
C SER A 221 11.33 -44.65 -27.85
N TYR A 222 12.19 -43.93 -28.56
CA TYR A 222 13.09 -44.54 -29.53
C TYR A 222 14.37 -45.06 -28.90
N ASP A 223 14.38 -45.29 -27.59
CA ASP A 223 15.55 -45.80 -26.89
C ASP A 223 15.53 -47.32 -26.77
N ARG A 224 14.58 -48.00 -27.43
CA ARG A 224 14.27 -49.40 -27.14
C ARG A 224 15.45 -50.33 -27.46
N HIS A 225 15.50 -51.43 -26.69
CA HIS A 225 16.58 -52.39 -26.39
C HIS A 225 17.59 -51.78 -25.40
N GLY A 226 17.51 -50.47 -25.16
CA GLY A 226 18.29 -49.76 -24.16
C GLY A 226 19.81 -49.85 -24.17
N ASP A 227 20.37 -50.55 -25.17
CA ASP A 227 21.81 -50.87 -25.28
C ASP A 227 22.36 -51.51 -24.00
N HIS A 228 21.52 -52.30 -23.31
CA HIS A 228 21.78 -53.10 -22.10
C HIS A 228 22.55 -52.40 -20.99
N LEU A 229 22.49 -51.07 -20.93
CA LEU A 229 23.24 -50.23 -19.99
C LEU A 229 22.71 -48.81 -20.07
N GLN A 230 22.53 -48.18 -18.87
CA GLN A 230 22.21 -46.80 -18.54
C GLN A 230 21.37 -46.09 -19.59
N PRO A 231 20.12 -46.52 -19.76
CA PRO A 231 19.46 -46.48 -21.08
C PRO A 231 19.34 -45.15 -21.79
N LEU A 232 18.66 -44.17 -21.22
CA LEU A 232 18.75 -42.87 -21.87
C LEU A 232 18.97 -41.73 -20.88
N ASP A 233 18.28 -41.73 -19.76
CA ASP A 233 18.28 -40.57 -18.89
C ASP A 233 18.96 -40.87 -17.57
N LEU A 234 20.00 -41.68 -17.60
CA LEU A 234 20.90 -41.84 -16.48
C LEU A 234 22.30 -41.39 -16.83
N VAL A 235 22.51 -40.92 -18.06
CA VAL A 235 23.85 -40.57 -18.50
C VAL A 235 24.14 -39.12 -18.10
N PRO A 236 25.29 -38.86 -17.52
CA PRO A 236 25.62 -37.48 -17.18
C PRO A 236 26.19 -36.75 -18.38
N ASN A 237 26.56 -35.48 -18.19
CA ASN A 237 27.28 -34.72 -19.20
C ASN A 237 28.71 -34.48 -18.73
N HIS A 238 29.45 -33.68 -19.49
CA HIS A 238 30.81 -33.33 -19.08
C HIS A 238 30.83 -32.41 -17.87
N GLN A 239 29.69 -31.82 -17.51
CA GLN A 239 29.60 -31.09 -16.26
C GLN A 239 29.07 -31.98 -15.15
N GLY A 240 28.45 -33.10 -15.49
CA GLY A 240 28.23 -34.16 -14.54
C GLY A 240 26.84 -34.27 -13.95
N LEU A 241 25.78 -34.15 -14.76
CA LEU A 241 24.42 -34.22 -14.25
C LEU A 241 23.52 -35.05 -15.15
N THR A 242 22.59 -35.74 -14.53
CA THR A 242 21.52 -36.44 -15.21
C THR A 242 20.50 -35.44 -15.73
N PRO A 243 19.58 -35.86 -16.61
CA PRO A 243 18.50 -34.92 -17.00
C PRO A 243 17.61 -34.51 -15.85
N PHE A 244 17.42 -35.38 -14.86
CA PHE A 244 16.57 -35.06 -13.73
C PHE A 244 17.20 -33.98 -12.87
N LYS A 245 18.49 -34.12 -12.56
CA LYS A 245 19.16 -33.11 -11.74
C LYS A 245 19.32 -31.81 -12.50
N LEU A 246 19.46 -31.87 -13.83
CA LEU A 246 19.60 -30.64 -14.59
C LEU A 246 18.30 -29.87 -14.60
N ALA A 247 17.18 -30.58 -14.51
CA ALA A 247 15.89 -29.92 -14.39
C ALA A 247 15.77 -29.13 -13.11
N GLY A 248 16.50 -29.55 -12.07
CA GLY A 248 16.47 -28.80 -10.84
C GLY A 248 17.22 -27.48 -10.94
N VAL A 249 18.45 -27.54 -11.45
CA VAL A 249 19.36 -26.41 -11.31
C VAL A 249 18.95 -25.27 -12.22
N GLU A 250 18.49 -25.59 -13.43
CA GLU A 250 18.00 -24.53 -14.30
C GLU A 250 16.62 -24.04 -13.92
N GLY A 251 15.94 -24.71 -13.01
CA GLY A 251 14.69 -24.19 -12.51
C GLY A 251 13.50 -24.42 -13.40
N ASN A 252 13.57 -25.39 -14.29
CA ASN A 252 12.41 -25.72 -15.13
C ASN A 252 11.42 -26.45 -14.25
N THR A 253 10.37 -25.74 -13.84
CA THR A 253 9.40 -26.31 -12.92
C THR A 253 8.54 -27.36 -13.60
N VAL A 254 8.16 -27.10 -14.85
CA VAL A 254 7.17 -27.96 -15.51
C VAL A 254 7.77 -29.30 -15.88
N MET A 255 9.02 -29.30 -16.35
CA MET A 255 9.69 -30.56 -16.65
C MET A 255 9.98 -31.37 -15.41
N PHE A 256 10.08 -30.71 -14.25
CA PHE A 256 10.28 -31.44 -13.02
C PHE A 256 9.03 -32.19 -12.60
N GLN A 257 7.85 -31.69 -12.99
CA GLN A 257 6.63 -32.45 -12.75
C GLN A 257 6.59 -33.69 -13.62
N HIS A 258 7.00 -33.56 -14.88
CA HIS A 258 6.90 -34.69 -15.78
C HIS A 258 7.97 -35.74 -15.49
N LEU A 259 9.08 -35.33 -14.92
CA LEU A 259 10.10 -36.32 -14.59
C LEU A 259 9.81 -37.06 -13.30
N MET A 260 8.88 -36.58 -12.48
CA MET A 260 8.49 -37.38 -11.34
C MET A 260 7.49 -38.46 -11.72
N GLN A 261 6.94 -38.39 -12.92
CA GLN A 261 5.91 -39.32 -13.33
C GLN A 261 6.47 -40.72 -13.54
N LYS A 262 7.67 -40.83 -14.10
CA LYS A 262 8.31 -42.14 -14.13
C LYS A 262 8.78 -42.56 -12.75
N ARG A 263 9.26 -41.61 -11.94
CA ARG A 263 10.02 -41.99 -10.76
C ARG A 263 9.12 -42.48 -9.63
N LYS A 264 7.95 -41.89 -9.46
CA LYS A 264 7.07 -42.41 -8.43
C LYS A 264 6.23 -43.55 -9.00
N HIS A 265 5.63 -44.33 -8.10
CA HIS A 265 4.61 -45.28 -8.50
C HIS A 265 3.63 -45.47 -7.36
N THR A 266 2.36 -45.56 -7.73
CA THR A 266 1.28 -45.38 -6.78
C THR A 266 1.02 -46.65 -5.98
N GLN A 267 0.10 -46.53 -5.05
CA GLN A 267 -0.32 -47.62 -4.18
C GLN A 267 -1.85 -47.69 -4.27
N TRP A 268 -2.42 -48.41 -3.31
CA TRP A 268 -3.86 -48.50 -3.12
C TRP A 268 -4.57 -47.15 -3.10
N THR A 269 -5.74 -47.11 -3.71
CA THR A 269 -6.61 -45.95 -3.68
C THR A 269 -7.88 -46.26 -2.91
N TYR A 270 -8.41 -45.25 -2.23
CA TYR A 270 -9.45 -45.48 -1.24
C TYR A 270 -10.34 -44.25 -1.19
N GLY A 271 -11.39 -44.25 -2.01
CA GLY A 271 -12.26 -43.10 -2.15
C GLY A 271 -11.49 -41.89 -2.63
N PRO A 272 -11.70 -40.75 -1.97
CA PRO A 272 -10.90 -39.56 -2.27
C PRO A 272 -9.54 -39.56 -1.62
N LEU A 273 -9.22 -40.59 -0.85
CA LEU A 273 -7.95 -40.73 -0.17
C LEU A 273 -7.05 -41.65 -0.99
N THR A 274 -5.79 -41.26 -1.13
CA THR A 274 -4.84 -42.07 -1.90
C THR A 274 -3.44 -41.87 -1.37
N SER A 275 -2.57 -42.82 -1.68
CA SER A 275 -1.21 -42.83 -1.13
C SER A 275 -0.25 -43.34 -2.19
N THR A 276 0.93 -42.74 -2.25
CA THR A 276 1.94 -43.07 -3.23
C THR A 276 3.29 -43.23 -2.55
N LEU A 277 4.26 -43.70 -3.33
CA LEU A 277 5.66 -43.80 -2.92
C LEU A 277 6.51 -43.03 -3.91
N TYR A 278 7.54 -42.36 -3.41
CA TYR A 278 8.47 -41.63 -4.25
C TYR A 278 9.82 -42.32 -4.27
N ASP A 279 10.54 -42.16 -5.39
CA ASP A 279 11.73 -42.95 -5.65
C ASP A 279 12.86 -42.57 -4.71
N LEU A 280 13.15 -41.27 -4.60
CA LEU A 280 14.01 -40.68 -3.56
C LEU A 280 15.48 -41.10 -3.70
N THR A 281 15.81 -41.90 -4.71
CA THR A 281 17.16 -42.38 -4.87
C THR A 281 18.11 -41.34 -5.44
N GLU A 282 17.61 -40.16 -5.77
CA GLU A 282 18.44 -39.15 -6.37
C GLU A 282 18.19 -37.81 -5.71
N ILE A 283 17.73 -37.81 -4.46
CA ILE A 283 17.41 -36.58 -3.76
C ILE A 283 18.37 -36.41 -2.59
N ASP A 284 18.37 -37.36 -1.66
CA ASP A 284 19.25 -37.27 -0.50
C ASP A 284 20.69 -37.63 -0.86
N SER A 285 21.57 -37.42 0.11
CA SER A 285 22.99 -37.67 -0.05
C SER A 285 23.25 -39.16 0.00
N SER A 286 23.62 -39.75 -1.14
CA SER A 286 23.98 -41.17 -1.15
C SER A 286 25.33 -41.39 -0.51
N GLY A 287 26.37 -40.78 -1.06
CA GLY A 287 27.68 -40.84 -0.48
C GLY A 287 28.37 -39.50 -0.52
N ASP A 288 29.65 -39.49 -0.88
CA ASP A 288 30.39 -38.25 -1.07
C ASP A 288 29.97 -37.50 -2.33
N GLU A 289 29.20 -38.14 -3.21
CA GLU A 289 28.68 -37.49 -4.40
C GLU A 289 27.70 -36.40 -4.01
N GLN A 290 27.48 -35.47 -4.94
CA GLN A 290 26.57 -34.39 -4.68
C GLN A 290 25.13 -34.86 -4.76
N SER A 291 24.28 -34.21 -3.98
CA SER A 291 22.86 -34.49 -3.98
C SER A 291 22.14 -33.43 -4.81
N LEU A 292 20.82 -33.57 -4.93
CA LEU A 292 20.08 -32.50 -5.59
C LEU A 292 19.91 -31.31 -4.66
N LEU A 293 19.66 -31.58 -3.36
CA LEU A 293 19.49 -30.48 -2.41
C LEU A 293 20.77 -29.70 -2.22
N GLU A 294 21.94 -30.32 -2.44
CA GLU A 294 23.16 -29.55 -2.48
C GLU A 294 23.18 -28.61 -3.67
N LEU A 295 22.72 -29.09 -4.82
CA LEU A 295 22.76 -28.30 -6.04
C LEU A 295 21.73 -27.18 -6.05
N ILE A 296 20.66 -27.30 -5.28
CA ILE A 296 19.63 -26.25 -5.30
C ILE A 296 20.13 -25.00 -4.59
N ILE A 297 20.68 -25.17 -3.40
CA ILE A 297 21.06 -23.99 -2.63
C ILE A 297 22.35 -23.37 -3.14
N THR A 298 23.15 -24.12 -3.90
CA THR A 298 24.40 -23.58 -4.44
C THR A 298 24.20 -23.12 -5.89
N THR A 299 23.26 -22.19 -6.06
CA THR A 299 23.12 -21.48 -7.31
C THR A 299 22.68 -20.06 -7.02
N LYS A 300 22.95 -19.17 -7.98
CA LYS A 300 22.61 -17.78 -7.84
C LYS A 300 21.26 -17.44 -8.44
N LYS A 301 20.55 -18.43 -8.97
CA LYS A 301 19.31 -18.19 -9.68
C LYS A 301 18.17 -17.99 -8.69
N ARG A 302 17.01 -17.65 -9.23
CA ARG A 302 15.83 -17.43 -8.44
C ARG A 302 14.74 -18.44 -8.73
N GLU A 303 14.60 -18.85 -10.00
CA GLU A 303 13.57 -19.80 -10.34
C GLU A 303 13.89 -21.20 -9.82
N ALA A 304 15.16 -21.50 -9.62
CA ALA A 304 15.55 -22.83 -9.18
C ALA A 304 15.16 -23.08 -7.74
N ARG A 305 15.33 -22.09 -6.88
CA ARG A 305 14.92 -22.18 -5.48
C ARG A 305 13.41 -22.21 -5.29
N GLN A 306 12.63 -22.02 -6.34
CA GLN A 306 11.20 -22.16 -6.21
C GLN A 306 10.77 -23.62 -6.21
N ILE A 307 11.67 -24.55 -6.55
CA ILE A 307 11.31 -25.96 -6.69
C ILE A 307 11.10 -26.64 -5.34
N LEU A 308 11.43 -25.99 -4.23
CA LEU A 308 11.36 -26.62 -2.91
C LEU A 308 9.94 -26.93 -2.49
N ASP A 309 8.97 -26.19 -2.97
CA ASP A 309 7.60 -26.36 -2.49
C ASP A 309 6.87 -27.47 -3.21
N GLN A 310 7.50 -28.14 -4.15
CA GLN A 310 6.84 -29.20 -4.89
C GLN A 310 6.68 -30.43 -4.01
N THR A 311 5.70 -31.25 -4.37
CA THR A 311 5.23 -32.30 -3.44
C THR A 311 6.20 -33.42 -3.05
N PRO A 312 7.26 -33.81 -3.80
CA PRO A 312 8.12 -34.85 -3.24
C PRO A 312 9.34 -34.31 -2.53
N VAL A 313 9.52 -32.99 -2.48
CA VAL A 313 10.69 -32.40 -1.85
C VAL A 313 10.32 -31.64 -0.57
N LYS A 314 9.16 -30.98 -0.58
CA LYS A 314 8.69 -30.27 0.61
C LYS A 314 8.44 -31.24 1.77
N GLU A 315 7.91 -32.42 1.46
CA GLU A 315 7.72 -33.43 2.50
C GLU A 315 9.05 -33.95 3.02
N LEU A 316 10.07 -33.99 2.16
CA LEU A 316 11.36 -34.52 2.60
C LEU A 316 12.08 -33.52 3.49
N VAL A 317 11.94 -32.23 3.21
CA VAL A 317 12.63 -31.22 4.00
C VAL A 317 11.97 -31.09 5.37
N SER A 318 10.66 -30.87 5.39
CA SER A 318 9.99 -30.54 6.64
C SER A 318 9.94 -31.72 7.59
N LEU A 319 10.06 -32.94 7.07
CA LEU A 319 10.24 -34.07 7.98
C LEU A 319 11.68 -34.16 8.46
N LYS A 320 12.63 -33.68 7.66
CA LYS A 320 14.02 -33.81 8.05
C LYS A 320 14.40 -32.79 9.11
N TRP A 321 13.77 -31.62 9.09
CA TRP A 321 14.10 -30.62 10.09
C TRP A 321 13.25 -30.75 11.34
N LYS A 322 12.20 -31.57 11.31
CA LYS A 322 11.35 -31.65 12.48
C LYS A 322 11.82 -32.72 13.46
N ARG A 323 12.34 -33.83 12.97
CA ARG A 323 12.74 -34.90 13.86
C ARG A 323 14.24 -35.02 14.04
N TYR A 324 15.06 -34.45 13.16
CA TYR A 324 16.50 -34.44 13.37
C TYR A 324 17.11 -33.06 13.17
N GLY A 325 16.30 -32.01 13.14
CA GLY A 325 16.74 -30.66 12.87
C GLY A 325 16.91 -29.91 14.19
N ARG A 326 15.87 -29.17 14.59
CA ARG A 326 15.76 -28.34 15.79
C ARG A 326 16.38 -28.89 17.07
N PRO A 327 16.37 -30.19 17.36
CA PRO A 327 17.25 -30.64 18.44
C PRO A 327 18.72 -30.42 18.15
N TYR A 328 19.21 -30.82 16.98
CA TYR A 328 20.65 -30.65 16.80
C TYR A 328 21.01 -29.28 16.28
N PHE A 329 20.04 -28.38 16.18
CA PHE A 329 20.36 -26.99 15.91
C PHE A 329 20.36 -26.18 17.19
N CYS A 330 19.33 -26.34 18.02
CA CYS A 330 19.26 -25.54 19.24
C CYS A 330 20.28 -26.01 20.27
N MET A 331 20.67 -27.28 20.24
CA MET A 331 21.77 -27.70 21.11
C MET A 331 23.09 -27.14 20.61
N LEU A 332 23.21 -26.87 19.31
CA LEU A 332 24.31 -26.05 18.85
C LEU A 332 24.12 -24.61 19.26
N GLY A 333 22.88 -24.19 19.46
CA GLY A 333 22.63 -22.82 19.87
C GLY A 333 22.98 -22.58 21.32
N ALA A 334 22.68 -23.55 22.18
CA ALA A 334 22.95 -23.35 23.60
C ALA A 334 24.42 -23.45 23.92
N ILE A 335 25.18 -24.26 23.18
CA ILE A 335 26.61 -24.35 23.41
C ILE A 335 27.29 -23.05 23.05
N TYR A 336 26.89 -22.44 21.95
CA TYR A 336 27.54 -21.21 21.51
C TYR A 336 27.18 -20.03 22.39
N LEU A 337 25.95 -20.00 22.91
CA LEU A 337 25.59 -18.92 23.81
C LEU A 337 26.28 -19.10 25.15
N LEU A 338 26.53 -20.35 25.54
CA LEU A 338 27.31 -20.62 26.72
C LEU A 338 28.79 -20.31 26.52
N TYR A 339 29.25 -20.30 25.26
CA TYR A 339 30.64 -20.01 24.99
C TYR A 339 30.97 -18.54 25.20
N ILE A 340 30.19 -17.64 24.62
CA ILE A 340 30.51 -16.22 24.74
C ILE A 340 30.17 -15.68 26.12
N ILE A 341 29.18 -16.26 26.79
CA ILE A 341 28.87 -15.82 28.14
C ILE A 341 29.95 -16.25 29.14
N CYS A 342 30.85 -17.16 28.76
CA CYS A 342 32.08 -17.32 29.54
C CYS A 342 33.27 -16.72 28.83
N PHE A 343 33.05 -16.00 27.73
CA PHE A 343 34.10 -15.14 27.19
C PHE A 343 33.95 -13.73 27.71
N THR A 344 32.72 -13.23 27.74
CA THR A 344 32.46 -11.89 28.26
C THR A 344 32.76 -11.84 29.75
N MET A 345 32.43 -12.92 30.46
CA MET A 345 32.76 -13.01 31.88
C MET A 345 34.27 -13.12 32.08
N CYS A 346 34.94 -13.82 31.17
CA CYS A 346 36.40 -13.83 31.19
C CYS A 346 36.98 -12.49 30.76
N CYS A 347 36.21 -11.69 30.03
CA CYS A 347 36.73 -10.43 29.53
C CYS A 347 36.75 -9.35 30.59
N ILE A 348 35.61 -9.10 31.25
CA ILE A 348 35.49 -7.96 32.14
C ILE A 348 36.27 -8.09 33.43
N TYR A 349 36.81 -9.27 33.73
CA TYR A 349 37.78 -9.42 34.80
C TYR A 349 39.20 -9.26 34.32
N ARG A 350 39.41 -8.47 33.27
CA ARG A 350 40.75 -8.19 32.77
C ARG A 350 41.60 -7.53 33.86
N PRO A 351 42.84 -7.93 34.04
CA PRO A 351 43.61 -7.43 35.18
C PRO A 351 44.12 -6.02 34.95
N LEU A 352 44.20 -5.25 36.03
CA LEU A 352 44.72 -3.89 35.96
C LEU A 352 45.66 -3.63 37.13
N LYS A 353 45.99 -2.36 37.31
CA LYS A 353 46.86 -1.83 38.36
C LYS A 353 46.74 -0.31 38.33
N PRO A 354 47.14 0.38 39.40
CA PRO A 354 47.23 1.84 39.29
C PRO A 354 48.44 2.24 38.43
N ARG A 355 48.43 3.49 37.97
CA ARG A 355 49.40 3.90 36.98
C ARG A 355 50.63 4.50 37.63
N THR A 356 51.80 4.27 37.00
CA THR A 356 53.07 4.83 37.47
C THR A 356 53.79 5.51 36.31
N ASN A 357 53.35 6.71 35.97
CA ASN A 357 54.18 7.66 35.24
C ASN A 357 53.89 9.11 35.64
N ASN A 358 52.95 9.32 36.58
CA ASN A 358 52.66 10.62 37.20
C ASN A 358 52.22 11.68 36.18
N ARG A 359 51.07 11.43 35.54
CA ARG A 359 50.32 12.34 34.63
C ARG A 359 51.22 13.02 33.60
N THR A 360 51.73 12.18 32.70
CA THR A 360 52.68 12.53 31.66
C THR A 360 51.93 13.23 30.52
N SER A 361 52.46 13.16 29.27
CA SER A 361 52.43 14.06 28.11
C SER A 361 51.13 14.86 27.99
N PRO A 362 51.19 16.15 27.60
CA PRO A 362 50.69 17.27 28.39
C PRO A 362 49.39 17.11 29.18
N ARG A 363 49.46 17.70 30.37
CA ARG A 363 48.49 17.47 31.43
C ARG A 363 47.13 18.08 31.09
N ASP A 364 46.13 17.62 31.83
CA ASP A 364 44.73 18.07 31.84
C ASP A 364 43.97 17.70 30.58
N ASN A 365 44.65 17.22 29.56
CA ASN A 365 44.04 16.73 28.34
C ASN A 365 44.50 15.30 28.15
N THR A 366 44.60 14.58 29.26
CA THR A 366 44.80 13.14 29.33
C THR A 366 44.19 12.69 30.65
N LEU A 367 43.65 11.48 30.66
CA LEU A 367 42.90 11.07 31.84
C LEU A 367 43.14 9.63 32.25
N LEU A 368 43.66 8.78 31.38
CA LEU A 368 43.69 7.35 31.65
C LEU A 368 44.67 7.00 32.76
N GLN A 369 44.32 6.00 33.56
CA GLN A 369 45.05 5.82 34.80
C GLN A 369 45.28 4.36 35.19
N GLN A 370 45.29 3.43 34.25
CA GLN A 370 45.47 2.04 34.63
C GLN A 370 46.72 1.38 34.07
N LYS A 371 47.02 1.54 32.77
CA LYS A 371 48.24 1.06 32.10
C LYS A 371 48.61 -0.41 32.34
N LEU A 372 47.93 -1.31 31.63
CA LEU A 372 47.81 -2.76 31.81
C LEU A 372 48.95 -3.52 32.48
N LEU A 373 48.58 -4.34 33.47
CA LEU A 373 49.47 -5.29 34.13
C LEU A 373 50.01 -6.30 33.11
N GLN A 374 51.22 -6.79 33.35
CA GLN A 374 51.97 -7.47 32.30
C GLN A 374 52.04 -9.00 32.46
N GLU A 375 52.46 -9.51 33.61
CA GLU A 375 52.60 -10.95 33.76
C GLU A 375 52.19 -11.51 35.12
N ALA A 376 51.79 -10.68 36.07
CA ALA A 376 51.47 -11.16 37.40
C ALA A 376 50.12 -11.86 37.38
N TYR A 377 50.15 -13.19 37.50
CA TYR A 377 48.95 -13.99 37.73
C TYR A 377 48.90 -14.58 39.12
N MET A 378 49.92 -14.37 39.94
CA MET A 378 50.01 -15.01 41.25
C MET A 378 48.98 -14.40 42.18
N THR A 379 47.87 -15.11 42.34
CA THR A 379 46.67 -14.72 43.08
C THR A 379 45.87 -16.01 43.24
N PRO A 380 45.21 -16.24 44.38
CA PRO A 380 44.28 -17.37 44.47
C PRO A 380 43.03 -17.20 43.64
N LYS A 381 42.78 -16.03 43.06
CA LYS A 381 41.62 -15.76 42.22
C LYS A 381 41.96 -15.82 40.74
N ASP A 382 43.14 -15.34 40.35
CA ASP A 382 43.50 -15.24 38.95
C ASP A 382 43.74 -16.60 38.30
N ASP A 383 43.82 -17.67 39.07
CA ASP A 383 43.83 -19.00 38.49
C ASP A 383 42.52 -19.34 37.79
N ILE A 384 41.41 -18.73 38.22
CA ILE A 384 40.12 -18.99 37.60
C ILE A 384 40.07 -18.43 36.19
N ARG A 385 40.67 -17.26 35.97
CA ARG A 385 40.75 -16.73 34.61
C ARG A 385 41.61 -17.59 33.71
N LEU A 386 42.62 -18.25 34.28
CA LEU A 386 43.48 -19.11 33.49
C LEU A 386 42.73 -20.34 33.00
N VAL A 387 41.67 -20.74 33.70
CA VAL A 387 40.72 -21.68 33.12
C VAL A 387 39.95 -21.01 32.01
N GLY A 388 39.39 -19.83 32.29
CA GLY A 388 38.49 -19.19 31.34
C GLY A 388 39.17 -18.71 30.08
N GLU A 389 40.42 -18.25 30.20
CA GLU A 389 41.20 -17.99 29.00
C GLU A 389 41.48 -19.28 28.24
N LEU A 390 41.75 -20.37 28.96
CA LEU A 390 41.98 -21.63 28.26
C LEU A 390 40.69 -22.27 27.78
N VAL A 391 39.53 -21.73 28.11
CA VAL A 391 38.31 -22.16 27.44
C VAL A 391 38.22 -21.56 26.05
N THR A 392 38.26 -20.23 25.98
CA THR A 392 37.96 -19.55 24.74
C THR A 392 39.05 -19.66 23.70
N VAL A 393 40.30 -19.90 24.09
CA VAL A 393 41.36 -20.07 23.08
C VAL A 393 41.22 -21.43 22.41
N ILE A 394 40.88 -22.46 23.19
CA ILE A 394 40.58 -23.77 22.62
C ILE A 394 39.36 -23.68 21.72
N GLY A 395 38.38 -22.88 22.11
CA GLY A 395 37.21 -22.66 21.26
C GLY A 395 37.53 -21.93 19.97
N ALA A 396 38.55 -21.08 19.98
CA ALA A 396 38.95 -20.43 18.74
C ALA A 396 39.66 -21.40 17.82
N ILE A 397 40.30 -22.44 18.36
CA ILE A 397 40.96 -23.42 17.51
C ILE A 397 39.92 -24.32 16.84
N ILE A 398 38.84 -24.65 17.56
CA ILE A 398 37.82 -25.52 16.99
C ILE A 398 37.07 -24.83 15.85
N ILE A 399 36.92 -23.51 15.92
CA ILE A 399 36.29 -22.77 14.82
C ILE A 399 37.17 -22.83 13.58
N LEU A 400 38.48 -22.67 13.75
CA LEU A 400 39.35 -22.64 12.60
C LEU A 400 39.61 -24.03 12.04
N LEU A 401 39.32 -25.08 12.79
CA LEU A 401 39.52 -26.41 12.22
C LEU A 401 38.31 -26.93 11.47
N VAL A 402 37.18 -26.22 11.49
CA VAL A 402 36.00 -26.65 10.73
C VAL A 402 35.60 -25.66 9.66
N GLU A 403 36.43 -24.67 9.36
CA GLU A 403 36.18 -23.77 8.25
C GLU A 403 37.34 -23.71 7.27
N VAL A 404 38.57 -23.71 7.80
CA VAL A 404 39.75 -23.74 6.93
C VAL A 404 39.83 -25.03 6.11
N PRO A 405 39.48 -26.23 6.61
CA PRO A 405 39.31 -27.35 5.68
C PRO A 405 38.16 -27.18 4.68
N ASP A 406 37.21 -26.28 4.94
CA ASP A 406 36.18 -26.05 3.94
C ASP A 406 36.54 -24.92 2.97
N ILE A 407 37.63 -24.19 3.21
CA ILE A 407 38.07 -23.23 2.20
C ILE A 407 38.79 -23.94 1.07
N PHE A 408 39.78 -24.77 1.42
CA PHE A 408 40.62 -25.42 0.43
C PHE A 408 39.87 -26.47 -0.36
N ARG A 409 38.88 -27.11 0.27
CA ARG A 409 38.11 -28.14 -0.43
C ARG A 409 37.17 -27.56 -1.47
N MET A 410 36.66 -26.36 -1.24
CA MET A 410 35.84 -25.67 -2.21
C MET A 410 36.69 -24.64 -2.93
N GLY A 411 36.05 -23.80 -3.74
CA GLY A 411 36.75 -22.70 -4.36
C GLY A 411 37.04 -21.59 -3.38
N VAL A 412 37.92 -20.69 -3.78
CA VAL A 412 38.21 -19.53 -2.94
C VAL A 412 37.08 -18.53 -3.00
N THR A 413 36.37 -18.46 -4.12
CA THR A 413 35.21 -17.58 -4.26
C THR A 413 33.93 -18.35 -4.03
N ARG A 414 33.84 -18.99 -2.86
CA ARG A 414 32.59 -19.57 -2.40
C ARG A 414 32.00 -18.83 -1.24
N PHE A 415 32.83 -18.14 -0.46
CA PHE A 415 32.37 -17.49 0.76
C PHE A 415 32.03 -16.03 0.52
N PHE A 416 32.71 -15.39 -0.43
CA PHE A 416 32.09 -14.27 -1.13
C PHE A 416 31.11 -14.77 -2.20
N GLY A 417 31.17 -16.07 -2.53
CA GLY A 417 30.37 -16.66 -3.58
C GLY A 417 28.89 -16.84 -3.27
N GLN A 418 28.55 -17.73 -2.35
CA GLN A 418 27.16 -18.02 -2.04
C GLN A 418 26.64 -17.20 -0.86
N THR A 419 27.23 -16.03 -0.62
CA THR A 419 26.88 -15.25 0.56
C THR A 419 25.54 -14.56 0.46
N ILE A 420 24.95 -14.45 -0.73
CA ILE A 420 23.69 -13.73 -0.85
C ILE A 420 22.53 -14.57 -0.35
N LEU A 421 22.60 -15.90 -0.48
CA LEU A 421 21.65 -16.83 0.11
C LEU A 421 21.73 -16.66 1.61
N GLY A 422 22.86 -17.03 2.17
CA GLY A 422 23.32 -16.42 3.40
C GLY A 422 24.74 -16.83 3.66
N GLY A 423 25.61 -15.83 3.73
CA GLY A 423 27.00 -16.01 4.08
C GLY A 423 27.82 -14.94 4.79
N PRO A 424 27.27 -13.89 5.43
CA PRO A 424 28.17 -13.08 6.25
C PRO A 424 28.65 -13.83 7.46
N PHE A 425 27.83 -14.75 7.96
CA PHE A 425 28.14 -15.44 9.21
C PHE A 425 29.30 -16.39 9.06
N HIS A 426 29.61 -16.84 7.84
CA HIS A 426 30.81 -17.63 7.66
C HIS A 426 32.04 -16.75 7.50
N VAL A 427 31.86 -15.42 7.48
CA VAL A 427 33.02 -14.54 7.46
C VAL A 427 33.28 -13.96 8.83
N LEU A 428 32.21 -13.65 9.56
CA LEU A 428 32.34 -13.08 10.89
C LEU A 428 32.98 -14.05 11.86
N ILE A 429 32.57 -15.31 11.83
CA ILE A 429 33.05 -16.24 12.84
C ILE A 429 34.46 -16.70 12.52
N ILE A 430 34.96 -16.42 11.32
CA ILE A 430 36.39 -16.45 11.10
C ILE A 430 37.05 -15.28 11.81
N THR A 431 36.49 -14.09 11.63
CA THR A 431 37.09 -12.88 12.16
C THR A 431 36.97 -12.83 13.68
N TYR A 432 35.94 -13.46 14.24
CA TYR A 432 35.90 -13.62 15.69
C TYR A 432 37.05 -14.48 16.18
N ALA A 433 37.28 -15.62 15.52
CA ALA A 433 38.36 -16.49 15.94
C ALA A 433 39.72 -15.86 15.67
N PHE A 434 39.81 -15.03 14.65
CA PHE A 434 41.07 -14.38 14.35
C PHE A 434 41.41 -13.33 15.38
N MET A 435 40.41 -12.62 15.90
CA MET A 435 40.69 -11.58 16.89
C MET A 435 41.01 -12.17 18.25
N VAL A 436 40.38 -13.28 18.62
CA VAL A 436 40.71 -13.93 19.88
C VAL A 436 42.09 -14.53 19.80
N LEU A 437 42.48 -15.01 18.63
CA LEU A 437 43.82 -15.52 18.45
C LEU A 437 44.86 -14.41 18.50
N VAL A 438 44.46 -13.17 18.23
CA VAL A 438 45.39 -12.05 18.38
C VAL A 438 45.62 -11.73 19.84
N THR A 439 44.56 -11.70 20.64
CA THR A 439 44.68 -11.20 22.00
C THR A 439 45.46 -12.12 22.92
N MET A 440 45.78 -13.34 22.50
CA MET A 440 46.75 -14.12 23.27
C MET A 440 48.16 -13.84 22.81
N VAL A 441 48.35 -13.49 21.53
CA VAL A 441 49.65 -13.01 21.09
C VAL A 441 49.93 -11.64 21.69
N MET A 442 48.88 -10.84 21.89
CA MET A 442 49.04 -9.58 22.59
C MET A 442 49.33 -9.79 24.08
N ARG A 443 49.00 -10.97 24.60
CA ARG A 443 49.22 -11.24 26.01
C ARG A 443 50.55 -11.93 26.25
N LEU A 444 50.97 -12.79 25.31
CA LEU A 444 52.17 -13.59 25.52
C LEU A 444 53.43 -12.74 25.46
N ILE A 445 53.39 -11.58 24.80
CA ILE A 445 54.54 -10.70 24.78
C ILE A 445 54.25 -9.39 25.50
N SER A 446 53.04 -9.23 26.03
CA SER A 446 52.64 -8.11 26.91
C SER A 446 52.73 -6.77 26.21
N ALA A 447 52.00 -6.61 25.12
CA ALA A 447 51.95 -5.32 24.46
C ALA A 447 51.02 -4.38 25.21
N SER A 448 51.03 -3.11 24.79
CA SER A 448 50.23 -2.12 25.48
C SER A 448 48.79 -2.11 24.97
N GLY A 449 48.61 -1.82 23.69
CA GLY A 449 47.28 -1.60 23.15
C GLY A 449 46.46 -2.86 22.98
N GLU A 450 46.07 -3.45 24.10
CA GLU A 450 45.38 -4.73 24.12
C GLU A 450 43.86 -4.58 24.09
N VAL A 451 43.35 -3.36 24.29
CA VAL A 451 41.91 -3.17 24.28
C VAL A 451 41.34 -3.12 22.88
N VAL A 452 42.18 -3.13 21.85
CA VAL A 452 41.66 -3.10 20.49
C VAL A 452 41.07 -4.46 20.10
N PRO A 453 41.76 -5.61 20.17
CA PRO A 453 41.11 -6.83 19.70
C PRO A 453 40.06 -7.34 20.64
N MET A 454 40.16 -7.03 21.93
CA MET A 454 39.12 -7.45 22.86
C MET A 454 37.83 -6.72 22.60
N SER A 455 37.91 -5.47 22.14
CA SER A 455 36.71 -4.73 21.80
C SER A 455 36.04 -5.29 20.57
N PHE A 456 36.84 -5.63 19.55
CA PHE A 456 36.26 -6.27 18.38
C PHE A 456 35.78 -7.68 18.67
N ALA A 457 36.32 -8.31 19.70
CA ALA A 457 35.89 -9.67 20.02
C ALA A 457 34.49 -9.69 20.57
N LEU A 458 34.11 -8.65 21.30
CA LEU A 458 32.79 -8.66 21.93
C LEU A 458 31.72 -8.23 20.95
N VAL A 459 32.03 -7.29 20.07
CA VAL A 459 31.00 -6.85 19.15
C VAL A 459 30.84 -7.85 18.01
N LEU A 460 31.92 -8.45 17.53
CA LEU A 460 31.78 -9.46 16.50
C LEU A 460 31.34 -10.79 17.07
N GLY A 461 31.63 -11.03 18.34
CA GLY A 461 31.23 -12.27 18.96
C GLY A 461 29.73 -12.35 19.14
N TRP A 462 29.17 -11.36 19.85
CA TRP A 462 27.74 -11.37 20.16
C TRP A 462 26.88 -11.27 18.92
N CYS A 463 27.34 -10.59 17.89
CA CYS A 463 26.52 -10.53 16.69
C CYS A 463 26.50 -11.86 15.93
N ASN A 464 27.39 -12.80 16.25
CA ASN A 464 27.19 -14.16 15.74
C ASN A 464 26.31 -15.02 16.60
N VAL A 465 25.62 -14.47 17.61
CA VAL A 465 24.51 -15.23 18.17
C VAL A 465 23.37 -15.23 17.18
N MET A 466 23.26 -14.16 16.40
CA MET A 466 22.20 -13.93 15.44
C MET A 466 22.21 -14.94 14.29
N TYR A 467 23.31 -15.69 14.11
CA TYR A 467 23.30 -16.83 13.20
C TYR A 467 22.31 -17.89 13.61
N PHE A 468 22.05 -18.04 14.89
CA PHE A 468 21.06 -18.98 15.35
C PHE A 468 19.66 -18.42 15.29
N ALA A 469 19.49 -17.21 14.79
CA ALA A 469 18.16 -16.62 14.65
C ALA A 469 17.54 -16.97 13.31
N ARG A 470 17.59 -18.24 12.95
CA ARG A 470 16.90 -18.72 11.77
C ARG A 470 16.17 -20.01 12.03
N GLY A 471 16.37 -20.64 13.18
CA GLY A 471 15.64 -21.83 13.51
C GLY A 471 14.46 -21.52 14.40
N PHE A 472 13.84 -20.37 14.17
CA PHE A 472 12.68 -19.97 14.94
C PHE A 472 11.75 -19.22 14.02
N GLN A 473 10.44 -19.44 14.21
CA GLN A 473 9.48 -18.83 13.30
C GLN A 473 9.36 -17.33 13.55
N MET A 474 9.47 -16.93 14.82
CA MET A 474 9.21 -15.55 15.20
C MET A 474 10.34 -14.62 14.78
N LEU A 475 11.53 -14.84 15.31
CA LEU A 475 12.68 -14.01 14.95
C LEU A 475 13.50 -14.65 13.85
N GLY A 476 12.80 -15.07 12.81
CA GLY A 476 13.38 -15.75 11.69
C GLY A 476 13.62 -14.80 10.54
N PRO A 477 12.63 -14.72 9.66
CA PRO A 477 12.75 -13.84 8.47
C PRO A 477 13.03 -12.38 8.76
N PHE A 478 12.76 -11.92 9.98
CA PHE A 478 13.19 -10.59 10.37
C PHE A 478 14.71 -10.43 10.37
N THR A 479 15.46 -11.53 10.53
CA THR A 479 16.90 -11.44 10.35
C THR A 479 17.26 -11.20 8.89
N ILE A 480 16.59 -11.90 7.97
CA ILE A 480 16.89 -11.76 6.56
C ILE A 480 16.49 -10.40 6.04
N MET A 481 15.50 -9.77 6.67
CA MET A 481 15.14 -8.41 6.30
C MET A 481 16.27 -7.43 6.61
N ILE A 482 17.13 -7.75 7.56
CA ILE A 482 18.25 -6.87 7.86
C ILE A 482 19.38 -7.04 6.86
N GLN A 483 19.73 -8.30 6.55
CA GLN A 483 20.81 -8.57 5.58
C GLN A 483 20.47 -8.05 4.20
N LYS A 484 19.19 -8.00 3.86
CA LYS A 484 18.78 -7.44 2.59
C LYS A 484 18.60 -5.92 2.68
N MET A 485 19.12 -5.30 3.73
CA MET A 485 18.98 -3.86 3.86
C MET A 485 20.30 -3.20 4.23
N ILE A 486 21.14 -3.86 5.02
CA ILE A 486 22.52 -3.41 5.20
C ILE A 486 23.27 -3.46 3.88
N PHE A 487 23.10 -4.54 3.13
CA PHE A 487 23.63 -4.53 1.77
C PHE A 487 22.55 -4.04 0.81
N GLY A 488 21.90 -2.97 1.19
CA GLY A 488 20.70 -2.47 0.55
C GLY A 488 20.63 -0.97 0.68
N ASP A 489 19.50 -0.46 1.18
CA ASP A 489 19.25 0.97 1.19
C ASP A 489 20.11 1.73 2.18
N LEU A 490 20.61 1.09 3.24
CA LEU A 490 21.49 1.83 4.13
C LEU A 490 22.86 2.01 3.49
N MET A 491 23.28 1.07 2.66
CA MET A 491 24.46 1.29 1.83
C MET A 491 24.18 2.36 0.79
N ARG A 492 22.94 2.45 0.34
CA ARG A 492 22.54 3.52 -0.56
C ARG A 492 22.51 4.85 0.16
N PHE A 493 22.07 4.85 1.41
CA PHE A 493 21.92 6.08 2.14
C PHE A 493 23.23 6.61 2.66
N CYS A 494 24.19 5.73 2.92
CA CYS A 494 25.40 6.13 3.62
C CYS A 494 26.28 7.01 2.76
N TRP A 495 26.24 6.84 1.44
CA TRP A 495 27.06 7.69 0.58
C TRP A 495 26.56 9.12 0.59
N LEU A 496 25.25 9.33 0.37
CA LEU A 496 24.74 10.68 0.43
C LEU A 496 24.67 11.20 1.85
N MET A 497 24.75 10.32 2.84
CA MET A 497 25.02 10.81 4.18
C MET A 497 26.46 11.28 4.28
N ALA A 498 27.38 10.56 3.64
CA ALA A 498 28.80 10.87 3.82
C ALA A 498 29.18 12.17 3.12
N VAL A 499 28.49 12.53 2.05
CA VAL A 499 28.89 13.71 1.30
C VAL A 499 28.45 14.97 2.03
N VAL A 500 27.25 14.95 2.60
CA VAL A 500 26.78 16.10 3.35
C VAL A 500 27.54 16.23 4.66
N ILE A 501 27.84 15.10 5.31
CA ILE A 501 28.33 15.13 6.69
C ILE A 501 29.74 15.69 6.75
N LEU A 502 30.51 15.60 5.69
CA LEU A 502 31.78 16.30 5.71
C LEU A 502 31.71 17.60 4.94
N GLY A 503 30.56 17.90 4.33
CA GLY A 503 30.38 19.22 3.77
C GLY A 503 30.16 20.26 4.85
N PHE A 504 29.11 20.09 5.64
CA PHE A 504 28.80 21.04 6.69
C PHE A 504 29.85 21.06 7.79
N ALA A 505 30.53 19.94 8.01
CA ALA A 505 31.48 19.87 9.10
C ALA A 505 32.69 20.75 8.81
N SER A 506 33.15 20.72 7.57
CA SER A 506 34.21 21.66 7.20
C SER A 506 33.68 23.08 7.20
N ALA A 507 32.40 23.27 6.93
CA ALA A 507 31.82 24.60 7.01
C ALA A 507 31.58 25.01 8.44
N PHE A 508 31.42 24.04 9.35
CA PHE A 508 31.39 24.41 10.75
C PHE A 508 32.78 24.74 11.26
N TYR A 509 33.80 24.03 10.78
CA TYR A 509 35.12 24.11 11.39
C TYR A 509 35.76 25.48 11.18
N ILE A 510 35.52 26.10 10.03
CA ILE A 510 36.09 27.42 9.81
C ILE A 510 35.20 28.53 10.34
N ILE A 511 34.16 28.19 11.07
CA ILE A 511 33.43 29.21 11.82
C ILE A 511 33.95 29.29 13.25
N PHE A 512 34.03 28.16 13.92
CA PHE A 512 34.46 28.15 15.31
C PHE A 512 35.96 28.07 15.46
N GLN A 513 36.71 28.24 14.37
CA GLN A 513 38.14 28.31 14.52
C GLN A 513 38.56 29.64 15.11
N THR A 514 37.77 30.68 14.87
CA THR A 514 38.00 31.96 15.50
C THR A 514 37.19 32.06 16.79
N GLU A 515 37.55 31.21 17.73
CA GLU A 515 36.78 31.05 18.95
C GLU A 515 37.63 30.30 19.96
N ASP A 516 37.42 30.57 21.25
CA ASP A 516 38.07 29.79 22.29
C ASP A 516 37.16 28.62 22.65
N PRO A 517 37.60 27.37 22.49
CA PRO A 517 36.74 26.22 22.73
C PRO A 517 36.53 25.87 24.19
N GLU A 518 36.83 26.76 25.15
CA GLU A 518 36.58 26.43 26.55
C GLU A 518 35.09 26.39 26.82
N GLU A 519 34.34 27.29 26.21
CA GLU A 519 32.89 27.27 26.23
C GLU A 519 32.40 27.03 24.83
N LEU A 520 31.52 26.03 24.67
CA LEU A 520 31.06 25.52 23.38
C LEU A 520 32.25 25.12 22.51
N GLY A 521 33.05 24.23 23.06
CA GLY A 521 34.04 23.54 22.27
C GLY A 521 33.46 22.23 21.80
N HIS A 522 32.38 22.30 21.02
CA HIS A 522 31.85 21.09 20.40
C HIS A 522 32.82 20.50 19.42
N PHE A 523 33.66 21.32 18.80
CA PHE A 523 34.66 20.83 17.86
C PHE A 523 35.80 21.85 17.75
N TYR A 524 36.97 21.44 18.23
CA TYR A 524 38.18 22.23 18.16
C TYR A 524 39.13 21.76 17.07
N ASP A 525 39.18 20.46 16.81
CA ASP A 525 40.09 19.87 15.84
C ASP A 525 39.28 19.29 14.70
N TYR A 526 39.86 19.29 13.51
CA TYR A 526 39.12 18.86 12.34
C TYR A 526 38.79 17.36 12.33
N PRO A 527 39.58 16.45 12.90
CA PRO A 527 39.02 15.12 13.14
C PRO A 527 38.27 15.01 14.45
N MET A 528 37.55 16.05 14.80
CA MET A 528 36.45 15.96 15.77
C MET A 528 35.19 16.56 15.22
N ALA A 529 35.27 17.57 14.36
CA ALA A 529 34.10 18.10 13.70
C ALA A 529 33.56 17.12 12.69
N LEU A 530 34.39 16.24 12.17
CA LEU A 530 33.86 15.10 11.44
C LEU A 530 33.04 14.21 12.35
N PHE A 531 33.51 14.03 13.58
CA PHE A 531 32.76 13.17 14.49
C PHE A 531 31.60 13.91 15.12
N SER A 532 31.79 15.18 15.45
CA SER A 532 30.74 15.90 16.16
C SER A 532 29.62 16.31 15.23
N THR A 533 29.84 16.23 13.92
CA THR A 533 28.71 16.47 13.05
C THR A 533 27.95 15.18 12.78
N PHE A 534 28.68 14.05 12.74
CA PHE A 534 28.04 12.76 12.52
C PHE A 534 27.11 12.40 13.66
N GLU A 535 27.50 12.70 14.89
CA GLU A 535 26.57 12.56 15.99
C GLU A 535 25.41 13.51 15.87
N LEU A 536 25.63 14.68 15.29
CA LEU A 536 24.57 15.66 15.22
C LEU A 536 23.61 15.34 14.10
N PHE A 537 24.06 14.64 13.08
CA PHE A 537 23.21 14.32 11.94
C PHE A 537 22.15 13.29 12.30
N LEU A 538 22.42 12.44 13.27
CA LEU A 538 21.45 11.46 13.70
C LEU A 538 20.70 11.91 14.94
N THR A 539 20.89 13.18 15.33
CA THR A 539 20.22 13.82 16.47
C THR A 539 20.43 13.08 17.78
N ILE A 540 21.58 12.41 17.94
CA ILE A 540 21.85 11.70 19.17
C ILE A 540 22.72 12.52 20.11
N ILE A 541 23.01 13.77 19.77
CA ILE A 541 23.60 14.71 20.70
C ILE A 541 22.76 15.97 20.72
N ASP A 542 23.22 16.95 21.48
CA ASP A 542 22.30 17.89 22.09
C ASP A 542 22.06 19.11 21.22
N GLY A 543 22.91 19.34 20.23
CA GLY A 543 22.82 20.54 19.45
C GLY A 543 23.51 21.69 20.16
N PRO A 544 24.42 22.36 19.46
CA PRO A 544 25.36 23.26 20.12
C PRO A 544 24.69 24.57 20.51
N ALA A 545 24.71 24.87 21.80
CA ALA A 545 24.16 26.11 22.29
C ALA A 545 24.87 26.46 23.59
N ASN A 546 25.19 27.72 23.75
CA ASN A 546 25.73 28.19 25.00
C ASN A 546 24.84 29.20 25.70
N TYR A 547 24.05 29.97 24.94
CA TYR A 547 23.04 30.91 25.45
C TYR A 547 23.60 32.01 26.33
N ASN A 548 24.93 32.17 26.37
CA ASN A 548 25.49 33.06 27.37
C ASN A 548 26.43 34.03 26.69
N VAL A 549 27.17 33.56 25.69
CA VAL A 549 28.05 34.41 24.89
C VAL A 549 27.60 34.30 23.44
N ASP A 550 27.70 35.38 22.69
CA ASP A 550 27.22 35.35 21.31
C ASP A 550 28.12 34.53 20.40
N LEU A 551 27.73 33.29 20.21
CA LEU A 551 28.30 32.45 19.18
C LEU A 551 28.02 33.06 17.81
N PRO A 552 28.93 32.94 16.85
CA PRO A 552 28.93 33.84 15.69
C PRO A 552 27.76 33.67 14.76
N PHE A 553 27.59 34.65 13.88
CA PHE A 553 26.35 34.76 13.12
C PHE A 553 26.28 33.73 12.01
N MET A 554 27.38 33.48 11.32
CA MET A 554 27.33 32.51 10.23
C MET A 554 27.23 31.08 10.70
N TYR A 555 27.39 30.82 12.00
CA TYR A 555 26.90 29.56 12.55
C TYR A 555 25.39 29.48 12.40
N SER A 556 24.69 30.45 12.97
CA SER A 556 23.27 30.30 13.24
C SER A 556 22.43 30.30 11.98
N ILE A 557 22.94 30.85 10.89
CA ILE A 557 22.24 30.66 9.64
C ILE A 557 22.56 29.30 9.04
N THR A 558 23.82 28.86 9.07
CA THR A 558 24.12 27.62 8.40
C THR A 558 23.80 26.42 9.26
N TYR A 559 23.52 26.61 10.55
CA TYR A 559 23.06 25.48 11.32
C TYR A 559 21.60 25.20 11.05
N ALA A 560 20.80 26.24 10.88
CA ALA A 560 19.39 26.04 10.62
C ALA A 560 19.19 25.46 9.23
N ALA A 561 20.01 25.88 8.27
CA ALA A 561 19.93 25.29 6.95
C ALA A 561 20.48 23.88 6.95
N PHE A 562 21.33 23.55 7.91
CA PHE A 562 21.74 22.16 8.06
C PHE A 562 20.58 21.30 8.51
N ALA A 563 19.89 21.72 9.57
CA ALA A 563 18.95 20.84 10.25
C ALA A 563 17.72 20.56 9.39
N ILE A 564 17.42 21.40 8.40
CA ILE A 564 16.32 21.10 7.51
C ILE A 564 16.66 19.93 6.60
N ILE A 565 17.81 19.99 5.93
CA ILE A 565 18.16 18.88 5.04
C ILE A 565 18.85 17.76 5.78
N ALA A 566 18.86 17.79 7.10
CA ALA A 566 19.40 16.69 7.87
C ALA A 566 18.32 15.98 8.69
N THR A 567 17.67 16.69 9.59
CA THR A 567 16.72 16.02 10.47
C THR A 567 15.36 15.96 9.82
N LEU A 568 15.00 16.97 9.07
CA LEU A 568 13.66 17.03 8.51
C LEU A 568 13.59 16.40 7.13
N LEU A 569 14.71 16.23 6.42
CA LEU A 569 14.68 15.65 5.09
C LEU A 569 15.40 14.31 4.98
N MET A 570 16.71 14.26 5.26
CA MET A 570 17.47 13.04 4.96
C MET A 570 17.13 11.92 5.93
N LEU A 571 16.98 12.23 7.20
CA LEU A 571 16.83 11.19 8.21
C LEU A 571 15.51 10.48 8.06
N ASN A 572 14.45 11.20 7.73
CA ASN A 572 13.15 10.60 7.64
C ASN A 572 12.66 10.39 6.22
N LEU A 573 13.44 10.76 5.22
CA LEU A 573 13.23 10.11 3.94
C LEU A 573 13.67 8.67 4.03
N LEU A 574 14.72 8.43 4.81
CA LEU A 574 15.29 7.10 4.92
C LEU A 574 14.35 6.13 5.60
N ILE A 575 13.36 6.62 6.36
CA ILE A 575 12.33 5.71 6.84
C ILE A 575 11.24 5.53 5.80
N ALA A 576 11.06 6.51 4.91
CA ALA A 576 10.02 6.37 3.91
C ALA A 576 10.40 5.34 2.87
N MET A 577 11.65 5.37 2.38
CA MET A 577 12.00 4.37 1.39
C MET A 577 12.24 3.03 2.04
N MET A 578 12.48 3.00 3.35
CA MET A 578 12.62 1.72 4.02
C MET A 578 11.26 1.10 4.26
N GLY A 579 10.25 1.93 4.47
CA GLY A 579 8.90 1.40 4.52
C GLY A 579 8.42 0.94 3.18
N ASP A 580 8.81 1.63 2.11
CA ASP A 580 8.36 1.21 0.79
C ASP A 580 9.09 -0.04 0.32
N THR A 581 10.37 -0.19 0.63
CA THR A 581 11.08 -1.36 0.19
C THR A 581 10.76 -2.60 1.01
N HIS A 582 9.95 -2.47 2.07
CA HIS A 582 9.64 -3.61 2.90
C HIS A 582 8.64 -4.54 2.22
N TRP A 583 7.46 -4.04 1.86
CA TRP A 583 6.42 -4.90 1.36
C TRP A 583 6.66 -5.37 -0.06
N ARG A 584 7.57 -4.75 -0.79
CA ARG A 584 7.84 -5.24 -2.12
C ARG A 584 8.82 -6.39 -2.15
N VAL A 585 9.39 -6.75 -1.01
CA VAL A 585 10.15 -7.98 -0.88
C VAL A 585 9.58 -8.89 0.19
N ALA A 586 8.36 -8.62 0.65
CA ALA A 586 7.78 -9.41 1.73
C ALA A 586 7.45 -10.83 1.28
N HIS A 587 7.15 -11.01 0.00
CA HIS A 587 6.93 -12.37 -0.46
C HIS A 587 8.23 -13.06 -0.81
N GLU A 588 9.27 -12.30 -1.13
CA GLU A 588 10.54 -12.93 -1.50
C GLU A 588 11.28 -13.43 -0.26
N ARG A 589 11.19 -12.70 0.84
CA ARG A 589 11.89 -13.11 2.05
C ARG A 589 11.30 -14.38 2.65
N ASP A 590 10.01 -14.61 2.46
CA ASP A 590 9.41 -15.83 2.96
C ASP A 590 9.81 -17.03 2.10
N GLU A 591 10.36 -16.79 0.91
CA GLU A 591 11.06 -17.88 0.21
C GLU A 591 12.50 -17.99 0.67
N LEU A 592 13.14 -16.86 0.97
CA LEU A 592 14.53 -16.87 1.41
C LEU A 592 14.69 -17.63 2.72
N TRP A 593 13.67 -17.58 3.57
CA TRP A 593 13.75 -18.29 4.83
C TRP A 593 13.71 -19.79 4.63
N ARG A 594 12.77 -20.28 3.82
CA ARG A 594 12.69 -21.71 3.53
C ARG A 594 13.90 -22.16 2.74
N ALA A 595 14.51 -21.26 1.98
CA ALA A 595 15.76 -21.61 1.33
C ALA A 595 16.87 -21.71 2.36
N GLN A 596 16.87 -20.82 3.34
CA GLN A 596 17.96 -20.80 4.31
C GLN A 596 17.86 -21.98 5.24
N ILE A 597 16.65 -22.48 5.48
CA ILE A 597 16.50 -23.56 6.45
C ILE A 597 16.93 -24.88 5.85
N VAL A 598 16.89 -25.03 4.53
CA VAL A 598 17.42 -26.22 3.90
C VAL A 598 18.93 -26.20 3.96
N ALA A 599 19.51 -25.03 3.69
CA ALA A 599 20.95 -24.88 3.71
C ALA A 599 21.51 -25.04 5.11
N THR A 600 20.71 -24.81 6.14
CA THR A 600 21.15 -25.14 7.48
C THR A 600 21.09 -26.63 7.71
N THR A 601 20.09 -27.30 7.14
CA THR A 601 19.92 -28.74 7.35
C THR A 601 21.05 -29.53 6.69
N VAL A 602 21.35 -29.21 5.43
CA VAL A 602 22.34 -29.98 4.70
C VAL A 602 23.74 -29.72 5.24
N MET A 603 24.03 -28.47 5.61
CA MET A 603 25.31 -28.17 6.23
C MET A 603 25.45 -28.83 7.59
N LEU A 604 24.34 -28.99 8.29
CA LEU A 604 24.37 -29.76 9.52
C LEU A 604 24.51 -31.24 9.23
N GLU A 605 24.03 -31.68 8.07
CA GLU A 605 24.07 -33.09 7.72
C GLU A 605 25.48 -33.55 7.42
N ARG A 606 26.28 -32.68 6.81
CA ARG A 606 27.56 -33.11 6.27
C ARG A 606 28.56 -33.34 7.39
N LYS A 607 28.44 -32.61 8.48
CA LYS A 607 29.48 -32.65 9.50
C LYS A 607 29.21 -33.70 10.56
N LEU A 608 27.96 -34.01 10.82
CA LEU A 608 27.63 -35.01 11.81
C LEU A 608 27.91 -36.41 11.25
N PRO A 609 28.42 -37.32 12.06
CA PRO A 609 28.82 -38.64 11.56
C PRO A 609 27.60 -39.54 11.34
N ARG A 610 27.88 -40.76 10.90
CA ARG A 610 26.84 -41.73 10.59
C ARG A 610 26.30 -42.41 11.85
N CYS A 611 27.06 -42.37 12.95
CA CYS A 611 26.59 -42.90 14.23
C CYS A 611 25.39 -42.12 14.74
N LEU A 612 25.31 -40.84 14.39
CA LEU A 612 24.11 -40.06 14.58
C LEU A 612 23.44 -39.89 13.22
N TRP A 613 22.29 -39.18 13.18
CA TRP A 613 21.60 -38.75 11.96
C TRP A 613 21.20 -39.90 11.06
N PRO A 614 20.10 -40.60 11.35
CA PRO A 614 19.63 -41.63 10.43
C PRO A 614 19.24 -41.06 9.08
N ARG A 615 19.34 -41.89 8.04
CA ARG A 615 18.90 -41.47 6.72
C ARG A 615 17.38 -41.38 6.69
N SER A 616 16.88 -40.51 5.82
CA SER A 616 15.46 -40.22 5.81
C SER A 616 14.70 -41.28 5.02
N GLY A 617 13.48 -41.55 5.46
CA GLY A 617 12.61 -42.46 4.76
C GLY A 617 12.95 -43.92 5.02
N ILE A 618 12.02 -44.77 4.63
CA ILE A 618 12.17 -46.19 4.92
C ILE A 618 13.08 -46.83 3.87
N CYS A 619 13.54 -48.04 4.14
CA CYS A 619 14.51 -48.70 3.29
C CYS A 619 13.87 -49.78 2.44
N GLY A 620 14.67 -50.33 1.55
CA GLY A 620 14.39 -51.53 0.83
C GLY A 620 15.00 -52.72 1.54
N ARG A 621 15.27 -53.79 0.77
CA ARG A 621 15.90 -55.04 1.19
C ARG A 621 15.09 -55.80 2.23
N GLU A 622 13.86 -55.40 2.49
CA GLU A 622 12.95 -56.09 3.38
C GLU A 622 11.59 -56.24 2.76
N TYR A 623 11.37 -55.65 1.59
CA TYR A 623 10.04 -55.53 1.01
C TYR A 623 10.06 -55.85 -0.47
N GLY A 624 11.19 -56.31 -1.00
CA GLY A 624 11.31 -56.64 -2.41
C GLY A 624 11.35 -55.41 -3.31
N LEU A 625 12.15 -54.42 -2.93
CA LEU A 625 12.20 -53.19 -3.70
C LEU A 625 13.60 -52.87 -4.19
N GLY A 626 14.61 -53.40 -3.53
CA GLY A 626 15.99 -53.17 -3.91
C GLY A 626 16.78 -52.50 -2.80
N ASP A 627 17.88 -51.88 -3.21
CA ASP A 627 18.72 -51.17 -2.25
C ASP A 627 18.32 -49.72 -2.09
N ARG A 628 17.42 -49.24 -2.93
CA ARG A 628 17.04 -47.84 -2.88
C ARG A 628 16.08 -47.58 -1.73
N TRP A 629 16.11 -46.34 -1.25
CA TRP A 629 15.25 -45.91 -0.15
C TRP A 629 13.93 -45.40 -0.70
N PHE A 630 12.99 -45.10 0.19
CA PHE A 630 11.66 -44.64 -0.23
C PHE A 630 11.08 -43.69 0.81
N LEU A 631 10.08 -42.94 0.37
CA LEU A 631 9.28 -42.06 1.21
C LEU A 631 7.86 -42.11 0.69
N ARG A 632 6.89 -42.07 1.60
CA ARG A 632 5.50 -42.08 1.20
C ARG A 632 4.77 -40.89 1.79
N VAL A 633 3.62 -40.58 1.19
CA VAL A 633 2.81 -39.45 1.60
C VAL A 633 1.41 -39.72 1.06
N GLU A 634 0.40 -39.13 1.71
CA GLU A 634 -0.98 -39.38 1.34
C GLU A 634 -1.80 -38.12 1.55
N ASP A 635 -2.86 -37.98 0.75
CA ASP A 635 -3.57 -36.72 0.67
C ASP A 635 -4.94 -36.93 0.04
N ARG A 636 -5.74 -35.87 0.02
CA ARG A 636 -7.08 -35.86 -0.52
C ARG A 636 -7.09 -35.13 -1.86
N GLN A 637 -7.84 -35.67 -2.83
CA GLN A 637 -7.82 -35.20 -4.21
C GLN A 637 -9.26 -35.03 -4.73
N ASP A 638 -10.00 -34.12 -4.08
CA ASP A 638 -11.46 -33.97 -4.00
C ASP A 638 -12.30 -34.45 -5.18
N LEU A 639 -11.99 -33.99 -6.39
CA LEU A 639 -12.66 -34.47 -7.59
C LEU A 639 -11.76 -34.22 -8.80
N ARG B 26 3.17 -39.69 19.74
CA ARG B 26 3.81 -38.43 19.38
C ARG B 26 4.16 -38.39 17.90
N GLU B 27 5.42 -38.63 17.59
CA GLU B 27 5.87 -38.51 16.21
C GLU B 27 6.18 -39.87 15.59
N SER B 28 6.72 -40.80 16.37
CA SER B 28 7.05 -42.12 15.85
C SER B 28 5.82 -42.97 15.55
N TRP B 29 4.63 -42.51 15.92
CA TRP B 29 3.40 -43.17 15.49
C TRP B 29 3.19 -43.06 14.00
N ALA B 30 3.73 -42.00 13.38
CA ALA B 30 3.77 -41.96 11.91
C ALA B 30 4.77 -42.95 11.37
N GLN B 31 5.87 -43.19 12.09
CA GLN B 31 6.89 -44.15 11.69
C GLN B 31 6.41 -45.60 11.85
N SER B 32 5.37 -45.84 12.64
CA SER B 32 4.80 -47.17 12.72
C SER B 32 3.60 -47.35 11.80
N ARG B 33 2.99 -46.25 11.36
CA ARG B 33 1.81 -46.37 10.51
C ARG B 33 2.21 -46.71 9.08
N ASP B 34 3.24 -46.04 8.58
CA ASP B 34 3.64 -46.23 7.19
C ASP B 34 4.24 -47.60 6.94
N GLU B 35 4.85 -48.22 7.96
CA GLU B 35 5.37 -49.58 7.78
C GLU B 35 4.27 -50.60 7.61
N GLN B 36 3.07 -50.34 8.13
CA GLN B 36 1.94 -51.20 7.83
C GLN B 36 1.59 -51.16 6.34
N ASN B 37 1.71 -49.99 5.71
CA ASN B 37 1.38 -49.89 4.31
C ASN B 37 2.42 -50.56 3.44
N LEU B 38 3.68 -50.53 3.86
CA LEU B 38 4.69 -51.28 3.11
C LEU B 38 4.56 -52.77 3.35
N LEU B 39 4.15 -53.18 4.55
CA LEU B 39 4.11 -54.60 4.87
C LEU B 39 2.95 -55.27 4.15
N GLN B 40 1.93 -54.49 3.79
CA GLN B 40 0.85 -55.00 2.96
C GLN B 40 1.36 -55.39 1.59
N GLN B 41 2.29 -54.62 1.06
CA GLN B 41 2.75 -54.90 -0.29
C GLN B 41 3.69 -56.08 -0.35
N LYS B 42 4.20 -56.53 0.79
CA LYS B 42 4.90 -57.80 0.82
C LYS B 42 3.92 -58.95 0.93
N ARG B 43 2.89 -58.78 1.75
CA ARG B 43 1.89 -59.84 1.89
C ARG B 43 1.01 -59.93 0.66
N ILE B 44 0.89 -58.85 -0.11
CA ILE B 44 0.20 -58.97 -1.39
C ILE B 44 1.09 -59.63 -2.43
N TRP B 45 2.38 -59.76 -2.15
CA TRP B 45 3.34 -60.27 -3.10
C TRP B 45 3.64 -61.75 -2.90
N GLU B 46 3.86 -62.17 -1.65
CA GLU B 46 4.20 -63.55 -1.37
C GLU B 46 2.98 -64.45 -1.22
N SER B 47 1.83 -64.03 -1.70
CA SER B 47 0.59 -64.78 -1.55
C SER B 47 -0.04 -65.04 -2.91
N PRO B 48 -0.20 -66.29 -3.33
CA PRO B 48 -0.56 -66.58 -4.73
C PRO B 48 -1.98 -66.19 -5.12
N LEU B 49 -2.99 -66.59 -4.34
CA LEU B 49 -4.36 -66.25 -4.69
C LEU B 49 -4.64 -64.80 -4.41
N LEU B 50 -3.96 -64.23 -3.42
CA LEU B 50 -4.25 -62.88 -2.98
C LEU B 50 -3.70 -61.84 -3.93
N LEU B 51 -2.57 -62.13 -4.58
CA LEU B 51 -2.12 -61.27 -5.67
C LEU B 51 -3.06 -61.39 -6.86
N ALA B 52 -3.62 -62.58 -7.08
CA ALA B 52 -4.64 -62.73 -8.09
C ALA B 52 -5.92 -62.03 -7.69
N ALA B 53 -6.13 -61.77 -6.40
CA ALA B 53 -7.23 -60.91 -5.99
C ALA B 53 -6.91 -59.45 -6.22
N LYS B 54 -5.63 -59.06 -6.25
CA LYS B 54 -5.29 -57.67 -6.48
C LYS B 54 -5.52 -57.28 -7.93
N ASP B 55 -5.30 -58.20 -8.84
CA ASP B 55 -5.71 -58.04 -10.22
C ASP B 55 -7.05 -58.75 -10.38
N ASN B 56 -7.50 -58.91 -11.61
CA ASN B 56 -8.72 -59.70 -11.80
C ASN B 56 -8.37 -61.19 -11.73
N ASP B 57 -7.63 -61.68 -12.74
CA ASP B 57 -7.15 -63.07 -12.84
C ASP B 57 -8.25 -64.10 -12.63
N VAL B 58 -9.44 -63.81 -13.17
CA VAL B 58 -10.63 -64.57 -12.82
C VAL B 58 -10.59 -65.96 -13.45
N GLN B 59 -9.79 -66.14 -14.51
CA GLN B 59 -9.52 -67.48 -14.99
C GLN B 59 -8.57 -68.21 -14.05
N ALA B 60 -7.55 -67.51 -13.57
CA ALA B 60 -6.57 -68.15 -12.69
C ALA B 60 -7.11 -68.30 -11.28
N LEU B 61 -7.80 -67.27 -10.77
CA LEU B 61 -8.34 -67.34 -9.42
C LEU B 61 -9.45 -68.36 -9.30
N ASN B 62 -10.13 -68.68 -10.41
CA ASN B 62 -11.04 -69.82 -10.43
C ASN B 62 -10.28 -71.12 -10.16
N LYS B 63 -9.10 -71.25 -10.76
CA LYS B 63 -8.31 -72.45 -10.56
C LYS B 63 -7.51 -72.41 -9.27
N LEU B 64 -7.07 -71.20 -8.86
CA LEU B 64 -6.28 -71.06 -7.64
C LEU B 64 -7.08 -71.38 -6.39
N LEU B 65 -8.41 -71.30 -6.46
CA LEU B 65 -9.22 -71.68 -5.31
C LEU B 65 -9.38 -73.19 -5.23
N LYS B 66 -9.53 -73.86 -6.37
CA LYS B 66 -9.86 -75.29 -6.40
C LYS B 66 -8.60 -76.09 -6.09
N TYR B 67 -8.35 -76.23 -4.79
CA TYR B 67 -7.26 -77.05 -4.29
C TYR B 67 -7.68 -77.66 -2.97
N GLU B 68 -6.76 -78.38 -2.34
CA GLU B 68 -7.07 -79.05 -1.08
C GLU B 68 -7.00 -78.08 0.09
N ASP B 69 -5.82 -77.50 0.32
CA ASP B 69 -5.64 -76.60 1.47
C ASP B 69 -5.08 -75.28 0.96
N CYS B 70 -5.97 -74.41 0.48
CA CYS B 70 -5.69 -73.05 0.05
C CYS B 70 -6.76 -72.11 0.56
N LYS B 71 -6.99 -72.15 1.87
CA LYS B 71 -8.14 -71.51 2.51
C LYS B 71 -8.13 -70.00 2.31
N VAL B 72 -9.32 -69.41 2.43
CA VAL B 72 -9.49 -67.98 2.14
C VAL B 72 -9.41 -67.12 3.39
N HIS B 73 -9.27 -67.72 4.55
CA HIS B 73 -9.25 -66.96 5.79
C HIS B 73 -7.86 -66.43 6.14
N GLN B 74 -6.88 -66.60 5.25
CA GLN B 74 -5.56 -66.04 5.50
C GLN B 74 -5.62 -64.53 5.41
N ARG B 75 -4.79 -63.88 6.21
CA ARG B 75 -4.84 -62.43 6.33
C ARG B 75 -3.47 -61.82 6.08
N GLY B 76 -3.48 -60.64 5.48
CA GLY B 76 -2.26 -59.95 5.12
C GLY B 76 -1.64 -59.24 6.30
N ALA B 77 -1.11 -58.06 6.02
CA ALA B 77 -0.45 -57.27 7.05
C ALA B 77 -1.44 -56.71 8.03
N MET B 78 -2.50 -56.09 7.54
CA MET B 78 -3.47 -55.43 8.39
C MET B 78 -4.63 -56.33 8.76
N GLY B 79 -4.46 -57.64 8.62
CA GLY B 79 -5.50 -58.57 8.96
C GLY B 79 -6.66 -58.50 7.99
N GLU B 80 -6.42 -58.81 6.72
CA GLU B 80 -7.42 -58.55 5.69
C GLU B 80 -7.59 -59.77 4.80
N THR B 81 -8.83 -60.01 4.40
CA THR B 81 -9.13 -61.20 3.63
C THR B 81 -9.04 -60.94 2.13
N ALA B 82 -9.23 -62.01 1.35
CA ALA B 82 -9.08 -61.90 -0.09
C ALA B 82 -10.27 -61.22 -0.73
N LEU B 83 -11.39 -61.09 -0.01
CA LEU B 83 -12.52 -60.35 -0.56
C LEU B 83 -12.27 -58.86 -0.51
N HIS B 84 -11.62 -58.38 0.55
CA HIS B 84 -11.38 -56.95 0.72
C HIS B 84 -10.45 -56.38 -0.34
N ILE B 85 -9.42 -57.14 -0.67
CA ILE B 85 -8.47 -56.70 -1.69
C ILE B 85 -9.14 -56.65 -3.04
N ALA B 86 -10.06 -57.58 -3.29
CA ALA B 86 -10.86 -57.53 -4.50
C ALA B 86 -11.78 -56.33 -4.50
N ALA B 87 -12.19 -55.88 -3.32
CA ALA B 87 -13.03 -54.69 -3.24
C ALA B 87 -12.18 -53.43 -3.32
N LEU B 88 -11.01 -53.44 -2.69
CA LEU B 88 -10.24 -52.21 -2.51
C LEU B 88 -9.61 -51.74 -3.82
N TYR B 89 -9.44 -52.66 -4.78
CA TYR B 89 -9.08 -52.32 -6.15
C TYR B 89 -10.24 -52.52 -7.10
N ASP B 90 -11.48 -52.30 -6.61
CA ASP B 90 -12.81 -52.33 -7.26
C ASP B 90 -12.97 -53.35 -8.39
N ASN B 91 -12.51 -54.58 -8.14
CA ASN B 91 -12.59 -55.66 -9.12
C ASN B 91 -13.84 -56.46 -8.85
N LEU B 92 -14.86 -56.25 -9.68
CA LEU B 92 -16.16 -56.88 -9.43
C LEU B 92 -16.13 -58.36 -9.76
N GLU B 93 -15.42 -58.73 -10.83
CA GLU B 93 -15.40 -60.13 -11.25
C GLU B 93 -14.67 -61.01 -10.25
N ALA B 94 -13.58 -60.52 -9.69
CA ALA B 94 -12.86 -61.29 -8.68
C ALA B 94 -13.60 -61.27 -7.35
N ALA B 95 -14.50 -60.31 -7.15
CA ALA B 95 -15.24 -60.25 -5.92
C ALA B 95 -16.27 -61.36 -5.83
N MET B 96 -17.07 -61.56 -6.88
CA MET B 96 -18.19 -62.48 -6.83
C MET B 96 -17.75 -63.94 -6.80
N VAL B 97 -16.58 -64.25 -7.33
CA VAL B 97 -16.11 -65.63 -7.32
C VAL B 97 -15.70 -66.03 -5.91
N LEU B 98 -15.17 -65.08 -5.15
CA LEU B 98 -14.90 -65.36 -3.73
C LEU B 98 -16.18 -65.51 -2.93
N MET B 99 -17.24 -64.79 -3.32
CA MET B 99 -18.53 -64.98 -2.68
C MET B 99 -19.16 -66.31 -3.06
N GLU B 100 -19.06 -66.69 -4.34
CA GLU B 100 -19.65 -67.92 -4.82
C GLU B 100 -18.95 -69.14 -4.26
N ALA B 101 -17.64 -69.03 -4.03
CA ALA B 101 -16.89 -70.15 -3.48
C ALA B 101 -16.84 -70.13 -1.96
N ALA B 102 -17.12 -69.00 -1.33
CA ALA B 102 -17.09 -68.88 0.13
C ALA B 102 -18.20 -67.97 0.60
N PRO B 103 -19.33 -68.52 1.06
CA PRO B 103 -20.43 -67.67 1.54
C PRO B 103 -20.18 -67.02 2.89
N GLU B 104 -19.31 -67.59 3.72
CA GLU B 104 -19.07 -67.01 5.04
C GLU B 104 -18.16 -65.79 4.96
N LEU B 105 -17.50 -65.59 3.83
CA LEU B 105 -16.38 -64.64 3.73
C LEU B 105 -16.81 -63.19 3.88
N VAL B 106 -18.07 -62.85 3.61
CA VAL B 106 -18.52 -61.47 3.73
C VAL B 106 -18.70 -61.06 5.19
N PHE B 107 -18.91 -62.02 6.09
CA PHE B 107 -19.05 -61.74 7.52
C PHE B 107 -17.70 -61.54 8.19
N GLU B 108 -16.86 -60.66 7.65
CA GLU B 108 -15.47 -60.70 8.09
C GLU B 108 -14.87 -59.32 8.14
N PRO B 109 -14.66 -58.78 9.33
CA PRO B 109 -14.01 -57.48 9.45
C PRO B 109 -12.50 -57.63 9.62
N MET B 110 -11.80 -56.54 9.34
CA MET B 110 -10.36 -56.52 9.52
C MET B 110 -10.00 -56.38 10.99
N THR B 111 -8.84 -56.92 11.36
CA THR B 111 -8.47 -57.07 12.77
C THR B 111 -7.13 -56.43 13.11
N SER B 112 -6.73 -55.37 12.43
CA SER B 112 -5.53 -54.66 12.85
C SER B 112 -5.86 -53.72 14.00
N GLU B 113 -4.86 -52.99 14.48
CA GLU B 113 -5.16 -51.91 15.39
C GLU B 113 -5.36 -50.60 14.65
N LEU B 114 -4.85 -50.50 13.43
CA LEU B 114 -5.06 -49.29 12.65
C LEU B 114 -6.47 -49.28 12.07
N TYR B 115 -6.77 -50.24 11.22
CA TYR B 115 -8.12 -50.48 10.74
C TYR B 115 -8.71 -51.57 11.61
N GLU B 116 -9.95 -51.42 12.04
CA GLU B 116 -10.57 -52.42 12.88
C GLU B 116 -12.08 -52.36 12.69
N GLY B 117 -12.69 -53.52 12.57
CA GLY B 117 -14.13 -53.57 12.38
C GLY B 117 -14.61 -53.08 11.05
N GLN B 118 -13.79 -53.14 10.02
CA GLN B 118 -14.20 -52.69 8.69
C GLN B 118 -14.54 -53.91 7.85
N THR B 119 -15.80 -54.01 7.41
CA THR B 119 -16.24 -55.15 6.62
C THR B 119 -16.11 -54.84 5.14
N ALA B 120 -16.47 -55.83 4.32
CA ALA B 120 -16.37 -55.67 2.88
C ALA B 120 -17.44 -54.75 2.32
N LEU B 121 -18.50 -54.49 3.08
CA LEU B 121 -19.52 -53.55 2.62
C LEU B 121 -19.01 -52.13 2.63
N HIS B 122 -18.09 -51.81 3.55
CA HIS B 122 -17.58 -50.45 3.70
C HIS B 122 -16.83 -49.99 2.46
N ILE B 123 -15.91 -50.81 1.96
CA ILE B 123 -14.99 -50.37 0.92
C ILE B 123 -15.70 -50.14 -0.40
N ALA B 124 -16.68 -50.98 -0.74
CA ALA B 124 -17.46 -50.75 -1.95
C ALA B 124 -18.35 -49.52 -1.83
N VAL B 125 -18.70 -49.14 -0.60
CA VAL B 125 -19.43 -47.90 -0.41
C VAL B 125 -18.49 -46.70 -0.50
N VAL B 126 -17.26 -46.84 -0.02
CA VAL B 126 -16.30 -45.74 -0.08
C VAL B 126 -15.89 -45.45 -1.52
N ASN B 127 -15.79 -46.49 -2.35
CA ASN B 127 -15.56 -46.31 -3.77
C ASN B 127 -16.78 -45.83 -4.54
N GLN B 128 -17.90 -45.57 -3.86
CA GLN B 128 -19.02 -44.70 -4.21
C GLN B 128 -19.77 -45.07 -5.49
N ASN B 129 -19.36 -46.12 -6.16
CA ASN B 129 -19.98 -46.52 -7.42
C ASN B 129 -19.72 -48.00 -7.56
N MET B 130 -20.72 -48.81 -7.27
CA MET B 130 -20.44 -50.23 -7.25
C MET B 130 -21.74 -51.00 -7.43
N ASN B 131 -21.64 -52.14 -8.11
CA ASN B 131 -22.69 -53.15 -8.13
C ASN B 131 -22.42 -54.25 -7.14
N LEU B 132 -21.28 -54.21 -6.45
CA LEU B 132 -21.02 -55.20 -5.41
C LEU B 132 -21.89 -54.96 -4.19
N VAL B 133 -22.33 -53.72 -3.98
CA VAL B 133 -23.26 -53.43 -2.88
C VAL B 133 -24.62 -54.04 -3.14
N ARG B 134 -24.97 -54.34 -4.39
CA ARG B 134 -26.10 -55.21 -4.66
C ARG B 134 -25.83 -56.61 -4.13
N ALA B 135 -24.65 -57.13 -4.43
CA ALA B 135 -24.35 -58.52 -4.14
C ALA B 135 -24.10 -58.76 -2.66
N LEU B 136 -23.38 -57.85 -1.99
CA LEU B 136 -23.06 -58.06 -0.59
C LEU B 136 -24.30 -57.91 0.28
N LEU B 137 -25.21 -57.02 -0.10
CA LEU B 137 -26.48 -56.94 0.59
C LEU B 137 -27.33 -58.18 0.32
N ALA B 138 -27.26 -58.72 -0.90
CA ALA B 138 -28.08 -59.87 -1.24
C ALA B 138 -27.58 -61.15 -0.59
N ARG B 139 -26.36 -61.15 -0.08
CA ARG B 139 -25.85 -62.28 0.69
C ARG B 139 -25.91 -62.00 2.19
N ARG B 140 -26.75 -61.04 2.58
CA ARG B 140 -27.07 -60.71 3.97
C ARG B 140 -25.84 -60.26 4.75
N ALA B 141 -25.25 -59.16 4.29
CA ALA B 141 -24.23 -58.49 5.06
C ALA B 141 -24.86 -57.73 6.22
N SER B 142 -24.05 -57.37 7.20
CA SER B 142 -24.53 -56.63 8.34
C SER B 142 -24.25 -55.15 8.15
N VAL B 143 -25.29 -54.32 8.24
CA VAL B 143 -25.16 -52.91 7.93
C VAL B 143 -24.97 -52.11 9.20
N SER B 144 -24.56 -52.78 10.27
CA SER B 144 -24.30 -52.11 11.53
C SER B 144 -22.95 -52.50 12.09
N ALA B 145 -21.96 -52.70 11.23
CA ALA B 145 -20.62 -53.06 11.68
C ALA B 145 -19.86 -51.77 11.97
N ARG B 146 -19.67 -51.47 13.25
CA ARG B 146 -18.97 -50.25 13.64
C ARG B 146 -17.49 -50.37 13.32
N ALA B 147 -16.97 -49.42 12.55
CA ALA B 147 -15.56 -49.42 12.17
C ALA B 147 -14.79 -48.46 13.06
N THR B 148 -14.58 -48.89 14.30
CA THR B 148 -13.95 -48.03 15.31
C THR B 148 -12.45 -48.16 15.35
N GLY B 149 -11.81 -48.50 14.24
CA GLY B 149 -10.37 -48.52 14.18
C GLY B 149 -9.77 -47.13 14.30
N THR B 150 -8.47 -47.10 14.60
CA THR B 150 -7.80 -45.83 14.85
C THR B 150 -7.56 -45.02 13.60
N ALA B 151 -7.79 -45.58 12.42
CA ALA B 151 -7.73 -44.79 11.21
C ALA B 151 -9.06 -44.14 10.88
N PHE B 152 -9.96 -44.01 11.85
CA PHE B 152 -11.22 -43.34 11.61
C PHE B 152 -11.61 -42.34 12.68
N ARG B 153 -10.81 -42.18 13.73
CA ARG B 153 -11.16 -41.21 14.76
C ARG B 153 -10.88 -39.79 14.29
N ARG B 154 -11.68 -38.85 14.80
CA ARG B 154 -11.55 -37.47 14.41
C ARG B 154 -10.31 -36.87 15.06
N SER B 155 -9.22 -36.83 14.31
CA SER B 155 -7.96 -36.31 14.79
C SER B 155 -7.27 -35.66 13.61
N PRO B 156 -6.40 -34.68 13.83
CA PRO B 156 -5.67 -34.06 12.72
C PRO B 156 -4.49 -34.88 12.23
N CYS B 157 -4.70 -36.19 12.08
CA CYS B 157 -3.75 -37.10 11.45
C CYS B 157 -4.39 -38.03 10.43
N ASN B 158 -5.67 -38.36 10.56
CA ASN B 158 -6.43 -38.98 9.49
C ASN B 158 -6.98 -37.88 8.61
N LEU B 159 -6.83 -38.04 7.30
CA LEU B 159 -7.29 -37.01 6.40
C LEU B 159 -8.77 -37.08 6.12
N ILE B 160 -9.47 -38.08 6.66
CA ILE B 160 -10.90 -38.20 6.49
C ILE B 160 -11.55 -38.22 7.85
N TYR B 161 -12.84 -37.95 7.89
CA TYR B 161 -13.65 -38.29 9.05
C TYR B 161 -14.99 -38.78 8.52
N PHE B 162 -15.13 -40.10 8.43
CA PHE B 162 -16.28 -40.68 7.78
C PHE B 162 -17.28 -41.29 8.75
N GLY B 163 -17.02 -41.20 10.05
CA GLY B 163 -17.94 -41.80 10.99
C GLY B 163 -17.68 -43.28 11.15
N GLU B 164 -18.70 -44.08 11.43
CA GLU B 164 -18.45 -45.49 11.69
C GLU B 164 -19.34 -46.43 10.88
N HIS B 165 -20.58 -46.10 10.68
CA HIS B 165 -21.58 -47.01 10.13
C HIS B 165 -21.57 -47.01 8.61
N PRO B 166 -22.12 -48.05 7.97
CA PRO B 166 -22.06 -48.11 6.50
C PRO B 166 -22.87 -47.06 5.78
N LEU B 167 -24.05 -46.68 6.28
CA LEU B 167 -24.75 -45.58 5.62
C LEU B 167 -24.12 -44.25 5.99
N SER B 168 -23.39 -44.22 7.10
CA SER B 168 -22.63 -43.01 7.42
C SER B 168 -21.54 -42.77 6.40
N PHE B 169 -20.92 -43.82 5.87
CA PHE B 169 -19.94 -43.63 4.80
C PHE B 169 -20.62 -43.16 3.52
N ALA B 170 -21.84 -43.66 3.28
CA ALA B 170 -22.48 -43.44 1.99
C ALA B 170 -22.89 -42.00 1.82
N ALA B 171 -23.42 -41.39 2.88
CA ALA B 171 -23.72 -39.98 2.85
C ALA B 171 -22.45 -39.15 2.78
N CYS B 172 -21.37 -39.66 3.37
CA CYS B 172 -20.19 -38.84 3.56
C CYS B 172 -19.45 -38.57 2.26
N VAL B 173 -19.67 -39.41 1.24
CA VAL B 173 -18.99 -39.25 -0.03
C VAL B 173 -19.95 -38.84 -1.13
N ASN B 174 -21.16 -38.41 -0.73
CA ASN B 174 -22.20 -37.87 -1.62
C ASN B 174 -22.61 -38.88 -2.70
N SER B 175 -23.24 -39.95 -2.24
CA SER B 175 -23.79 -40.93 -3.18
C SER B 175 -25.17 -41.31 -2.67
N GLU B 176 -26.19 -40.64 -3.21
CA GLU B 176 -27.57 -40.88 -2.80
C GLU B 176 -28.03 -42.28 -3.13
N GLU B 177 -27.56 -42.82 -4.26
CA GLU B 177 -28.05 -44.09 -4.76
C GLU B 177 -27.58 -45.25 -3.89
N ILE B 178 -26.56 -45.03 -3.07
CA ILE B 178 -26.24 -46.02 -2.05
C ILE B 178 -27.08 -45.78 -0.81
N VAL B 179 -27.40 -44.52 -0.52
CA VAL B 179 -28.13 -44.18 0.70
C VAL B 179 -29.56 -44.71 0.62
N ARG B 180 -30.24 -44.47 -0.51
CA ARG B 180 -31.59 -44.99 -0.70
C ARG B 180 -31.60 -46.51 -0.76
N LEU B 181 -30.53 -47.13 -1.24
CA LEU B 181 -30.47 -48.58 -1.23
C LEU B 181 -30.23 -49.10 0.17
N LEU B 182 -29.39 -48.40 0.93
CA LEU B 182 -28.98 -48.95 2.22
C LEU B 182 -30.05 -48.72 3.27
N ILE B 183 -30.78 -47.60 3.18
CA ILE B 183 -31.84 -47.32 4.13
C ILE B 183 -33.01 -48.27 3.91
N GLU B 184 -33.14 -48.83 2.72
CA GLU B 184 -34.29 -49.67 2.41
C GLU B 184 -34.17 -51.03 3.08
N HIS B 185 -32.96 -51.44 3.47
CA HIS B 185 -32.75 -52.75 4.05
C HIS B 185 -32.39 -52.69 5.53
N GLY B 186 -33.06 -51.83 6.30
CA GLY B 186 -32.98 -51.86 7.74
C GLY B 186 -31.94 -50.96 8.38
N ALA B 187 -31.42 -49.97 7.66
CA ALA B 187 -30.41 -49.08 8.23
C ALA B 187 -31.03 -48.17 9.28
N ASP B 188 -30.34 -48.00 10.39
CA ASP B 188 -30.84 -47.18 11.48
C ASP B 188 -30.21 -45.81 11.39
N ILE B 189 -31.04 -44.78 11.25
CA ILE B 189 -30.54 -43.41 11.18
C ILE B 189 -29.93 -43.00 12.51
N ARG B 190 -30.61 -43.31 13.59
CA ARG B 190 -30.30 -42.75 14.90
C ARG B 190 -29.09 -43.39 15.57
N ALA B 191 -28.33 -44.21 14.86
CA ALA B 191 -27.16 -44.85 15.44
C ALA B 191 -26.05 -43.84 15.63
N GLN B 192 -25.63 -43.66 16.88
CA GLN B 192 -24.56 -42.74 17.19
C GLN B 192 -23.22 -43.46 17.03
N ASP B 193 -22.12 -42.82 17.44
CA ASP B 193 -20.80 -43.41 17.29
C ASP B 193 -20.08 -43.42 18.62
N SER B 194 -18.83 -43.89 18.59
CA SER B 194 -18.00 -43.88 19.78
C SER B 194 -17.58 -42.46 20.15
N LEU B 195 -17.56 -41.56 19.18
CA LEU B 195 -17.40 -40.15 19.50
C LEU B 195 -18.69 -39.57 20.05
N GLY B 196 -19.83 -40.22 19.75
CA GLY B 196 -21.13 -39.82 20.26
C GLY B 196 -22.01 -39.21 19.21
N ASN B 197 -21.42 -38.70 18.15
CA ASN B 197 -22.15 -38.01 17.10
C ASN B 197 -23.01 -38.97 16.28
N THR B 198 -24.10 -38.44 15.73
CA THR B 198 -25.00 -39.21 14.88
C THR B 198 -24.58 -39.08 13.43
N VAL B 199 -25.46 -39.50 12.52
CA VAL B 199 -25.22 -39.38 11.08
C VAL B 199 -25.09 -37.92 10.68
N LEU B 200 -25.86 -37.06 11.31
CA LEU B 200 -26.00 -35.71 10.80
C LEU B 200 -24.91 -34.78 11.29
N HIS B 201 -24.33 -35.05 12.46
CA HIS B 201 -23.18 -34.27 12.90
C HIS B 201 -21.99 -34.50 11.98
N ILE B 202 -21.89 -35.69 11.40
CA ILE B 202 -20.81 -35.98 10.47
C ILE B 202 -20.97 -35.14 9.22
N LEU B 203 -22.20 -34.90 8.81
CA LEU B 203 -22.44 -34.09 7.63
C LEU B 203 -22.07 -32.64 7.79
N ILE B 204 -22.01 -32.13 9.01
CA ILE B 204 -21.75 -30.71 9.20
C ILE B 204 -20.28 -30.41 9.00
N LEU B 205 -19.40 -31.23 9.55
CA LEU B 205 -17.99 -30.92 9.49
C LEU B 205 -17.29 -31.56 8.30
N GLN B 206 -18.03 -31.84 7.23
CA GLN B 206 -17.40 -32.22 5.99
C GLN B 206 -16.74 -31.02 5.32
N PRO B 207 -15.71 -31.24 4.50
CA PRO B 207 -15.09 -30.10 3.81
C PRO B 207 -15.82 -29.67 2.56
N ASN B 208 -16.50 -30.58 1.87
CA ASN B 208 -17.19 -30.25 0.62
C ASN B 208 -18.58 -29.76 1.00
N LYS B 209 -18.67 -28.46 1.28
CA LYS B 209 -19.77 -27.91 2.07
C LYS B 209 -21.10 -27.90 1.33
N THR B 210 -21.10 -27.57 0.04
CA THR B 210 -22.36 -27.36 -0.67
C THR B 210 -23.10 -28.66 -0.88
N PHE B 211 -22.38 -29.73 -1.24
CA PHE B 211 -23.03 -31.01 -1.49
C PHE B 211 -23.58 -31.65 -0.23
N ALA B 212 -23.08 -31.26 0.93
CA ALA B 212 -23.69 -31.75 2.17
C ALA B 212 -25.05 -31.12 2.39
N CYS B 213 -25.19 -29.85 2.00
CA CYS B 213 -26.42 -29.10 2.30
C CYS B 213 -27.61 -29.64 1.53
N GLN B 214 -27.38 -30.09 0.31
CA GLN B 214 -28.45 -30.71 -0.46
C GLN B 214 -28.89 -32.02 0.16
N MET B 215 -27.94 -32.88 0.48
CA MET B 215 -28.27 -34.22 0.92
C MET B 215 -28.64 -34.24 2.40
N TYR B 216 -28.35 -33.15 3.13
CA TYR B 216 -28.92 -32.97 4.47
C TYR B 216 -30.44 -32.94 4.42
N ASN B 217 -31.00 -32.39 3.36
CA ASN B 217 -32.45 -32.34 3.23
C ASN B 217 -33.02 -33.73 2.97
N LEU B 218 -32.26 -34.59 2.28
CA LEU B 218 -32.74 -35.94 2.00
C LEU B 218 -32.72 -36.82 3.24
N LEU B 219 -31.66 -36.76 4.02
CA LEU B 219 -31.56 -37.56 5.23
C LEU B 219 -32.56 -37.15 6.28
N LEU B 220 -33.04 -35.91 6.24
CA LEU B 220 -34.04 -35.50 7.20
C LEU B 220 -35.40 -36.10 6.88
N SER B 221 -35.64 -36.49 5.63
CA SER B 221 -36.97 -36.90 5.21
C SER B 221 -37.33 -38.28 5.75
N TYR B 222 -36.33 -39.14 5.94
CA TYR B 222 -36.59 -40.51 6.37
C TYR B 222 -36.75 -40.67 7.86
N ASP B 223 -37.04 -39.58 8.57
CA ASP B 223 -37.22 -39.62 10.01
C ASP B 223 -38.69 -39.81 10.41
N ARG B 224 -39.57 -40.08 9.44
CA ARG B 224 -41.02 -39.97 9.64
C ARG B 224 -41.53 -40.97 10.69
N HIS B 225 -42.62 -40.55 11.35
CA HIS B 225 -43.23 -40.98 12.62
C HIS B 225 -42.42 -40.46 13.82
N GLY B 226 -41.21 -39.95 13.58
CA GLY B 226 -40.37 -39.31 14.57
C GLY B 226 -40.01 -40.03 15.86
N ASP B 227 -40.43 -41.29 15.99
CA ASP B 227 -40.31 -42.10 17.21
C ASP B 227 -40.84 -41.38 18.46
N HIS B 228 -41.89 -40.56 18.28
CA HIS B 228 -42.65 -39.79 19.27
C HIS B 228 -41.81 -39.05 20.32
N LEU B 229 -40.57 -38.70 19.99
CA LEU B 229 -39.62 -38.06 20.90
C LEU B 229 -38.41 -37.59 20.09
N GLN B 230 -37.95 -36.35 20.38
CA GLN B 230 -36.74 -35.64 19.98
C GLN B 230 -36.25 -36.02 18.59
N PRO B 231 -37.02 -35.68 17.55
CA PRO B 231 -37.10 -36.51 16.34
C PRO B 231 -35.81 -36.80 15.59
N LEU B 232 -35.12 -35.81 15.07
CA LEU B 232 -33.80 -36.14 14.53
C LEU B 232 -32.73 -35.16 14.94
N ASP B 233 -33.00 -33.87 14.93
CA ASP B 233 -31.96 -32.88 15.09
C ASP B 233 -32.13 -32.11 16.38
N LEU B 234 -32.58 -32.79 17.43
CA LEU B 234 -32.54 -32.26 18.77
C LEU B 234 -31.68 -33.10 19.67
N VAL B 235 -31.09 -34.17 19.14
CA VAL B 235 -30.32 -35.10 19.94
C VAL B 235 -28.89 -34.60 20.07
N PRO B 236 -28.34 -34.56 21.25
CA PRO B 236 -26.94 -34.15 21.39
C PRO B 236 -26.00 -35.30 21.11
N ASN B 237 -24.70 -35.06 21.22
CA ASN B 237 -23.70 -36.09 21.15
C ASN B 237 -23.08 -36.30 22.53
N HIS B 238 -22.04 -37.14 22.59
CA HIS B 238 -21.34 -37.33 23.85
C HIS B 238 -20.53 -36.11 24.26
N GLN B 239 -20.32 -35.16 23.35
CA GLN B 239 -19.74 -33.89 23.73
C GLN B 239 -20.82 -32.86 24.04
N GLY B 240 -22.04 -33.10 23.61
CA GLY B 240 -23.18 -32.38 24.13
C GLY B 240 -23.73 -31.26 23.29
N LEU B 241 -23.88 -31.45 21.98
CA LEU B 241 -24.38 -30.41 21.10
C LEU B 241 -25.38 -30.94 20.09
N THR B 242 -26.36 -30.11 19.77
CA THR B 242 -27.30 -30.35 18.70
C THR B 242 -26.62 -30.13 17.36
N PRO B 243 -27.23 -30.55 16.24
CA PRO B 243 -26.64 -30.20 14.93
C PRO B 243 -26.58 -28.72 14.67
N PHE B 244 -27.53 -27.96 15.20
CA PHE B 244 -27.55 -26.52 14.97
C PHE B 244 -26.39 -25.85 15.69
N LYS B 245 -26.17 -26.20 16.95
CA LYS B 245 -25.06 -25.60 17.69
C LYS B 245 -23.71 -26.06 17.15
N LEU B 246 -23.65 -27.28 16.62
CA LEU B 246 -22.39 -27.77 16.08
C LEU B 246 -22.04 -27.02 14.81
N ALA B 247 -23.05 -26.57 14.07
CA ALA B 247 -22.81 -25.75 12.89
C ALA B 247 -22.18 -24.42 13.27
N GLY B 248 -22.43 -23.94 14.48
CA GLY B 248 -21.80 -22.70 14.90
C GLY B 248 -20.32 -22.88 15.18
N VAL B 249 -19.97 -23.89 15.97
CA VAL B 249 -18.64 -23.96 16.54
C VAL B 249 -17.61 -24.33 15.49
N GLU B 250 -17.97 -25.23 14.57
CA GLU B 250 -17.06 -25.55 13.50
C GLU B 250 -17.02 -24.49 12.41
N GLY B 251 -17.93 -23.51 12.45
CA GLY B 251 -17.84 -22.41 11.53
C GLY B 251 -18.34 -22.69 10.15
N ASN B 252 -19.19 -23.68 9.98
CA ASN B 252 -19.80 -23.94 8.68
C ASN B 252 -20.84 -22.88 8.44
N THR B 253 -20.50 -21.89 7.60
CA THR B 253 -21.39 -20.76 7.38
C THR B 253 -22.60 -21.18 6.56
N VAL B 254 -22.40 -22.03 5.56
CA VAL B 254 -23.44 -22.32 4.60
C VAL B 254 -24.54 -23.18 5.23
N MET B 255 -24.13 -24.18 6.03
CA MET B 255 -25.11 -24.99 6.73
C MET B 255 -25.87 -24.21 7.78
N PHE B 256 -25.29 -23.12 8.28
CA PHE B 256 -26.02 -22.30 9.24
C PHE B 256 -27.12 -21.51 8.56
N GLN B 257 -26.97 -21.21 7.27
CA GLN B 257 -28.06 -20.59 6.53
C GLN B 257 -29.21 -21.57 6.36
N HIS B 258 -28.89 -22.83 6.04
CA HIS B 258 -29.93 -23.80 5.77
C HIS B 258 -30.63 -24.25 7.04
N LEU B 259 -29.95 -24.18 8.17
CA LEU B 259 -30.61 -24.55 9.40
C LEU B 259 -31.49 -23.46 9.97
N MET B 260 -31.36 -22.22 9.50
CA MET B 260 -32.31 -21.21 9.92
C MET B 260 -33.61 -21.31 9.14
N GLN B 261 -33.63 -22.08 8.06
CA GLN B 261 -34.81 -22.15 7.21
C GLN B 261 -35.96 -22.87 7.89
N LYS B 262 -35.66 -23.92 8.64
CA LYS B 262 -36.71 -24.51 9.46
C LYS B 262 -37.06 -23.62 10.64
N ARG B 263 -36.07 -22.94 11.22
CA ARG B 263 -36.29 -22.34 12.53
C ARG B 263 -37.10 -21.05 12.45
N LYS B 264 -36.89 -20.24 11.42
CA LYS B 264 -37.71 -19.07 11.31
C LYS B 264 -39.01 -19.39 10.59
N HIS B 265 -39.98 -18.50 10.71
CA HIS B 265 -41.17 -18.58 9.88
C HIS B 265 -41.71 -17.17 9.65
N THR B 266 -42.15 -16.92 8.43
CA THR B 266 -42.38 -15.58 7.96
C THR B 266 -43.72 -15.02 8.43
N GLN B 267 -43.92 -13.76 8.09
CA GLN B 267 -45.15 -13.04 8.41
C GLN B 267 -45.66 -12.45 7.11
N TRP B 268 -46.58 -11.49 7.26
CA TRP B 268 -47.10 -10.69 6.17
C TRP B 268 -46.03 -10.07 5.29
N THR B 269 -46.30 -10.05 4.00
CA THR B 269 -45.45 -9.40 3.01
C THR B 269 -46.18 -8.21 2.41
N TYR B 270 -45.41 -7.17 2.08
CA TYR B 270 -46.01 -5.89 1.74
C TYR B 270 -45.10 -5.18 0.74
N GLY B 271 -45.35 -5.42 -0.54
CA GLY B 271 -44.51 -4.91 -1.60
C GLY B 271 -43.10 -5.43 -1.47
N PRO B 272 -42.12 -4.53 -1.58
CA PRO B 272 -40.73 -4.92 -1.32
C PRO B 272 -40.37 -4.97 0.14
N LEU B 273 -41.31 -4.66 1.02
CA LEU B 273 -41.10 -4.68 2.45
C LEU B 273 -41.66 -5.98 3.01
N THR B 274 -40.90 -6.62 3.91
CA THR B 274 -41.35 -7.87 4.50
C THR B 274 -40.78 -8.02 5.90
N SER B 275 -41.41 -8.89 6.69
CA SER B 275 -41.04 -9.04 8.09
C SER B 275 -41.18 -10.49 8.49
N THR B 276 -40.25 -10.96 9.31
CA THR B 276 -40.21 -12.35 9.74
C THR B 276 -39.99 -12.41 11.25
N LEU B 277 -40.11 -13.62 11.79
CA LEU B 277 -39.81 -13.92 13.17
C LEU B 277 -38.76 -15.02 13.23
N TYR B 278 -37.85 -14.91 14.19
CA TYR B 278 -36.82 -15.93 14.38
C TYR B 278 -37.08 -16.70 15.67
N ASP B 279 -36.65 -17.96 15.67
CA ASP B 279 -37.03 -18.90 16.72
C ASP B 279 -36.38 -18.53 18.05
N LEU B 280 -35.08 -18.30 18.04
CA LEU B 280 -34.32 -17.68 19.14
C LEU B 280 -34.28 -18.56 20.41
N THR B 281 -34.87 -19.74 20.37
CA THR B 281 -34.92 -20.61 21.54
C THR B 281 -33.62 -21.32 21.80
N GLU B 282 -32.62 -21.15 20.96
CA GLU B 282 -31.37 -21.84 21.13
C GLU B 282 -30.21 -20.87 20.93
N ILE B 283 -30.42 -19.58 21.16
CA ILE B 283 -29.39 -18.58 20.97
C ILE B 283 -29.02 -17.98 22.32
N ASP B 284 -29.99 -17.37 23.00
CA ASP B 284 -29.72 -16.76 24.29
C ASP B 284 -29.60 -17.79 25.39
N SER B 285 -29.21 -17.31 26.56
CA SER B 285 -29.01 -18.16 27.74
C SER B 285 -30.37 -18.53 28.32
N SER B 286 -30.74 -19.80 28.19
CA SER B 286 -31.98 -20.26 28.81
C SER B 286 -31.84 -20.36 30.32
N GLY B 287 -30.92 -21.20 30.77
CA GLY B 287 -30.62 -21.31 32.18
C GLY B 287 -29.13 -21.39 32.42
N ASP B 288 -28.72 -22.29 33.32
CA ASP B 288 -27.31 -22.54 33.56
C ASP B 288 -26.63 -23.29 32.41
N GLU B 289 -27.42 -23.83 31.48
CA GLU B 289 -26.87 -24.49 30.30
C GLU B 289 -26.16 -23.48 29.42
N GLN B 290 -25.27 -24.01 28.57
CA GLN B 290 -24.52 -23.13 27.69
C GLN B 290 -25.40 -22.64 26.55
N SER B 291 -25.09 -21.45 26.07
CA SER B 291 -25.78 -20.85 24.95
C SER B 291 -24.93 -21.02 23.71
N LEU B 292 -25.43 -20.56 22.57
CA LEU B 292 -24.60 -20.56 21.38
C LEU B 292 -23.59 -19.44 21.42
N LEU B 293 -23.99 -18.27 21.92
CA LEU B 293 -23.05 -17.15 22.00
C LEU B 293 -21.94 -17.41 22.99
N GLU B 294 -22.17 -18.26 23.99
CA GLU B 294 -21.07 -18.70 24.83
C GLU B 294 -20.10 -19.54 24.03
N LEU B 295 -20.62 -20.43 23.18
CA LEU B 295 -19.77 -21.33 22.44
C LEU B 295 -19.01 -20.65 21.32
N ILE B 296 -19.48 -19.51 20.83
CA ILE B 296 -18.79 -18.86 19.72
C ILE B 296 -17.50 -18.22 20.20
N ILE B 297 -17.56 -17.47 21.30
CA ILE B 297 -16.39 -16.74 21.74
C ILE B 297 -15.39 -17.65 22.42
N THR B 298 -15.81 -18.82 22.89
CA THR B 298 -14.89 -19.75 23.54
C THR B 298 -14.41 -20.82 22.54
N THR B 299 -13.81 -20.35 21.46
CA THR B 299 -13.08 -21.24 20.56
C THR B 299 -11.88 -20.49 20.02
N LYS B 300 -10.90 -21.27 19.56
CA LYS B 300 -9.67 -20.70 19.03
C LYS B 300 -9.71 -20.54 17.53
N LYS B 301 -10.83 -20.88 16.89
CA LYS B 301 -10.93 -20.87 15.44
C LYS B 301 -11.14 -19.45 14.94
N ARG B 302 -11.12 -19.32 13.63
CA ARG B 302 -11.32 -18.05 12.97
C ARG B 302 -12.58 -18.00 12.14
N GLU B 303 -12.93 -19.12 11.50
CA GLU B 303 -14.12 -19.14 10.67
C GLU B 303 -15.39 -19.11 11.52
N ALA B 304 -15.31 -19.59 12.77
CA ALA B 304 -16.49 -19.65 13.60
C ALA B 304 -16.94 -18.27 14.05
N ARG B 305 -16.00 -17.41 14.39
CA ARG B 305 -16.30 -16.02 14.75
C ARG B 305 -16.79 -15.17 13.60
N GLN B 306 -16.77 -15.68 12.38
CA GLN B 306 -17.34 -14.95 11.28
C GLN B 306 -18.86 -15.04 11.25
N ILE B 307 -19.46 -15.94 12.04
CA ILE B 307 -20.90 -16.18 12.00
C ILE B 307 -21.70 -15.06 12.64
N LEU B 308 -21.05 -14.11 13.33
CA LEU B 308 -21.76 -13.07 14.06
C LEU B 308 -22.50 -12.11 13.16
N ASP B 309 -22.05 -11.93 11.93
CA ASP B 309 -22.63 -10.93 11.06
C ASP B 309 -23.87 -11.44 10.35
N GLN B 310 -24.27 -12.69 10.56
CA GLN B 310 -25.43 -13.22 9.87
C GLN B 310 -26.70 -12.64 10.46
N THR B 311 -27.76 -12.66 9.65
CA THR B 311 -28.94 -11.87 9.95
C THR B 311 -29.75 -12.20 11.22
N PRO B 312 -29.77 -13.40 11.81
CA PRO B 312 -30.53 -13.53 13.05
C PRO B 312 -29.70 -13.36 14.30
N VAL B 313 -28.40 -13.14 14.18
CA VAL B 313 -27.53 -13.01 15.35
C VAL B 313 -27.00 -11.58 15.49
N LYS B 314 -26.71 -10.92 14.37
CA LYS B 314 -26.26 -9.53 14.40
C LYS B 314 -27.32 -8.61 14.99
N GLU B 315 -28.58 -8.87 14.66
CA GLU B 315 -29.67 -8.09 15.25
C GLU B 315 -29.81 -8.36 16.73
N LEU B 316 -29.50 -9.57 17.18
CA LEU B 316 -29.64 -9.88 18.59
C LEU B 316 -28.53 -9.24 19.41
N VAL B 317 -27.32 -9.16 18.86
CA VAL B 317 -26.21 -8.58 19.60
C VAL B 317 -26.37 -7.08 19.70
N SER B 318 -26.56 -6.42 18.57
CA SER B 318 -26.52 -4.96 18.54
C SER B 318 -27.72 -4.35 19.24
N LEU B 319 -28.81 -5.09 19.37
CA LEU B 319 -29.89 -4.63 20.22
C LEU B 319 -29.58 -4.90 21.69
N LYS B 320 -28.79 -5.92 21.98
CA LYS B 320 -28.53 -6.25 23.37
C LYS B 320 -27.51 -5.30 23.97
N TRP B 321 -26.59 -4.79 23.18
CA TRP B 321 -25.60 -3.87 23.72
C TRP B 321 -26.05 -2.43 23.65
N LYS B 322 -27.14 -2.15 22.95
CA LYS B 322 -27.55 -0.75 22.84
C LYS B 322 -28.48 -0.34 23.96
N ARG B 323 -29.37 -1.23 24.41
CA ARG B 323 -30.33 -0.86 25.43
C ARG B 323 -30.01 -1.41 26.81
N TYR B 324 -29.16 -2.43 26.91
CA TYR B 324 -28.73 -2.91 28.22
C TYR B 324 -27.23 -3.08 28.32
N GLY B 325 -26.47 -2.53 27.39
CA GLY B 325 -25.03 -2.68 27.33
C GLY B 325 -24.35 -1.47 27.94
N ARG B 326 -23.98 -0.50 27.12
CA ARG B 326 -23.30 0.75 27.42
C ARG B 326 -23.72 1.47 28.70
N PRO B 327 -24.99 1.46 29.14
CA PRO B 327 -25.22 1.90 30.51
C PRO B 327 -24.56 1.02 31.55
N TYR B 328 -24.71 -0.29 31.48
CA TYR B 328 -24.13 -1.08 32.54
C TYR B 328 -22.67 -1.41 32.28
N PHE B 329 -22.10 -0.87 31.21
CA PHE B 329 -20.66 -0.98 31.04
C PHE B 329 -19.96 0.29 31.49
N CYS B 330 -20.48 1.45 31.08
CA CYS B 330 -19.82 2.69 31.45
C CYS B 330 -20.04 3.03 32.91
N MET B 331 -21.13 2.56 33.51
CA MET B 331 -21.25 2.73 34.95
C MET B 331 -20.30 1.81 35.70
N LEU B 332 -19.92 0.68 35.09
CA LEU B 332 -18.79 -0.06 35.59
C LEU B 332 -17.49 0.68 35.31
N GLY B 333 -17.48 1.50 34.26
CA GLY B 333 -16.27 2.25 33.95
C GLY B 333 -16.04 3.40 34.91
N ALA B 334 -17.10 4.07 35.32
CA ALA B 334 -16.92 5.22 36.19
C ALA B 334 -16.60 4.81 37.60
N ILE B 335 -17.10 3.66 38.06
CA ILE B 335 -16.78 3.19 39.40
C ILE B 335 -15.31 2.82 39.49
N TYR B 336 -14.79 2.17 38.46
CA TYR B 336 -13.39 1.75 38.52
C TYR B 336 -12.43 2.92 38.38
N LEU B 337 -12.80 3.92 37.59
CA LEU B 337 -11.94 5.09 37.51
C LEU B 337 -11.99 5.90 38.79
N LEU B 338 -13.13 5.87 39.47
CA LEU B 338 -13.23 6.48 40.78
C LEU B 338 -12.48 5.68 41.84
N TYR B 339 -12.25 4.40 41.60
CA TYR B 339 -11.55 3.57 42.57
C TYR B 339 -10.07 3.90 42.62
N ILE B 340 -9.40 3.95 41.48
CA ILE B 340 -7.96 4.18 41.48
C ILE B 340 -7.63 5.65 41.76
N ILE B 341 -8.52 6.57 41.40
CA ILE B 341 -8.28 7.97 41.70
C ILE B 341 -8.43 8.24 43.20
N CYS B 342 -9.02 7.33 43.97
CA CYS B 342 -8.85 7.40 45.42
C CYS B 342 -7.89 6.36 45.94
N PHE B 343 -7.19 5.65 45.04
CA PHE B 343 -6.03 4.88 45.46
C PHE B 343 -4.75 5.68 45.27
N THR B 344 -4.65 6.37 44.13
CA THR B 344 -3.49 7.21 43.87
C THR B 344 -3.44 8.37 44.86
N MET B 345 -4.61 8.93 45.18
CA MET B 345 -4.69 9.98 46.19
C MET B 345 -4.37 9.44 47.57
N CYS B 346 -4.77 8.19 47.84
CA CYS B 346 -4.36 7.56 49.07
C CYS B 346 -2.88 7.18 49.03
N CYS B 347 -2.30 7.07 47.85
CA CYS B 347 -0.90 6.64 47.75
C CYS B 347 0.06 7.78 48.06
N ILE B 348 -0.09 8.91 47.37
CA ILE B 348 0.91 9.97 47.44
C ILE B 348 0.93 10.71 48.77
N TYR B 349 -0.05 10.48 49.64
CA TYR B 349 0.02 10.93 51.02
C TYR B 349 0.64 9.89 51.93
N ARG B 350 1.51 9.05 51.41
CA ARG B 350 2.20 8.06 52.21
C ARG B 350 3.02 8.75 53.31
N PRO B 351 2.99 8.25 54.54
CA PRO B 351 3.63 8.99 55.64
C PRO B 351 5.14 8.84 55.64
N LEU B 352 5.83 9.90 56.07
CA LEU B 352 7.28 9.87 56.15
C LEU B 352 7.73 10.51 57.46
N LYS B 353 9.03 10.76 57.54
CA LYS B 353 9.71 11.38 58.68
C LYS B 353 11.13 11.71 58.22
N PRO B 354 11.84 12.60 58.91
CA PRO B 354 13.27 12.75 58.62
C PRO B 354 14.05 11.55 59.10
N ARG B 355 15.27 11.40 58.58
CA ARG B 355 16.01 10.16 58.81
C ARG B 355 16.91 10.29 60.03
N THR B 356 17.08 9.16 60.75
CA THR B 356 17.96 9.10 61.92
C THR B 356 18.90 7.91 61.79
N ASN B 357 19.94 8.07 60.98
CA ASN B 357 21.14 7.24 61.10
C ASN B 357 22.40 8.01 60.72
N ASN B 358 22.27 9.30 60.36
CA ASN B 358 23.38 10.23 60.12
C ASN B 358 24.32 9.76 59.02
N ARG B 359 23.79 9.68 57.79
CA ARG B 359 24.48 9.43 56.50
C ARG B 359 25.47 8.25 56.59
N THR B 360 24.87 7.08 56.76
CA THR B 360 25.56 5.80 56.96
C THR B 360 26.08 5.31 55.61
N SER B 361 26.25 3.97 55.45
CA SER B 361 27.18 3.16 54.64
C SER B 361 27.56 3.81 53.31
N PRO B 362 28.82 3.70 52.87
CA PRO B 362 29.70 4.85 52.60
C PRO B 362 29.12 6.10 51.93
N ARG B 363 29.61 7.21 52.46
CA ARG B 363 29.05 8.52 52.21
C ARG B 363 29.24 8.97 50.77
N ASP B 364 28.46 9.99 50.40
CA ASP B 364 28.46 10.73 49.13
C ASP B 364 27.97 9.91 47.95
N ASN B 365 27.78 8.62 48.14
CA ASN B 365 27.22 7.75 47.12
C ASN B 365 26.00 7.08 47.74
N THR B 366 25.27 7.85 48.54
CA THR B 366 23.96 7.54 49.06
C THR B 366 23.26 8.86 49.31
N LEU B 367 21.94 8.87 49.13
CA LEU B 367 21.26 10.15 49.18
C LEU B 367 19.93 10.11 49.92
N LEU B 368 19.33 8.95 50.12
CA LEU B 368 17.96 8.87 50.60
C LEU B 368 17.84 9.32 52.05
N GLN B 369 16.73 9.97 52.38
CA GLN B 369 16.71 10.67 53.65
C GLN B 369 15.36 10.61 54.37
N GLN B 370 14.53 9.59 54.12
CA GLN B 370 13.23 9.56 54.77
C GLN B 370 13.01 8.38 55.70
N LYS B 371 13.34 7.15 55.27
CA LYS B 371 13.29 5.90 56.06
C LYS B 371 11.98 5.66 56.83
N LEU B 372 10.97 5.17 56.11
CA LEU B 372 9.55 5.08 56.42
C LEU B 372 9.10 4.99 57.89
N LEU B 373 8.15 5.86 58.25
CA LEU B 373 7.47 5.82 59.54
C LEU B 373 6.74 4.49 59.72
N GLN B 374 6.62 4.04 60.97
CA GLN B 374 6.25 2.66 61.23
C GLN B 374 4.81 2.46 61.70
N GLU B 375 4.37 3.15 62.76
CA GLU B 375 3.02 2.92 63.27
C GLU B 375 2.29 4.17 63.72
N ALA B 376 2.90 5.35 63.68
CA ALA B 376 2.26 6.56 64.18
C ALA B 376 1.18 7.02 63.20
N TYR B 377 -0.08 6.83 63.58
CA TYR B 377 -1.21 7.43 62.87
C TYR B 377 -1.87 8.54 63.64
N MET B 378 -1.43 8.81 64.87
CA MET B 378 -2.10 9.77 65.74
C MET B 378 -1.88 11.18 65.19
N THR B 379 -2.89 11.69 64.51
CA THR B 379 -2.93 12.95 63.78
C THR B 379 -4.41 13.20 63.49
N PRO B 380 -4.89 14.44 63.55
CA PRO B 380 -6.25 14.71 63.07
C PRO B 380 -6.41 14.61 61.56
N LYS B 381 -5.32 14.45 60.81
CA LYS B 381 -5.35 14.31 59.36
C LYS B 381 -5.23 12.86 58.92
N ASP B 382 -4.38 12.08 59.61
CA ASP B 382 -4.09 10.71 59.20
C ASP B 382 -5.27 9.78 59.38
N ASP B 383 -6.32 10.19 60.08
CA ASP B 383 -7.56 9.43 60.10
C ASP B 383 -8.21 9.34 58.72
N ILE B 384 -7.99 10.35 57.87
CA ILE B 384 -8.59 10.36 56.54
C ILE B 384 -7.97 9.28 55.67
N ARG B 385 -6.67 9.03 55.81
CA ARG B 385 -6.05 7.93 55.07
C ARG B 385 -6.55 6.58 55.55
N LEU B 386 -6.92 6.47 56.83
CA LEU B 386 -7.44 5.23 57.36
C LEU B 386 -8.79 4.90 56.75
N VAL B 387 -9.54 5.91 56.31
CA VAL B 387 -10.68 5.66 55.44
C VAL B 387 -10.19 5.18 54.08
N GLY B 388 -9.26 5.92 53.48
CA GLY B 388 -8.85 5.63 52.12
C GLY B 388 -8.11 4.33 51.95
N GLU B 389 -7.30 3.96 52.95
CA GLU B 389 -6.75 2.61 52.96
C GLU B 389 -7.85 1.57 53.10
N LEU B 390 -8.86 1.85 53.93
CA LEU B 390 -9.93 0.88 54.06
C LEU B 390 -10.91 0.93 52.89
N VAL B 391 -10.75 1.85 51.95
CA VAL B 391 -11.49 1.75 50.70
C VAL B 391 -10.84 0.71 49.80
N THR B 392 -9.56 0.90 49.50
CA THR B 392 -8.92 0.10 48.47
C THR B 392 -8.63 -1.34 48.89
N VAL B 393 -8.52 -1.62 50.20
CA VAL B 393 -8.31 -2.99 50.61
C VAL B 393 -9.60 -3.79 50.48
N ILE B 394 -10.73 -3.17 50.82
CA ILE B 394 -12.03 -3.79 50.58
C ILE B 394 -12.24 -3.99 49.09
N GLY B 395 -11.79 -3.04 48.27
CA GLY B 395 -11.88 -3.20 46.83
C GLY B 395 -11.02 -4.32 46.29
N ALA B 396 -9.89 -4.60 46.96
CA ALA B 396 -9.08 -5.73 46.53
C ALA B 396 -9.74 -7.05 46.88
N ILE B 397 -10.56 -7.08 47.93
CA ILE B 397 -11.25 -8.32 48.28
C ILE B 397 -12.36 -8.60 47.27
N ILE B 398 -13.06 -7.56 46.81
CA ILE B 398 -14.15 -7.74 45.86
C ILE B 398 -13.64 -8.25 44.51
N ILE B 399 -12.43 -7.86 44.12
CA ILE B 399 -11.85 -8.37 42.88
C ILE B 399 -11.55 -9.86 43.02
N LEU B 400 -11.02 -10.28 44.17
CA LEU B 400 -10.66 -11.67 44.31
C LEU B 400 -11.88 -12.56 44.56
N LEU B 401 -13.01 -11.99 44.94
CA LEU B 401 -14.19 -12.83 45.13
C LEU B 401 -14.98 -13.04 43.85
N VAL B 402 -14.65 -12.36 42.75
CA VAL B 402 -15.35 -12.56 41.49
C VAL B 402 -14.46 -13.09 40.39
N GLU B 403 -13.26 -13.55 40.72
CA GLU B 403 -12.39 -14.21 39.75
C GLU B 403 -11.93 -15.58 40.22
N VAL B 404 -11.61 -15.68 41.51
CA VAL B 404 -11.24 -16.98 42.08
C VAL B 404 -12.37 -18.00 42.03
N PRO B 405 -13.66 -17.64 42.26
CA PRO B 405 -14.72 -18.60 41.91
C PRO B 405 -14.82 -18.89 40.42
N ASP B 406 -14.28 -18.06 39.54
CA ASP B 406 -14.29 -18.40 38.13
C ASP B 406 -13.05 -19.18 37.70
N ILE B 407 -12.05 -19.32 38.56
CA ILE B 407 -10.94 -20.20 38.21
C ILE B 407 -11.32 -21.65 38.41
N PHE B 408 -11.84 -21.96 39.60
CA PHE B 408 -12.15 -23.35 39.96
C PHE B 408 -13.33 -23.89 39.17
N ARG B 409 -14.28 -23.03 38.80
CA ARG B 409 -15.43 -23.49 38.05
C ARG B 409 -15.08 -23.84 36.62
N MET B 410 -14.10 -23.16 36.03
CA MET B 410 -13.64 -23.49 34.70
C MET B 410 -12.35 -24.30 34.82
N GLY B 411 -11.70 -24.54 33.69
CA GLY B 411 -10.40 -25.17 33.73
C GLY B 411 -9.32 -24.22 34.20
N VAL B 412 -8.16 -24.80 34.54
CA VAL B 412 -7.03 -23.96 34.94
C VAL B 412 -6.41 -23.30 33.73
N THR B 413 -6.49 -23.93 32.56
CA THR B 413 -5.98 -23.35 31.33
C THR B 413 -7.12 -22.71 30.54
N ARG B 414 -7.81 -21.80 31.19
CA ARG B 414 -8.77 -20.94 30.51
C ARG B 414 -8.31 -19.50 30.43
N PHE B 415 -7.46 -19.08 31.35
CA PHE B 415 -7.06 -17.68 31.42
C PHE B 415 -5.75 -17.44 30.67
N PHE B 416 -4.89 -18.45 30.63
CA PHE B 416 -3.96 -18.55 29.51
C PHE B 416 -4.65 -19.12 28.28
N GLY B 417 -5.85 -19.68 28.45
CA GLY B 417 -6.59 -20.35 27.39
C GLY B 417 -7.21 -19.44 26.36
N GLN B 418 -8.23 -18.67 26.73
CA GLN B 418 -8.93 -17.82 25.77
C GLN B 418 -8.38 -16.40 25.74
N THR B 419 -7.11 -16.22 26.10
CA THR B 419 -6.54 -14.89 26.21
C THR B 419 -6.27 -14.22 24.87
N ILE B 420 -6.27 -14.96 23.77
CA ILE B 420 -5.95 -14.33 22.49
C ILE B 420 -7.13 -13.54 21.95
N LEU B 421 -8.36 -13.95 22.26
CA LEU B 421 -9.57 -13.20 21.96
C LEU B 421 -9.47 -11.90 22.73
N GLY B 422 -9.53 -12.01 24.05
CA GLY B 422 -8.90 -11.03 24.89
C GLY B 422 -8.89 -11.55 26.31
N GLY B 423 -7.68 -11.68 26.85
CA GLY B 423 -7.48 -12.05 28.23
C GLY B 423 -6.25 -11.59 29.03
N PRO B 424 -5.46 -10.57 28.65
CA PRO B 424 -4.46 -10.12 29.63
C PRO B 424 -5.11 -9.43 30.80
N PHE B 425 -6.26 -8.81 30.57
CA PHE B 425 -6.90 -8.01 31.60
C PHE B 425 -7.47 -8.87 32.72
N HIS B 426 -7.72 -10.15 32.47
CA HIS B 426 -8.11 -11.02 33.57
C HIS B 426 -6.89 -11.55 34.31
N VAL B 427 -5.68 -11.21 33.86
CA VAL B 427 -4.50 -11.59 34.62
C VAL B 427 -3.95 -10.40 35.37
N LEU B 428 -4.02 -9.21 34.78
CA LEU B 428 -3.52 -8.00 35.42
C LEU B 428 -4.31 -7.66 36.67
N ILE B 429 -5.64 -7.74 36.58
CA ILE B 429 -6.45 -7.28 37.69
C ILE B 429 -6.45 -8.30 38.83
N ILE B 430 -5.96 -9.52 38.59
CA ILE B 430 -5.55 -10.37 39.69
C ILE B 430 -4.29 -9.82 40.32
N THR B 431 -3.30 -9.47 39.49
CA THR B 431 -2.01 -9.05 39.99
C THR B 431 -2.09 -7.67 40.63
N TYR B 432 -3.03 -6.84 40.19
CA TYR B 432 -3.30 -5.60 40.91
C TYR B 432 -3.80 -5.88 42.31
N ALA B 433 -4.78 -6.77 42.44
CA ALA B 433 -5.32 -7.09 43.75
C ALA B 433 -4.31 -7.81 44.61
N PHE B 434 -3.41 -8.57 43.98
CA PHE B 434 -2.40 -9.28 44.75
C PHE B 434 -1.36 -8.33 45.31
N MET B 435 -1.02 -7.28 44.57
CA MET B 435 -0.01 -6.34 45.06
C MET B 435 -0.56 -5.42 46.13
N VAL B 436 -1.83 -5.04 46.04
CA VAL B 436 -2.43 -4.23 47.09
C VAL B 436 -2.59 -5.06 48.35
N LEU B 437 -2.86 -6.35 48.19
CA LEU B 437 -2.95 -7.22 49.35
C LEU B 437 -1.57 -7.43 49.99
N VAL B 438 -0.49 -7.23 49.24
CA VAL B 438 0.84 -7.31 49.83
C VAL B 438 1.12 -6.07 50.69
N THR B 439 0.78 -4.89 50.18
CA THR B 439 1.20 -3.66 50.85
C THR B 439 0.50 -3.41 52.17
N MET B 440 -0.54 -4.17 52.51
CA MET B 440 -1.04 -4.10 53.88
C MET B 440 -0.33 -5.11 54.77
N VAL B 441 0.14 -6.22 54.21
CA VAL B 441 1.01 -7.09 54.97
C VAL B 441 2.36 -6.43 55.19
N MET B 442 2.79 -5.61 54.23
CA MET B 442 4.01 -4.83 54.43
C MET B 442 3.79 -3.72 55.46
N ARG B 443 2.54 -3.35 55.71
CA ARG B 443 2.25 -2.28 56.65
C ARG B 443 1.97 -2.83 58.04
N LEU B 444 1.34 -4.00 58.11
CA LEU B 444 0.92 -4.53 59.41
C LEU B 444 2.11 -5.00 60.25
N ILE B 445 3.24 -5.32 59.62
CA ILE B 445 4.42 -5.69 60.37
C ILE B 445 5.54 -4.67 60.20
N SER B 446 5.29 -3.61 59.41
CA SER B 446 6.18 -2.44 59.25
C SER B 446 7.55 -2.83 58.68
N ALA B 447 7.55 -3.39 57.48
CA ALA B 447 8.80 -3.69 56.82
C ALA B 447 9.37 -2.43 56.21
N SER B 448 10.61 -2.54 55.72
CA SER B 448 11.28 -1.38 55.16
C SER B 448 10.90 -1.15 53.70
N GLY B 449 11.19 -2.12 52.85
CA GLY B 449 11.05 -1.94 51.41
C GLY B 449 9.62 -1.96 50.93
N GLU B 450 8.87 -0.92 51.29
CA GLU B 450 7.45 -0.86 51.01
C GLU B 450 7.14 -0.15 49.70
N VAL B 451 8.13 0.51 49.09
CA VAL B 451 7.88 1.19 47.83
C VAL B 451 7.85 0.25 46.66
N VAL B 452 8.16 -1.02 46.84
CA VAL B 452 8.12 -1.97 45.73
C VAL B 452 6.68 -2.30 45.35
N PRO B 453 5.78 -2.79 46.23
CA PRO B 453 4.46 -3.15 45.71
C PRO B 453 3.60 -1.95 45.42
N MET B 454 3.84 -0.82 46.08
CA MET B 454 3.07 0.38 45.77
C MET B 454 3.41 0.89 44.38
N SER B 455 4.65 0.70 43.95
CA SER B 455 5.02 1.12 42.60
C SER B 455 4.37 0.23 41.56
N PHE B 456 4.34 -1.07 41.80
CA PHE B 456 3.64 -1.96 40.88
C PHE B 456 2.14 -1.76 40.94
N ALA B 457 1.63 -1.24 42.05
CA ALA B 457 0.19 -1.05 42.16
C ALA B 457 -0.29 0.07 41.26
N LEU B 458 0.54 1.09 41.07
CA LEU B 458 0.10 2.23 40.27
C LEU B 458 0.25 1.96 38.79
N VAL B 459 1.31 1.25 38.40
CA VAL B 459 1.47 1.01 36.98
C VAL B 459 0.55 -0.10 36.51
N LEU B 460 0.33 -1.14 37.32
CA LEU B 460 -0.60 -2.17 36.91
C LEU B 460 -2.04 -1.74 37.12
N GLY B 461 -2.27 -0.82 38.06
CA GLY B 461 -3.61 -0.35 38.32
C GLY B 461 -4.13 0.48 37.17
N TRP B 462 -3.41 1.55 36.82
CA TRP B 462 -3.87 2.47 35.78
C TRP B 462 -3.94 1.81 34.43
N CYS B 463 -3.08 0.84 34.14
CA CYS B 463 -3.20 0.19 32.85
C CYS B 463 -4.41 -0.72 32.75
N ASN B 464 -5.08 -1.05 33.87
CA ASN B 464 -6.39 -1.67 33.76
C ASN B 464 -7.53 -0.68 33.65
N VAL B 465 -7.28 0.60 33.44
CA VAL B 465 -8.36 1.44 32.97
C VAL B 465 -8.64 1.12 31.51
N MET B 466 -7.60 0.70 30.80
CA MET B 466 -7.64 0.40 29.38
C MET B 466 -8.52 -0.80 29.04
N TYR B 467 -8.90 -1.61 30.04
CA TYR B 467 -9.93 -2.62 29.85
C TYR B 467 -11.26 -2.03 29.46
N PHE B 468 -11.55 -0.82 29.92
CA PHE B 468 -12.78 -0.17 29.53
C PHE B 468 -12.66 0.54 28.19
N ALA B 469 -11.52 0.43 27.52
CA ALA B 469 -11.36 1.04 26.21
C ALA B 469 -11.78 0.09 25.11
N ARG B 470 -12.95 -0.51 25.26
CA ARG B 470 -13.54 -1.31 24.20
C ARG B 470 -15.00 -1.01 24.02
N GLY B 471 -15.61 -0.23 24.89
CA GLY B 471 -16.99 0.15 24.72
C GLY B 471 -17.09 1.53 24.11
N PHE B 472 -16.18 1.85 23.21
CA PHE B 472 -16.18 3.12 22.52
C PHE B 472 -15.69 2.90 21.11
N GLN B 473 -16.29 3.61 20.16
CA GLN B 473 -15.93 3.40 18.77
C GLN B 473 -14.56 3.97 18.46
N MET B 474 -14.23 5.10 19.08
CA MET B 474 -13.02 5.83 18.75
C MET B 474 -11.78 5.14 19.27
N LEU B 475 -11.67 5.00 20.58
CA LEU B 475 -10.51 4.33 21.17
C LEU B 475 -10.81 2.87 21.46
N GLY B 476 -11.34 2.21 20.45
CA GLY B 476 -11.75 0.84 20.54
C GLY B 476 -10.70 -0.07 19.95
N PRO B 477 -10.85 -0.38 18.66
CA PRO B 477 -9.91 -1.28 17.98
C PRO B 477 -8.45 -0.86 18.02
N PHE B 478 -8.16 0.40 18.30
CA PHE B 478 -6.79 0.83 18.55
C PHE B 478 -6.20 0.16 19.79
N THR B 479 -7.03 -0.26 20.75
CA THR B 479 -6.51 -1.06 21.85
C THR B 479 -6.08 -2.44 21.36
N ILE B 480 -6.88 -3.08 20.51
CA ILE B 480 -6.58 -4.41 20.03
C ILE B 480 -5.36 -4.40 19.11
N MET B 481 -5.09 -3.28 18.46
CA MET B 481 -3.88 -3.16 17.67
C MET B 481 -2.63 -3.20 18.54
N ILE B 482 -2.75 -2.86 19.81
CA ILE B 482 -1.60 -2.92 20.70
C ILE B 482 -1.36 -4.34 21.19
N GLN B 483 -2.42 -5.02 21.61
CA GLN B 483 -2.30 -6.40 22.10
C GLN B 483 -1.81 -7.34 21.01
N LYS B 484 -2.13 -7.04 19.76
CA LYS B 484 -1.64 -7.83 18.65
C LYS B 484 -0.25 -7.37 18.21
N MET B 485 0.44 -6.58 19.02
CA MET B 485 1.76 -6.11 18.65
C MET B 485 2.76 -6.26 19.79
N ILE B 486 2.31 -6.09 21.02
CA ILE B 486 3.14 -6.48 22.18
C ILE B 486 3.40 -7.98 22.15
N PHE B 487 2.38 -8.77 21.88
CA PHE B 487 2.63 -10.18 21.65
C PHE B 487 2.84 -10.43 20.16
N GLY B 488 3.64 -9.58 19.56
CA GLY B 488 3.81 -9.49 18.13
C GLY B 488 5.21 -9.04 17.79
N ASP B 489 5.32 -7.99 16.98
CA ASP B 489 6.60 -7.57 16.45
C ASP B 489 7.52 -6.95 17.49
N LEU B 490 6.98 -6.40 18.57
CA LEU B 490 7.90 -5.88 19.59
C LEU B 490 8.52 -7.02 20.37
N MET B 491 7.80 -8.13 20.53
CA MET B 491 8.42 -9.33 21.06
C MET B 491 9.42 -9.89 20.07
N ARG B 492 9.16 -9.70 18.78
CA ARG B 492 10.12 -10.08 17.76
C ARG B 492 11.33 -9.17 17.79
N PHE B 493 11.12 -7.89 18.05
CA PHE B 493 12.21 -6.94 17.99
C PHE B 493 13.07 -7.00 19.23
N CYS B 494 12.49 -7.38 20.37
CA CYS B 494 13.18 -7.24 21.64
C CYS B 494 14.34 -8.22 21.75
N TRP B 495 14.26 -9.38 21.09
CA TRP B 495 15.36 -10.32 21.15
C TRP B 495 16.58 -9.78 20.42
N LEU B 496 16.40 -9.35 19.17
CA LEU B 496 17.53 -8.79 18.47
C LEU B 496 17.91 -7.42 18.98
N MET B 497 17.03 -6.78 19.75
CA MET B 497 17.50 -5.64 20.53
C MET B 497 18.36 -6.13 21.68
N ALA B 498 18.00 -7.24 22.30
CA ALA B 498 18.71 -7.67 23.50
C ALA B 498 20.10 -8.20 23.19
N VAL B 499 20.31 -8.73 21.99
CA VAL B 499 21.59 -9.32 21.68
C VAL B 499 22.62 -8.25 21.40
N VAL B 500 22.20 -7.20 20.68
CA VAL B 500 23.11 -6.10 20.39
C VAL B 500 23.38 -5.29 21.65
N ILE B 501 22.35 -5.10 22.48
CA ILE B 501 22.43 -4.13 23.57
C ILE B 501 23.39 -4.59 24.65
N LEU B 502 23.59 -5.89 24.80
CA LEU B 502 24.64 -6.31 25.71
C LEU B 502 25.91 -6.68 24.97
N GLY B 503 25.89 -6.62 23.64
CA GLY B 503 27.12 -6.76 22.91
C GLY B 503 27.99 -5.52 23.02
N PHE B 504 27.45 -4.37 22.57
CA PHE B 504 28.20 -3.14 22.62
C PHE B 504 28.47 -2.67 24.05
N ALA B 505 27.58 -3.00 24.98
CA ALA B 505 27.73 -2.52 26.33
C ALA B 505 28.94 -3.15 27.00
N SER B 506 29.14 -4.44 26.78
CA SER B 506 30.36 -5.05 27.26
C SER B 506 31.56 -4.53 26.50
N ALA B 507 31.38 -4.14 25.25
CA ALA B 507 32.48 -3.54 24.50
C ALA B 507 32.70 -2.10 24.93
N PHE B 508 31.67 -1.44 25.45
CA PHE B 508 31.92 -0.14 26.05
C PHE B 508 32.61 -0.26 27.39
N TYR B 509 32.28 -1.29 28.16
CA TYR B 509 32.70 -1.35 29.55
C TYR B 509 34.20 -1.55 29.67
N ILE B 510 34.80 -2.32 28.77
CA ILE B 510 36.25 -2.50 28.82
C ILE B 510 37.00 -1.41 28.10
N ILE B 511 36.33 -0.36 27.67
CA ILE B 511 37.03 0.82 27.20
C ILE B 511 37.17 1.83 28.32
N PHE B 512 36.07 2.15 28.98
CA PHE B 512 36.10 3.16 30.03
C PHE B 512 36.46 2.58 31.38
N GLN B 513 36.92 1.33 31.43
CA GLN B 513 37.39 0.83 32.70
C GLN B 513 38.75 1.41 33.03
N THR B 514 39.51 1.77 32.01
CA THR B 514 40.78 2.46 32.24
C THR B 514 40.55 3.97 32.16
N GLU B 515 39.77 4.46 33.13
CA GLU B 515 39.32 5.84 33.12
C GLU B 515 38.79 6.17 34.51
N ASP B 516 38.90 7.43 34.91
CA ASP B 516 38.28 7.88 36.15
C ASP B 516 36.87 8.37 35.83
N PRO B 517 35.83 7.77 36.40
CA PRO B 517 34.46 8.15 36.06
C PRO B 517 33.96 9.44 36.70
N GLU B 518 34.83 10.30 37.22
CA GLU B 518 34.36 11.57 37.78
C GLU B 518 33.86 12.47 36.67
N GLU B 519 34.55 12.47 35.53
CA GLU B 519 34.08 13.15 34.34
C GLU B 519 33.80 12.11 33.27
N LEU B 520 32.60 12.17 32.70
CA LEU B 520 32.05 11.17 31.79
C LEU B 520 32.09 9.79 32.44
N GLY B 521 31.44 9.72 33.58
CA GLY B 521 31.13 8.45 34.18
C GLY B 521 29.74 8.04 33.75
N HIS B 522 29.54 7.87 32.45
CA HIS B 522 28.27 7.34 31.97
C HIS B 522 28.05 5.92 32.43
N PHE B 523 29.13 5.16 32.64
CA PHE B 523 29.02 3.80 33.13
C PHE B 523 30.33 3.39 33.79
N TYR B 524 30.27 3.18 35.11
CA TYR B 524 31.38 2.72 35.91
C TYR B 524 31.28 1.26 36.27
N ASP B 525 30.08 0.75 36.47
CA ASP B 525 29.85 -0.63 36.89
C ASP B 525 29.12 -1.36 35.78
N TYR B 526 29.38 -2.67 35.67
CA TYR B 526 28.82 -3.43 34.57
C TYR B 526 27.30 -3.58 34.62
N PRO B 527 26.63 -3.63 35.78
CA PRO B 527 25.18 -3.43 35.73
C PRO B 527 24.77 -1.98 35.78
N MET B 528 25.52 -1.14 35.11
CA MET B 528 25.05 0.18 34.70
C MET B 528 25.27 0.41 33.22
N ALA B 529 26.33 -0.17 32.64
CA ALA B 529 26.53 -0.09 31.21
C ALA B 529 25.49 -0.92 30.47
N LEU B 530 24.93 -1.93 31.11
CA LEU B 530 23.74 -2.55 30.57
C LEU B 530 22.59 -1.56 30.54
N PHE B 531 22.46 -0.74 31.58
CA PHE B 531 21.37 0.21 31.61
C PHE B 531 21.69 1.44 30.77
N SER B 532 22.94 1.89 30.80
CA SER B 532 23.27 3.13 30.11
C SER B 532 23.39 2.92 28.62
N THR B 533 23.46 1.69 28.17
CA THR B 533 23.41 1.48 26.74
C THR B 533 21.97 1.34 26.28
N PHE B 534 21.12 0.74 27.11
CA PHE B 534 19.71 0.58 26.76
C PHE B 534 19.02 1.92 26.63
N GLU B 535 19.35 2.87 27.49
CA GLU B 535 18.86 4.22 27.30
C GLU B 535 19.43 4.84 26.04
N LEU B 536 20.65 4.47 25.69
CA LEU B 536 21.27 5.09 24.54
C LEU B 536 20.75 4.51 23.24
N PHE B 537 20.27 3.27 23.28
CA PHE B 537 19.80 2.61 22.08
C PHE B 537 18.49 3.20 21.60
N LEU B 538 17.69 3.74 22.49
CA LEU B 538 16.44 4.37 22.11
C LEU B 538 16.57 5.87 22.01
N THR B 539 17.81 6.38 22.07
CA THR B 539 18.15 7.80 21.93
C THR B 539 17.42 8.69 22.93
N ILE B 540 17.11 8.16 24.12
CA ILE B 540 16.44 8.95 25.12
C ILE B 540 17.41 9.54 26.13
N ILE B 541 18.71 9.37 25.92
CA ILE B 541 19.72 10.10 26.67
C ILE B 541 20.67 10.75 25.68
N ASP B 542 21.69 11.39 26.22
CA ASP B 542 22.27 12.54 25.54
C ASP B 542 23.42 12.14 24.63
N GLY B 543 23.96 10.94 24.80
CA GLY B 543 25.13 10.55 24.06
C GLY B 543 26.38 11.07 24.74
N PRO B 544 27.34 10.19 24.99
CA PRO B 544 28.43 10.51 25.91
C PRO B 544 29.45 11.42 25.24
N ALA B 545 29.66 12.58 25.83
CA ALA B 545 30.65 13.51 25.34
C ALA B 545 31.11 14.38 26.49
N ASN B 546 32.40 14.63 26.55
CA ASN B 546 32.93 15.57 27.52
C ASN B 546 33.58 16.77 26.89
N TYR B 547 34.12 16.64 25.69
CA TYR B 547 34.68 17.73 24.87
C TYR B 547 35.84 18.45 25.54
N ASN B 548 36.38 17.91 26.63
CA ASN B 548 37.33 18.69 27.39
C ASN B 548 38.58 17.88 27.62
N VAL B 549 38.41 16.58 27.85
CA VAL B 549 39.53 15.66 28.00
C VAL B 549 39.39 14.58 26.92
N ASP B 550 40.51 14.11 26.39
CA ASP B 550 40.42 13.13 25.31
C ASP B 550 39.97 11.75 25.80
N LEU B 551 38.68 11.53 25.65
CA LEU B 551 38.12 10.20 25.82
C LEU B 551 38.69 9.27 24.76
N PRO B 552 38.93 7.99 25.08
CA PRO B 552 39.87 7.17 24.30
C PRO B 552 39.40 6.87 22.88
N PHE B 553 40.36 6.38 22.09
CA PHE B 553 40.14 6.31 20.64
C PHE B 553 39.19 5.19 20.28
N MET B 554 39.33 4.02 20.91
CA MET B 554 38.47 2.90 20.55
C MET B 554 37.05 3.08 21.02
N TYR B 555 36.75 4.07 21.86
CA TYR B 555 35.38 4.53 22.00
C TYR B 555 34.86 5.06 20.69
N SER B 556 35.54 6.08 20.16
CA SER B 556 34.95 6.93 19.14
C SER B 556 34.80 6.23 17.81
N ILE B 557 35.55 5.16 17.58
CA ILE B 557 35.24 4.35 16.41
C ILE B 557 34.07 3.42 16.69
N THR B 558 34.04 2.78 17.86
CA THR B 558 32.96 1.81 18.06
C THR B 558 31.67 2.46 18.49
N TYR B 559 31.69 3.74 18.85
CA TYR B 559 30.43 4.40 19.10
C TYR B 559 29.74 4.78 17.81
N ALA B 560 30.52 5.21 16.82
CA ALA B 560 29.93 5.58 15.56
C ALA B 560 29.40 4.35 14.83
N ALA B 561 30.11 3.24 14.95
CA ALA B 561 29.61 2.01 14.35
C ALA B 561 28.43 1.47 15.14
N PHE B 562 28.30 1.85 16.40
CA PHE B 562 27.09 1.51 17.13
C PHE B 562 25.91 2.27 16.59
N ALA B 563 26.02 3.58 16.44
CA ALA B 563 24.86 4.41 16.17
C ALA B 563 24.28 4.18 14.80
N ILE B 564 25.06 3.63 13.87
CA ILE B 564 24.51 3.30 12.56
C ILE B 564 23.56 2.12 12.66
N ILE B 565 23.99 1.02 13.28
CA ILE B 565 23.10 -0.13 13.37
C ILE B 565 22.19 -0.04 14.59
N ALA B 566 22.13 1.12 15.24
CA ALA B 566 21.19 1.31 16.32
C ALA B 566 20.15 2.37 15.99
N THR B 567 20.57 3.59 15.74
CA THR B 567 19.60 4.65 15.52
C THR B 567 19.17 4.71 14.07
N LEU B 568 20.08 4.43 13.16
CA LEU B 568 19.77 4.57 11.75
C LEU B 568 19.24 3.27 11.14
N LEU B 569 19.46 2.13 11.78
CA LEU B 569 18.99 0.86 11.22
C LEU B 569 17.93 0.17 12.07
N MET B 570 18.26 -0.21 13.32
CA MET B 570 17.34 -1.06 14.09
C MET B 570 16.10 -0.30 14.55
N LEU B 571 16.28 0.95 14.98
CA LEU B 571 15.18 1.68 15.59
C LEU B 571 14.11 2.01 14.56
N ASN B 572 14.51 2.35 13.36
CA ASN B 572 13.54 2.75 12.36
C ASN B 572 13.31 1.71 11.28
N LEU B 573 13.95 0.55 11.35
CA LEU B 573 13.35 -0.59 10.69
C LEU B 573 12.10 -1.00 11.43
N LEU B 574 12.13 -0.85 12.75
CA LEU B 574 11.03 -1.30 13.59
C LEU B 574 9.78 -0.46 13.36
N ILE B 575 9.91 0.75 12.80
CA ILE B 575 8.70 1.44 12.38
C ILE B 575 8.28 1.01 10.99
N ALA B 576 9.22 0.52 10.17
CA ALA B 576 8.84 0.10 8.84
C ALA B 576 8.04 -1.19 8.88
N MET B 577 8.47 -2.17 9.66
CA MET B 577 7.68 -3.38 9.70
C MET B 577 6.43 -3.20 10.53
N MET B 578 6.39 -2.18 11.38
CA MET B 578 5.17 -1.93 12.12
C MET B 578 4.15 -1.22 11.25
N GLY B 579 4.64 -0.41 10.32
CA GLY B 579 3.74 0.14 9.33
C GLY B 579 3.23 -0.90 8.36
N ASP B 580 4.08 -1.86 8.00
CA ASP B 580 3.64 -2.88 7.07
C ASP B 580 2.69 -3.87 7.73
N THR B 581 2.90 -4.21 8.98
CA THR B 581 2.03 -5.17 9.64
C THR B 581 0.70 -4.55 10.05
N HIS B 582 0.53 -3.24 9.87
CA HIS B 582 -0.72 -2.61 10.29
C HIS B 582 -1.86 -2.92 9.33
N TRP B 583 -1.70 -2.59 8.04
CA TRP B 583 -2.81 -2.73 7.10
C TRP B 583 -3.09 -4.16 6.72
N ARG B 584 -2.18 -5.09 6.97
CA ARG B 584 -2.47 -6.46 6.65
C ARG B 584 -3.28 -7.16 7.72
N VAL B 585 -3.53 -6.51 8.85
CA VAL B 585 -4.49 -7.00 9.83
C VAL B 585 -5.58 -5.99 10.09
N ALA B 586 -5.73 -4.97 9.23
CA ALA B 586 -6.72 -3.94 9.46
C ALA B 586 -8.13 -4.46 9.28
N HIS B 587 -8.31 -5.47 8.44
CA HIS B 587 -9.64 -6.05 8.32
C HIS B 587 -9.90 -7.08 9.40
N GLU B 588 -8.84 -7.69 9.95
CA GLU B 588 -9.04 -8.71 10.97
C GLU B 588 -9.37 -8.08 12.31
N ARG B 589 -8.79 -6.93 12.63
CA ARG B 589 -9.05 -6.29 13.91
C ARG B 589 -10.47 -5.76 14.00
N ASP B 590 -11.06 -5.38 12.87
CA ASP B 590 -12.43 -4.92 12.89
C ASP B 590 -13.40 -6.09 13.07
N GLU B 591 -12.94 -7.32 12.89
CA GLU B 591 -13.71 -8.46 13.38
C GLU B 591 -13.43 -8.75 14.84
N LEU B 592 -12.18 -8.56 15.27
CA LEU B 592 -11.81 -8.81 16.66
C LEU B 592 -12.57 -7.91 17.61
N TRP B 593 -12.88 -6.69 17.17
CA TRP B 593 -13.61 -5.78 18.02
C TRP B 593 -15.04 -6.25 18.23
N ARG B 594 -15.72 -6.62 17.14
CA ARG B 594 -17.09 -7.10 17.26
C ARG B 594 -17.12 -8.44 17.98
N ALA B 595 -16.03 -9.19 17.92
CA ALA B 595 -15.95 -10.40 18.73
C ALA B 595 -15.79 -10.04 20.19
N GLN B 596 -15.00 -9.01 20.47
CA GLN B 596 -14.72 -8.66 21.85
C GLN B 596 -15.93 -8.05 22.51
N ILE B 597 -16.78 -7.39 21.73
CA ILE B 597 -17.92 -6.71 22.33
C ILE B 597 -19.02 -7.68 22.69
N VAL B 598 -19.08 -8.84 22.03
CA VAL B 598 -20.02 -9.87 22.43
C VAL B 598 -19.56 -10.50 23.72
N ALA B 599 -18.25 -10.76 23.81
CA ALA B 599 -17.69 -11.38 25.00
C ALA B 599 -17.76 -10.46 26.20
N THR B 600 -17.84 -9.16 25.98
CA THR B 600 -18.11 -8.27 27.09
C THR B 600 -19.57 -8.34 27.49
N THR B 601 -20.46 -8.51 26.52
CA THR B 601 -21.89 -8.54 26.81
C THR B 601 -22.27 -9.78 27.61
N VAL B 602 -21.80 -10.94 27.17
CA VAL B 602 -22.19 -12.20 27.80
C VAL B 602 -21.56 -12.32 29.19
N MET B 603 -20.32 -11.87 29.33
CA MET B 603 -19.68 -11.87 30.65
C MET B 603 -20.36 -10.88 31.58
N LEU B 604 -20.89 -9.80 31.03
CA LEU B 604 -21.69 -8.90 31.85
C LEU B 604 -23.04 -9.52 32.16
N GLU B 605 -23.53 -10.39 31.28
CA GLU B 605 -24.85 -11.00 31.45
C GLU B 605 -24.84 -12.00 32.59
N ARG B 606 -23.73 -12.72 32.75
CA ARG B 606 -23.72 -13.85 33.66
C ARG B 606 -23.73 -13.39 35.12
N LYS B 607 -23.13 -12.24 35.39
CA LYS B 607 -22.92 -11.85 36.77
C LYS B 607 -24.08 -11.02 37.32
N LEU B 608 -24.76 -10.29 36.46
CA LEU B 608 -25.88 -9.47 36.91
C LEU B 608 -27.09 -10.37 37.19
N PRO B 609 -27.86 -10.08 38.23
CA PRO B 609 -28.96 -10.97 38.60
C PRO B 609 -30.17 -10.77 37.68
N ARG B 610 -31.22 -11.53 37.97
CA ARG B 610 -32.44 -11.53 37.17
C ARG B 610 -33.32 -10.33 37.50
N CYS B 611 -33.13 -9.71 38.67
CA CYS B 611 -33.87 -8.50 39.03
C CYS B 611 -33.51 -7.36 38.10
N LEU B 612 -32.30 -7.36 37.57
CA LEU B 612 -31.91 -6.48 36.48
C LEU B 612 -31.85 -7.33 35.20
N TRP B 613 -31.52 -6.69 34.07
CA TRP B 613 -31.23 -7.33 32.78
C TRP B 613 -32.39 -8.16 32.25
N PRO B 614 -33.40 -7.55 31.64
CA PRO B 614 -34.48 -8.34 31.02
C PRO B 614 -33.96 -9.21 29.89
N ARG B 615 -34.65 -10.32 29.65
CA ARG B 615 -34.29 -11.17 28.53
C ARG B 615 -34.65 -10.49 27.22
N SER B 616 -33.92 -10.84 26.18
CA SER B 616 -34.06 -10.14 24.92
C SER B 616 -35.25 -10.68 24.13
N GLY B 617 -35.89 -9.79 23.38
CA GLY B 617 -36.97 -10.19 22.52
C GLY B 617 -38.28 -10.42 23.25
N ILE B 618 -39.35 -10.51 22.48
CA ILE B 618 -40.67 -10.62 23.07
C ILE B 618 -40.93 -12.07 23.46
N CYS B 619 -41.97 -12.28 24.26
CA CYS B 619 -42.25 -13.60 24.80
C CYS B 619 -43.43 -14.26 24.08
N GLY B 620 -43.65 -15.51 24.43
CA GLY B 620 -44.84 -16.24 24.11
C GLY B 620 -45.83 -16.15 25.25
N ARG B 621 -46.71 -17.15 25.33
CA ARG B 621 -47.76 -17.33 26.35
C ARG B 621 -48.79 -16.22 26.37
N GLU B 622 -48.78 -15.34 25.37
CA GLU B 622 -49.76 -14.30 25.21
C GLU B 622 -50.27 -14.24 23.79
N TYR B 623 -49.71 -15.02 22.89
CA TYR B 623 -49.95 -14.89 21.47
C TYR B 623 -50.15 -16.25 20.82
N GLY B 624 -50.21 -17.32 21.60
CA GLY B 624 -50.39 -18.66 21.08
C GLY B 624 -49.17 -19.21 20.40
N LEU B 625 -48.00 -19.06 21.03
CA LEU B 625 -46.77 -19.50 20.40
C LEU B 625 -46.02 -20.49 21.26
N GLY B 626 -46.27 -20.50 22.56
CA GLY B 626 -45.62 -21.41 23.48
C GLY B 626 -44.81 -20.68 24.53
N ASP B 627 -43.87 -21.40 25.11
CA ASP B 627 -43.02 -20.82 26.13
C ASP B 627 -41.76 -20.20 25.54
N ARG B 628 -41.52 -20.42 24.26
CA ARG B 628 -40.29 -19.93 23.65
C ARG B 628 -40.39 -18.43 23.37
N TRP B 629 -39.24 -17.78 23.34
CA TRP B 629 -39.16 -16.35 23.07
C TRP B 629 -39.03 -16.11 21.57
N PHE B 630 -39.08 -14.85 21.16
CA PHE B 630 -39.00 -14.52 19.74
C PHE B 630 -38.35 -13.16 19.55
N LEU B 631 -37.89 -12.93 18.32
CA LEU B 631 -37.34 -11.66 17.88
C LEU B 631 -37.79 -11.47 16.44
N ARG B 632 -38.09 -10.23 16.06
CA ARG B 632 -38.49 -9.94 14.70
C ARG B 632 -37.61 -8.85 14.11
N VAL B 633 -37.61 -8.79 12.79
CA VAL B 633 -36.81 -7.83 12.05
C VAL B 633 -37.43 -7.71 10.67
N GLU B 634 -37.23 -6.56 10.02
CA GLU B 634 -37.85 -6.30 8.74
C GLU B 634 -36.90 -5.49 7.87
N ASP B 635 -37.02 -5.68 6.55
CA ASP B 635 -36.03 -5.16 5.62
C ASP B 635 -36.61 -5.12 4.21
N ARG B 636 -35.82 -4.56 3.29
CA ARG B 636 -36.19 -4.41 1.89
C ARG B 636 -35.41 -5.42 1.05
N GLN B 637 -36.08 -6.03 0.08
CA GLN B 637 -35.54 -7.14 -0.71
C GLN B 637 -35.77 -6.89 -2.21
N ASP B 638 -35.15 -5.80 -2.71
CA ASP B 638 -35.45 -5.03 -3.93
C ASP B 638 -36.09 -5.76 -5.11
N LEU B 639 -35.47 -6.86 -5.55
CA LEU B 639 -36.06 -7.70 -6.60
C LEU B 639 -35.47 -9.10 -6.51
N ARG C 26 -38.18 7.64 21.51
CA ARG C 26 -36.77 7.30 21.58
C ARG C 26 -36.52 5.87 21.13
N GLU C 27 -36.36 4.96 22.09
CA GLU C 27 -36.03 3.59 21.75
C GLU C 27 -37.19 2.63 21.99
N SER C 28 -37.97 2.87 23.05
CA SER C 28 -39.09 2.01 23.37
C SER C 28 -40.24 2.13 22.38
N TRP C 29 -40.18 3.10 21.46
CA TRP C 29 -41.15 3.17 20.38
C TRP C 29 -41.00 1.99 19.43
N ALA C 30 -39.80 1.42 19.33
CA ALA C 30 -39.65 0.15 18.61
C ALA C 30 -40.27 -0.99 19.41
N GLN C 31 -40.21 -0.92 20.74
CA GLN C 31 -40.79 -1.93 21.62
C GLN C 31 -42.32 -1.86 21.62
N SER C 32 -42.92 -0.75 21.21
CA SER C 32 -44.36 -0.69 21.06
C SER C 32 -44.83 -0.96 19.64
N ARG C 33 -43.93 -0.85 18.67
CA ARG C 33 -44.35 -1.06 17.28
C ARG C 33 -44.46 -2.54 16.98
N ASP C 34 -43.49 -3.32 17.43
CA ASP C 34 -43.45 -4.73 17.12
C ASP C 34 -44.57 -5.51 17.81
N GLU C 35 -45.04 -5.05 18.96
CA GLU C 35 -46.16 -5.71 19.63
C GLU C 35 -47.46 -5.56 18.85
N GLN C 36 -47.60 -4.51 18.04
CA GLN C 36 -48.73 -4.42 17.15
C GLN C 36 -48.70 -5.53 16.11
N ASN C 37 -47.51 -5.89 15.63
CA ASN C 37 -47.42 -6.93 14.62
C ASN C 37 -47.69 -8.30 15.21
N LEU C 38 -47.33 -8.51 16.47
CA LEU C 38 -47.69 -9.77 17.11
C LEU C 38 -49.17 -9.81 17.46
N LEU C 39 -49.74 -8.66 17.81
CA LEU C 39 -51.13 -8.66 18.25
C LEU C 39 -52.07 -8.89 17.08
N GLN C 40 -51.60 -8.57 15.87
CA GLN C 40 -52.35 -8.89 14.67
C GLN C 40 -52.49 -10.39 14.49
N GLN C 41 -51.44 -11.13 14.83
CA GLN C 41 -51.48 -12.55 14.61
C GLN C 41 -52.32 -13.28 15.63
N LYS C 42 -52.68 -12.62 16.73
CA LYS C 42 -53.68 -13.18 17.62
C LYS C 42 -55.07 -12.86 17.12
N ARG C 43 -55.28 -11.65 16.62
CA ARG C 43 -56.58 -11.28 16.11
C ARG C 43 -56.86 -11.94 14.77
N ILE C 44 -55.81 -12.35 14.04
CA ILE C 44 -56.05 -13.15 12.85
C ILE C 44 -56.35 -14.60 13.23
N TRP C 45 -56.11 -14.97 14.48
CA TRP C 45 -56.24 -16.35 14.91
C TRP C 45 -57.58 -16.60 15.60
N GLU C 46 -57.99 -15.72 16.51
CA GLU C 46 -59.23 -15.91 17.25
C GLU C 46 -60.46 -15.40 16.51
N SER C 47 -60.37 -15.20 15.21
CA SER C 47 -61.46 -14.65 14.41
C SER C 47 -61.80 -15.58 13.27
N PRO C 48 -63.02 -16.13 13.22
CA PRO C 48 -63.31 -17.23 12.28
C PRO C 48 -63.33 -16.84 10.81
N LEU C 49 -64.07 -15.78 10.45
CA LEU C 49 -64.13 -15.38 9.05
C LEU C 49 -62.85 -14.71 8.62
N LEU C 50 -62.17 -14.06 9.55
CA LEU C 50 -61.01 -13.26 9.22
C LEU C 50 -59.78 -14.14 8.98
N LEU C 51 -59.68 -15.28 9.66
CA LEU C 51 -58.65 -16.25 9.31
C LEU C 51 -58.97 -16.87 7.95
N ALA C 52 -60.25 -17.04 7.65
CA ALA C 52 -60.64 -17.47 6.31
C ALA C 52 -60.38 -16.39 5.28
N ALA C 53 -60.28 -15.13 5.70
CA ALA C 53 -59.81 -14.10 4.79
C ALA C 53 -58.31 -14.15 4.60
N LYS C 54 -57.57 -14.68 5.57
CA LYS C 54 -56.12 -14.76 5.43
C LYS C 54 -55.72 -15.82 4.42
N ASP C 55 -56.47 -16.90 4.37
CA ASP C 55 -56.36 -17.86 3.29
C ASP C 55 -57.41 -17.53 2.25
N ASN C 56 -57.63 -18.42 1.29
CA ASN C 56 -58.73 -18.19 0.37
C ASN C 56 -60.05 -18.59 1.03
N ASP C 57 -60.23 -19.89 1.25
CA ASP C 57 -61.40 -20.49 1.92
C ASP C 57 -62.73 -20.01 1.33
N VAL C 58 -62.76 -19.86 0.00
CA VAL C 58 -63.87 -19.17 -0.64
C VAL C 58 -65.14 -20.02 -0.60
N GLN C 59 -65.00 -21.34 -0.42
CA GLN C 59 -66.17 -22.15 -0.13
C GLN C 59 -66.64 -21.93 1.30
N ALA C 60 -65.70 -21.83 2.23
CA ALA C 60 -66.08 -21.66 3.63
C ALA C 60 -66.47 -20.22 3.92
N LEU C 61 -65.73 -19.26 3.36
CA LEU C 61 -66.04 -17.86 3.60
C LEU C 61 -67.36 -17.44 2.96
N ASN C 62 -67.79 -18.15 1.92
CA ASN C 62 -69.14 -17.98 1.41
C ASN C 62 -70.16 -18.36 2.47
N LYS C 63 -69.91 -19.45 3.19
CA LYS C 63 -70.83 -19.89 4.23
C LYS C 63 -70.63 -19.13 5.52
N LEU C 64 -69.38 -18.73 5.82
CA LEU C 64 -69.09 -18.01 7.06
C LEU C 64 -69.72 -16.63 7.09
N LEU C 65 -70.03 -16.06 5.92
CA LEU C 65 -70.70 -14.77 5.91
C LEU C 65 -72.20 -14.94 6.16
N LYS C 66 -72.81 -15.98 5.61
CA LYS C 66 -74.26 -16.16 5.65
C LYS C 66 -74.66 -16.64 7.04
N TYR C 67 -74.83 -15.66 7.93
CA TYR C 67 -75.30 -15.90 9.28
C TYR C 67 -76.10 -14.68 9.72
N GLU C 68 -76.55 -14.70 10.97
CA GLU C 68 -77.36 -13.62 11.49
C GLU C 68 -76.48 -12.44 11.92
N ASP C 69 -75.59 -12.66 12.88
CA ASP C 69 -74.77 -11.57 13.41
C ASP C 69 -73.30 -12.00 13.31
N CYS C 70 -72.72 -11.82 12.14
CA CYS C 70 -71.31 -12.06 11.85
C CYS C 70 -70.77 -10.93 10.99
N LYS C 71 -70.95 -9.70 11.47
CA LYS C 71 -70.73 -8.49 10.68
C LYS C 71 -69.27 -8.36 10.25
N VAL C 72 -69.07 -7.58 9.18
CA VAL C 72 -67.75 -7.47 8.56
C VAL C 72 -66.99 -6.26 9.06
N HIS C 73 -67.58 -5.43 9.89
CA HIS C 73 -66.94 -4.22 10.36
C HIS C 73 -66.05 -4.45 11.57
N GLN C 74 -65.86 -5.70 11.98
CA GLN C 74 -64.95 -5.98 13.08
C GLN C 74 -63.52 -5.73 12.65
N ARG C 75 -62.69 -5.29 13.59
CA ARG C 75 -61.35 -4.87 13.28
C ARG C 75 -60.35 -5.60 14.16
N GLY C 76 -59.18 -5.86 13.58
CA GLY C 76 -58.15 -6.59 14.27
C GLY C 76 -57.37 -5.71 15.23
N ALA C 77 -56.06 -5.97 15.26
CA ALA C 77 -55.18 -5.23 16.14
C ALA C 77 -54.99 -3.80 15.68
N MET C 78 -54.69 -3.60 14.40
CA MET C 78 -54.40 -2.30 13.87
C MET C 78 -55.63 -1.62 13.28
N GLY C 79 -56.82 -2.09 13.65
CA GLY C 79 -58.05 -1.50 13.16
C GLY C 79 -58.26 -1.79 11.70
N GLU C 80 -58.40 -3.06 11.34
CA GLU C 80 -58.37 -3.44 9.93
C GLU C 80 -59.52 -4.38 9.61
N THR C 81 -60.11 -4.20 8.43
CA THR C 81 -61.28 -4.97 8.06
C THR C 81 -60.91 -6.25 7.35
N ALA C 82 -61.93 -7.05 7.04
CA ALA C 82 -61.69 -8.34 6.41
C ALA C 82 -61.36 -8.21 4.94
N LEU C 83 -61.60 -7.05 4.34
CA LEU C 83 -61.21 -6.86 2.95
C LEU C 83 -59.72 -6.63 2.84
N HIS C 84 -59.13 -5.90 3.81
CA HIS C 84 -57.71 -5.57 3.77
C HIS C 84 -56.83 -6.81 3.88
N ILE C 85 -57.21 -7.72 4.76
CA ILE C 85 -56.45 -8.95 4.94
C ILE C 85 -56.51 -9.80 3.69
N ALA C 86 -57.66 -9.79 3.01
CA ALA C 86 -57.77 -10.46 1.73
C ALA C 86 -56.90 -9.78 0.69
N ALA C 87 -56.67 -8.48 0.83
CA ALA C 87 -55.79 -7.78 -0.09
C ALA C 87 -54.33 -7.99 0.29
N LEU C 88 -54.04 -7.99 1.58
CA LEU C 88 -52.65 -7.94 2.02
C LEU C 88 -51.94 -9.27 1.80
N TYR C 89 -52.69 -10.36 1.67
CA TYR C 89 -52.17 -11.64 1.21
C TYR C 89 -52.65 -11.96 -0.20
N ASP C 90 -52.83 -10.93 -1.04
CA ASP C 90 -53.22 -10.88 -2.46
C ASP C 90 -54.16 -11.99 -2.92
N ASN C 91 -55.22 -12.24 -2.14
CA ASN C 91 -56.20 -13.27 -2.45
C ASN C 91 -57.36 -12.62 -3.18
N LEU C 92 -57.41 -12.82 -4.50
CA LEU C 92 -58.40 -12.13 -5.31
C LEU C 92 -59.79 -12.73 -5.12
N GLU C 93 -59.86 -14.06 -4.97
CA GLU C 93 -61.16 -14.71 -4.85
C GLU C 93 -61.85 -14.36 -3.54
N ALA C 94 -61.09 -14.28 -2.46
CA ALA C 94 -61.68 -13.90 -1.19
C ALA C 94 -61.96 -12.40 -1.14
N ALA C 95 -61.33 -11.64 -2.00
CA ALA C 95 -61.57 -10.20 -2.02
C ALA C 95 -62.95 -9.88 -2.60
N MET C 96 -63.29 -10.47 -3.74
CA MET C 96 -64.52 -10.08 -4.44
C MET C 96 -65.77 -10.56 -3.72
N VAL C 97 -65.68 -11.63 -2.94
CA VAL C 97 -66.85 -12.12 -2.23
C VAL C 97 -67.22 -11.16 -1.10
N LEU C 98 -66.20 -10.55 -0.47
CA LEU C 98 -66.48 -9.51 0.51
C LEU C 98 -67.05 -8.26 -0.13
N MET C 99 -66.67 -7.96 -1.36
CA MET C 99 -67.27 -6.85 -2.08
C MET C 99 -68.70 -7.16 -2.49
N GLU C 100 -68.94 -8.38 -2.96
CA GLU C 100 -70.26 -8.79 -3.43
C GLU C 100 -71.25 -8.87 -2.27
N ALA C 101 -70.77 -9.25 -1.09
CA ALA C 101 -71.64 -9.35 0.07
C ALA C 101 -71.72 -8.06 0.86
N ALA C 102 -70.76 -7.15 0.68
CA ALA C 102 -70.75 -5.89 1.41
C ALA C 102 -70.23 -4.77 0.51
N PRO C 103 -71.12 -3.97 -0.07
CA PRO C 103 -70.67 -2.88 -0.95
C PRO C 103 -70.06 -1.70 -0.22
N GLU C 104 -70.40 -1.49 1.05
CA GLU C 104 -69.86 -0.35 1.78
C GLU C 104 -68.43 -0.58 2.22
N LEU C 105 -67.96 -1.83 2.18
CA LEU C 105 -66.72 -2.24 2.84
C LEU C 105 -65.47 -1.62 2.23
N VAL C 106 -65.52 -1.20 0.96
CA VAL C 106 -64.34 -0.61 0.33
C VAL C 106 -64.10 0.82 0.82
N PHE C 107 -65.13 1.50 1.32
CA PHE C 107 -65.00 2.86 1.84
C PHE C 107 -64.44 2.85 3.26
N GLU C 108 -63.34 2.17 3.50
CA GLU C 108 -62.98 1.91 4.88
C GLU C 108 -61.49 1.95 5.10
N PRO C 109 -60.98 2.99 5.74
CA PRO C 109 -59.56 3.06 6.05
C PRO C 109 -59.27 2.48 7.43
N MET C 110 -58.01 2.14 7.63
CA MET C 110 -57.57 1.64 8.92
C MET C 110 -57.43 2.77 9.93
N THR C 111 -57.62 2.44 11.20
CA THR C 111 -57.74 3.45 12.24
C THR C 111 -56.75 3.27 13.39
N SER C 112 -55.58 2.71 13.15
CA SER C 112 -54.57 2.66 14.21
C SER C 112 -53.86 4.00 14.28
N GLU C 113 -52.90 4.10 15.19
CA GLU C 113 -52.01 5.24 15.15
C GLU C 113 -50.78 4.97 14.32
N LEU C 114 -50.45 3.70 14.11
CA LEU C 114 -49.31 3.37 13.27
C LEU C 114 -49.68 3.52 11.80
N TYR C 115 -50.63 2.72 11.34
CA TYR C 115 -51.23 2.88 10.03
C TYR C 115 -52.51 3.69 10.23
N GLU C 116 -52.75 4.66 9.36
CA GLU C 116 -53.95 5.46 9.49
C GLU C 116 -54.33 6.01 8.13
N GLY C 117 -55.61 5.96 7.81
CA GLY C 117 -56.07 6.44 6.54
C GLY C 117 -55.66 5.62 5.35
N GLN C 118 -55.40 4.33 5.53
CA GLN C 118 -55.02 3.47 4.41
C GLN C 118 -56.22 2.65 3.99
N THR C 119 -56.65 2.83 2.75
CA THR C 119 -57.82 2.12 2.25
C THR C 119 -57.40 0.85 1.53
N ALA C 120 -58.40 0.10 1.05
CA ALA C 120 -58.12 -1.16 0.38
C ALA C 120 -57.52 -0.96 -1.00
N LEU C 121 -57.64 0.25 -1.57
CA LEU C 121 -57.03 0.50 -2.86
C LEU C 121 -55.51 0.57 -2.75
N HIS C 122 -55.00 1.00 -1.60
CA HIS C 122 -53.56 1.17 -1.40
C HIS C 122 -52.81 -0.15 -1.51
N ILE C 123 -53.29 -1.18 -0.81
CA ILE C 123 -52.53 -2.41 -0.65
C ILE C 123 -52.44 -3.18 -1.96
N ALA C 124 -53.51 -3.19 -2.75
CA ALA C 124 -53.45 -3.83 -4.06
C ALA C 124 -52.54 -3.06 -5.01
N VAL C 125 -52.36 -1.76 -4.79
CA VAL C 125 -51.42 -1.00 -5.58
C VAL C 125 -49.98 -1.28 -5.11
N VAL C 126 -49.79 -1.46 -3.80
CA VAL C 126 -48.45 -1.73 -3.28
C VAL C 126 -47.96 -3.10 -3.74
N ASN C 127 -48.87 -4.06 -3.83
CA ASN C 127 -48.53 -5.38 -4.39
C ASN C 127 -48.38 -5.38 -5.90
N GLN C 128 -48.51 -4.22 -6.55
CA GLN C 128 -47.99 -3.83 -7.87
C GLN C 128 -48.49 -4.67 -9.05
N ASN C 129 -49.33 -5.66 -8.80
CA ASN C 129 -49.80 -6.54 -9.85
C ASN C 129 -51.13 -7.08 -9.38
N MET C 130 -52.22 -6.53 -9.89
CA MET C 130 -53.49 -6.92 -9.32
C MET C 130 -54.60 -6.63 -10.32
N ASN C 131 -55.61 -7.50 -10.31
CA ASN C 131 -56.88 -7.24 -10.97
C ASN C 131 -57.92 -6.74 -10.00
N LEU C 132 -57.58 -6.65 -8.72
CA LEU C 132 -58.51 -6.08 -7.76
C LEU C 132 -58.62 -4.58 -7.92
N VAL C 133 -57.58 -3.94 -8.47
CA VAL C 133 -57.65 -2.51 -8.76
C VAL C 133 -58.63 -2.21 -9.89
N ARG C 134 -58.94 -3.20 -10.74
CA ARG C 134 -60.10 -3.09 -11.63
C ARG C 134 -61.37 -3.04 -10.81
N ALA C 135 -61.50 -3.95 -9.85
CA ALA C 135 -62.75 -4.12 -9.14
C ALA C 135 -63.00 -3.00 -8.15
N LEU C 136 -61.96 -2.58 -7.42
CA LEU C 136 -62.16 -1.56 -6.40
C LEU C 136 -62.45 -0.20 -7.03
N LEU C 137 -61.84 0.07 -8.18
CA LEU C 137 -62.19 1.27 -8.93
C LEU C 137 -63.60 1.18 -9.49
N ALA C 138 -64.02 -0.02 -9.92
CA ALA C 138 -65.34 -0.18 -10.51
C ALA C 138 -66.45 -0.10 -9.47
N ARG C 139 -66.12 -0.22 -8.19
CA ARG C 139 -67.09 -0.02 -7.14
C ARG C 139 -66.95 1.34 -6.50
N ARG C 140 -66.31 2.28 -7.22
CA ARG C 140 -66.18 3.69 -6.87
C ARG C 140 -65.43 3.89 -5.56
N ALA C 141 -64.17 3.44 -5.55
CA ALA C 141 -63.28 3.78 -4.45
C ALA C 141 -62.82 5.23 -4.59
N SER C 142 -62.30 5.77 -3.49
CA SER C 142 -61.82 7.14 -3.50
C SER C 142 -60.30 7.13 -3.69
N VAL C 143 -59.84 7.85 -4.71
CA VAL C 143 -58.43 7.81 -5.07
C VAL C 143 -57.70 8.99 -4.45
N SER C 144 -58.29 9.58 -3.43
CA SER C 144 -57.65 10.70 -2.73
C SER C 144 -57.66 10.48 -1.23
N ALA C 145 -57.51 9.24 -0.79
CA ALA C 145 -57.47 8.94 0.64
C ALA C 145 -56.04 9.11 1.13
N ARG C 146 -55.77 10.18 1.85
CA ARG C 146 -54.43 10.44 2.35
C ARG C 146 -54.09 9.46 3.46
N ALA C 147 -52.97 8.74 3.30
CA ALA C 147 -52.54 7.77 4.27
C ALA C 147 -51.45 8.38 5.15
N THR C 148 -51.87 9.26 6.05
CA THR C 148 -50.93 10.01 6.87
C THR C 148 -50.61 9.33 8.19
N GLY C 149 -50.67 8.01 8.24
CA GLY C 149 -50.25 7.29 9.43
C GLY C 149 -48.77 7.40 9.66
N THR C 150 -48.37 7.06 10.89
CA THR C 150 -46.98 7.24 11.29
C THR C 150 -46.05 6.20 10.68
N ALA C 151 -46.58 5.18 10.04
CA ALA C 151 -45.73 4.26 9.29
C ALA C 151 -45.48 4.73 7.88
N PHE C 152 -45.68 6.01 7.57
CA PHE C 152 -45.41 6.51 6.25
C PHE C 152 -44.64 7.82 6.23
N ARG C 153 -44.32 8.40 7.39
CA ARG C 153 -43.56 9.64 7.38
C ARG C 153 -42.10 9.39 7.06
N ARG C 154 -41.47 10.40 6.45
CA ARG C 154 -40.09 10.28 6.04
C ARG C 154 -39.21 10.38 7.27
N SER C 155 -38.79 9.25 7.79
CA SER C 155 -37.94 9.19 8.96
C SER C 155 -37.05 7.98 8.81
N PRO C 156 -35.87 7.97 9.42
CA PRO C 156 -35.00 6.80 9.34
C PRO C 156 -35.39 5.65 10.27
N CYS C 157 -36.69 5.36 10.31
CA CYS C 157 -37.23 4.20 11.00
C CYS C 157 -38.24 3.43 10.16
N ASN C 158 -38.94 4.06 9.24
CA ASN C 158 -39.69 3.37 8.21
C ASN C 158 -38.75 3.08 7.06
N LEU C 159 -38.78 1.85 6.57
CA LEU C 159 -37.86 1.49 5.50
C LEU C 159 -38.36 1.91 4.13
N ILE C 160 -39.55 2.50 4.05
CA ILE C 160 -40.08 2.99 2.79
C ILE C 160 -40.39 4.46 2.94
N TYR C 161 -40.51 5.14 1.80
CA TYR C 161 -41.16 6.45 1.80
C TYR C 161 -41.99 6.50 0.52
N PHE C 162 -43.27 6.23 0.66
CA PHE C 162 -44.14 6.07 -0.50
C PHE C 162 -45.08 7.25 -0.70
N GLY C 163 -45.00 8.28 0.13
CA GLY C 163 -45.91 9.39 -0.03
C GLY C 163 -47.24 9.10 0.61
N GLU C 164 -48.32 9.66 0.08
CA GLU C 164 -49.62 9.48 0.72
C GLU C 164 -50.72 9.00 -0.20
N HIS C 165 -50.76 9.46 -1.41
CA HIS C 165 -51.88 9.27 -2.32
C HIS C 165 -51.78 7.95 -3.07
N PRO C 166 -52.90 7.44 -3.60
CA PRO C 166 -52.85 6.13 -4.28
C PRO C 166 -52.03 6.10 -5.56
N LEU C 167 -52.06 7.15 -6.38
CA LEU C 167 -51.18 7.12 -7.53
C LEU C 167 -49.75 7.42 -7.13
N SER C 168 -49.57 8.05 -5.98
CA SER C 168 -48.22 8.22 -5.46
C SER C 168 -47.59 6.89 -5.11
N PHE C 169 -48.38 5.92 -4.62
CA PHE C 169 -47.83 4.60 -4.38
C PHE C 169 -47.51 3.90 -5.69
N ALA C 170 -48.32 4.14 -6.71
CA ALA C 170 -48.22 3.38 -7.95
C ALA C 170 -46.97 3.72 -8.71
N ALA C 171 -46.62 4.99 -8.76
CA ALA C 171 -45.35 5.40 -9.34
C ALA C 171 -44.19 4.91 -8.50
N CYS C 172 -44.39 4.82 -7.19
CA CYS C 172 -43.27 4.61 -6.29
C CYS C 172 -42.71 3.20 -6.38
N VAL C 173 -43.50 2.26 -6.89
CA VAL C 173 -43.08 0.86 -6.99
C VAL C 173 -42.89 0.45 -8.44
N ASN C 174 -42.87 1.43 -9.35
CA ASN C 174 -42.61 1.26 -10.78
C ASN C 174 -43.62 0.31 -11.44
N SER C 175 -44.86 0.77 -11.49
CA SER C 175 -45.89 0.02 -12.19
C SER C 175 -46.70 1.02 -13.01
N GLU C 176 -46.33 1.16 -14.28
CA GLU C 176 -47.00 2.11 -15.18
C GLU C 176 -48.45 1.75 -15.41
N GLU C 177 -48.74 0.45 -15.45
CA GLU C 177 -50.07 -0.02 -15.82
C GLU C 177 -51.08 0.29 -14.73
N ILE C 178 -50.63 0.57 -13.52
CA ILE C 178 -51.53 1.09 -12.52
C ILE C 178 -51.64 2.60 -12.66
N VAL C 179 -50.56 3.25 -13.07
CA VAL C 179 -50.54 4.72 -13.15
C VAL C 179 -51.45 5.20 -14.27
N ARG C 180 -51.35 4.58 -15.44
CA ARG C 180 -52.24 4.93 -16.54
C ARG C 180 -53.69 4.59 -16.25
N LEU C 181 -53.92 3.55 -15.45
CA LEU C 181 -55.29 3.24 -15.07
C LEU C 181 -55.80 4.24 -14.05
N LEU C 182 -54.94 4.63 -13.12
CA LEU C 182 -55.41 5.45 -12.02
C LEU C 182 -55.59 6.89 -12.44
N ILE C 183 -54.74 7.37 -13.34
CA ILE C 183 -54.85 8.74 -13.82
C ILE C 183 -56.09 8.92 -14.68
N GLU C 184 -56.59 7.82 -15.27
CA GLU C 184 -57.70 7.92 -16.19
C GLU C 184 -59.00 8.17 -15.45
N HIS C 185 -59.06 7.87 -14.15
CA HIS C 185 -60.29 8.00 -13.38
C HIS C 185 -60.21 9.13 -12.36
N GLY C 186 -59.65 10.26 -12.73
CA GLY C 186 -59.74 11.47 -11.95
C GLY C 186 -58.62 11.73 -10.95
N ALA C 187 -57.48 11.07 -11.10
CA ALA C 187 -56.37 11.27 -10.18
C ALA C 187 -55.76 12.65 -10.38
N ASP C 188 -55.46 13.33 -9.29
CA ASP C 188 -54.90 14.66 -9.36
C ASP C 188 -53.40 14.58 -9.16
N ILE C 189 -52.65 15.05 -10.17
CA ILE C 189 -51.19 15.03 -10.10
C ILE C 189 -50.70 15.98 -9.03
N ARG C 190 -51.27 17.18 -8.98
CA ARG C 190 -50.74 18.27 -8.19
C ARG C 190 -51.03 18.17 -6.70
N ALA C 191 -51.54 17.04 -6.23
CA ALA C 191 -51.85 16.87 -4.83
C ALA C 191 -50.57 16.72 -4.02
N GLN C 192 -50.35 17.63 -3.09
CA GLN C 192 -49.16 17.60 -2.24
C GLN C 192 -49.44 16.70 -1.04
N ASP C 193 -48.54 16.69 -0.08
CA ASP C 193 -48.69 15.82 1.09
C ASP C 193 -48.58 16.64 2.36
N SER C 194 -48.66 15.94 3.49
CA SER C 194 -48.47 16.60 4.79
C SER C 194 -47.02 17.00 5.00
N LEU C 195 -46.09 16.34 4.33
CA LEU C 195 -44.73 16.83 4.31
C LEU C 195 -44.59 18.01 3.36
N GLY C 196 -45.52 18.16 2.42
CA GLY C 196 -45.57 19.27 1.50
C GLY C 196 -45.18 18.90 0.09
N ASN C 197 -44.46 17.81 -0.07
CA ASN C 197 -43.95 17.38 -1.36
C ASN C 197 -45.06 16.86 -2.27
N THR C 198 -44.85 17.00 -3.57
CA THR C 198 -45.80 16.54 -4.57
C THR C 198 -45.45 15.11 -4.97
N VAL C 199 -46.06 14.64 -6.07
CA VAL C 199 -45.77 13.32 -6.62
C VAL C 199 -44.30 13.21 -7.04
N LEU C 200 -43.76 14.28 -7.56
CA LEU C 200 -42.49 14.18 -8.24
C LEU C 200 -41.31 14.30 -7.30
N HIS C 201 -41.47 14.98 -6.16
CA HIS C 201 -40.42 14.97 -5.17
C HIS C 201 -40.21 13.59 -4.58
N ILE C 202 -41.28 12.80 -4.50
CA ILE C 202 -41.18 11.45 -4.01
C ILE C 202 -40.35 10.60 -4.95
N LEU C 203 -40.45 10.87 -6.25
CA LEU C 203 -39.68 10.12 -7.22
C LEU C 203 -38.19 10.38 -7.16
N ILE C 204 -37.78 11.51 -6.61
CA ILE C 204 -36.36 11.84 -6.62
C ILE C 204 -35.62 11.05 -5.56
N LEU C 205 -36.18 10.97 -4.36
CA LEU C 205 -35.45 10.33 -3.28
C LEU C 205 -35.78 8.84 -3.15
N GLN C 206 -36.20 8.21 -4.23
CA GLN C 206 -36.29 6.76 -4.25
C GLN C 206 -34.91 6.13 -4.31
N PRO C 207 -34.76 4.90 -3.81
CA PRO C 207 -33.45 4.24 -3.89
C PRO C 207 -33.17 3.59 -5.22
N ASN C 208 -34.19 3.12 -5.93
CA ASN C 208 -34.00 2.44 -7.20
C ASN C 208 -33.97 3.51 -8.29
N LYS C 209 -32.78 4.05 -8.52
CA LYS C 209 -32.65 5.35 -9.17
C LYS C 209 -32.98 5.32 -10.65
N THR C 210 -32.58 4.28 -11.37
CA THR C 210 -32.70 4.28 -12.82
C THR C 210 -34.16 4.18 -13.26
N PHE C 211 -34.93 3.32 -12.58
CA PHE C 211 -36.33 3.14 -12.97
C PHE C 211 -37.18 4.35 -12.64
N ALA C 212 -36.74 5.22 -11.74
CA ALA C 212 -37.47 6.46 -11.52
C ALA C 212 -37.29 7.40 -12.70
N CYS C 213 -36.10 7.39 -13.30
CA CYS C 213 -35.76 8.37 -14.34
C CYS C 213 -36.59 8.14 -15.60
N GLN C 214 -36.86 6.89 -15.92
CA GLN C 214 -37.72 6.59 -17.06
C GLN C 214 -39.14 7.07 -16.81
N MET C 215 -39.70 6.73 -15.66
CA MET C 215 -41.10 7.00 -15.41
C MET C 215 -41.32 8.44 -14.98
N TYR C 216 -40.26 9.15 -14.62
CA TYR C 216 -40.33 10.60 -14.47
C TYR C 216 -40.75 11.28 -15.76
N ASN C 217 -40.33 10.72 -16.90
CA ASN C 217 -40.71 11.30 -18.17
C ASN C 217 -42.18 11.05 -18.47
N LEU C 218 -42.73 9.94 -17.98
CA LEU C 218 -44.14 9.63 -18.23
C LEU C 218 -45.05 10.52 -17.39
N LEU C 219 -44.73 10.72 -16.11
CA LEU C 219 -45.54 11.55 -15.25
C LEU C 219 -45.51 13.01 -15.66
N LEU C 220 -44.48 13.44 -16.36
CA LEU C 220 -44.44 14.81 -16.82
C LEU C 220 -45.40 15.05 -17.97
N SER C 221 -45.76 13.99 -18.71
CA SER C 221 -46.53 14.17 -19.94
C SER C 221 -47.98 14.52 -19.65
N TYR C 222 -48.51 14.05 -18.53
CA TYR C 222 -49.92 14.25 -18.22
C TYR C 222 -50.22 15.59 -17.57
N ASP C 223 -49.32 16.56 -17.70
CA ASP C 223 -49.50 17.88 -17.14
C ASP C 223 -50.14 18.85 -18.12
N ARG C 224 -50.60 18.37 -19.28
CA ARG C 224 -50.94 19.25 -20.40
C ARG C 224 -52.11 20.17 -20.09
N HIS C 225 -52.08 21.33 -20.77
CA HIS C 225 -52.75 22.63 -20.54
C HIS C 225 -52.10 23.39 -19.39
N GLY C 226 -51.23 22.73 -18.62
CA GLY C 226 -50.43 23.33 -17.55
C GLY C 226 -51.10 24.13 -16.44
N ASP C 227 -52.44 24.18 -16.44
CA ASP C 227 -53.25 25.02 -15.56
C ASP C 227 -52.80 26.48 -15.54
N HIS C 228 -52.32 26.97 -16.69
CA HIS C 228 -51.88 28.34 -17.00
C HIS C 228 -50.99 29.01 -15.96
N LEU C 229 -50.27 28.23 -15.16
CA LEU C 229 -49.43 28.69 -14.06
C LEU C 229 -48.58 27.54 -13.56
N GLN C 230 -47.27 27.84 -13.30
CA GLN C 230 -46.21 27.07 -12.66
C GLN C 230 -46.33 25.56 -12.86
N PRO C 231 -46.18 25.10 -14.09
CA PRO C 231 -46.91 23.91 -14.57
C PRO C 231 -46.76 22.61 -13.80
N LEU C 232 -45.57 22.05 -13.71
CA LEU C 232 -45.46 20.91 -12.82
C LEU C 232 -44.24 20.97 -11.92
N ASP C 233 -43.09 21.35 -12.45
CA ASP C 233 -41.84 21.21 -11.73
C ASP C 233 -41.24 22.55 -11.39
N LEU C 234 -42.09 23.53 -11.11
CA LEU C 234 -41.66 24.78 -10.52
C LEU C 234 -42.27 24.99 -9.15
N VAL C 235 -43.08 24.04 -8.68
CA VAL C 235 -43.79 24.20 -7.42
C VAL C 235 -42.89 23.74 -6.28
N PRO C 236 -42.77 24.52 -5.24
CA PRO C 236 -41.97 24.08 -4.10
C PRO C 236 -42.76 23.17 -3.19
N ASN C 237 -42.15 22.72 -2.10
CA ASN C 237 -42.84 21.98 -1.07
C ASN C 237 -42.94 22.84 0.19
N HIS C 238 -43.44 22.24 1.29
CA HIS C 238 -43.49 22.98 2.54
C HIS C 238 -42.11 23.20 3.14
N GLN C 239 -41.09 22.51 2.65
CA GLN C 239 -39.73 22.82 3.04
C GLN C 239 -39.09 23.80 2.06
N GLY C 240 -39.66 23.95 0.87
CA GLY C 240 -39.35 25.06 0.02
C GLY C 240 -38.39 24.83 -1.13
N LEU C 241 -38.53 23.72 -1.86
CA LEU C 241 -37.62 23.40 -2.95
C LEU C 241 -38.36 22.89 -4.17
N THR C 242 -37.84 23.23 -5.33
CA THR C 242 -38.28 22.69 -6.61
C THR C 242 -37.79 21.26 -6.75
N PRO C 243 -38.29 20.49 -7.72
CA PRO C 243 -37.70 19.16 -7.96
C PRO C 243 -36.25 19.20 -8.40
N PHE C 244 -35.85 20.25 -9.09
CA PHE C 244 -34.47 20.36 -9.54
C PHE C 244 -33.53 20.58 -8.37
N LYS C 245 -33.87 21.50 -7.47
CA LYS C 245 -33.02 21.74 -6.31
C LYS C 245 -33.03 20.57 -5.35
N LEU C 246 -34.14 19.84 -5.28
CA LEU C 246 -34.19 18.69 -4.40
C LEU C 246 -33.30 17.58 -4.90
N ALA C 247 -33.12 17.50 -6.22
CA ALA C 247 -32.18 16.54 -6.78
C ALA C 247 -30.76 16.84 -6.38
N GLY C 248 -30.45 18.10 -6.09
CA GLY C 248 -29.12 18.42 -5.63
C GLY C 248 -28.86 17.94 -4.22
N VAL C 249 -29.77 18.27 -3.31
CA VAL C 249 -29.47 18.13 -1.88
C VAL C 249 -29.46 16.67 -1.47
N GLU C 250 -30.36 15.87 -2.03
CA GLU C 250 -30.33 14.45 -1.72
C GLU C 250 -29.24 13.71 -2.47
N GLY C 251 -28.58 14.36 -3.43
CA GLY C 251 -27.44 13.74 -4.07
C GLY C 251 -27.76 12.72 -5.13
N ASN C 252 -28.95 12.77 -5.69
CA ASN C 252 -29.30 11.87 -6.79
C ASN C 252 -28.58 12.36 -8.03
N THR C 253 -27.48 11.69 -8.38
CA THR C 253 -26.66 12.13 -9.49
C THR C 253 -27.36 11.89 -10.83
N VAL C 254 -28.04 10.77 -10.95
CA VAL C 254 -28.58 10.36 -12.25
C VAL C 254 -29.76 11.23 -12.64
N MET C 255 -30.63 11.54 -11.69
CA MET C 255 -31.76 12.43 -11.96
C MET C 255 -31.29 13.84 -12.27
N PHE C 256 -30.13 14.24 -11.78
CA PHE C 256 -29.62 15.55 -12.09
C PHE C 256 -29.15 15.64 -13.53
N GLN C 257 -28.74 14.51 -14.11
CA GLN C 257 -28.43 14.50 -15.53
C GLN C 257 -29.69 14.68 -16.36
N HIS C 258 -30.76 14.02 -15.96
CA HIS C 258 -31.98 14.06 -16.75
C HIS C 258 -32.70 15.39 -16.60
N LEU C 259 -32.51 16.07 -15.48
CA LEU C 259 -33.15 17.37 -15.34
C LEU C 259 -32.39 18.48 -16.02
N MET C 260 -31.15 18.25 -16.44
CA MET C 260 -30.51 19.27 -17.26
C MET C 260 -30.92 19.18 -18.71
N GLN C 261 -31.60 18.09 -19.09
CA GLN C 261 -31.96 17.88 -20.48
C GLN C 261 -33.02 18.85 -20.94
N LYS C 262 -33.99 19.16 -20.07
CA LYS C 262 -34.92 20.23 -20.42
C LYS C 262 -34.25 21.59 -20.32
N ARG C 263 -33.36 21.78 -19.36
CA ARG C 263 -32.93 23.13 -19.01
C ARG C 263 -31.93 23.69 -20.01
N LYS C 264 -31.04 22.87 -20.54
CA LYS C 264 -30.15 23.40 -21.56
C LYS C 264 -30.80 23.30 -22.93
N HIS C 265 -30.25 24.04 -23.89
CA HIS C 265 -30.62 23.85 -25.28
C HIS C 265 -29.43 24.20 -26.16
N THR C 266 -29.25 23.39 -27.20
CA THR C 266 -28.00 23.36 -27.93
C THR C 266 -27.90 24.49 -28.94
N GLN C 267 -26.74 24.56 -29.56
CA GLN C 267 -26.44 25.53 -30.59
C GLN C 267 -25.94 24.78 -31.81
N TRP C 268 -25.31 25.52 -32.72
CA TRP C 268 -24.63 24.99 -33.88
C TRP C 268 -23.67 23.85 -33.56
N THR C 269 -23.64 22.87 -34.44
CA THR C 269 -22.71 21.76 -34.37
C THR C 269 -21.75 21.81 -35.55
N TYR C 270 -20.52 21.38 -35.31
CA TYR C 270 -19.44 21.63 -36.28
C TYR C 270 -18.45 20.49 -36.17
N GLY C 271 -18.66 19.44 -36.97
CA GLY C 271 -17.85 18.25 -36.91
C GLY C 271 -17.94 17.60 -35.55
N PRO C 272 -16.78 17.25 -34.98
CA PRO C 272 -16.75 16.74 -33.61
C PRO C 272 -16.79 17.84 -32.56
N LEU C 273 -16.83 19.08 -32.97
CA LEU C 273 -16.89 20.23 -32.09
C LEU C 273 -18.34 20.70 -31.97
N THR C 274 -18.77 21.00 -30.75
CA THR C 274 -20.14 21.46 -30.54
C THR C 274 -20.19 22.37 -29.34
N SER C 275 -21.25 23.17 -29.27
CA SER C 275 -21.38 24.19 -28.23
C SER C 275 -22.83 24.30 -27.81
N THR C 276 -23.05 24.48 -26.52
CA THR C 276 -24.39 24.56 -25.95
C THR C 276 -24.50 25.75 -25.01
N LEU C 277 -25.71 26.01 -24.56
CA LEU C 277 -26.00 27.02 -23.55
C LEU C 277 -26.73 26.36 -22.40
N TYR C 278 -26.43 26.79 -21.18
CA TYR C 278 -27.11 26.27 -20.00
C TYR C 278 -27.99 27.35 -19.39
N ASP C 279 -29.07 26.89 -18.75
CA ASP C 279 -30.14 27.79 -18.32
C ASP C 279 -29.68 28.71 -17.22
N LEU C 280 -29.08 28.15 -16.16
CA LEU C 280 -28.33 28.88 -15.13
C LEU C 280 -29.23 29.78 -14.26
N THR C 281 -30.54 29.78 -14.51
CA THR C 281 -31.46 30.62 -13.77
C THR C 281 -31.76 30.12 -12.38
N GLU C 282 -31.25 28.96 -12.01
CA GLU C 282 -31.54 28.39 -10.73
C GLU C 282 -30.27 27.89 -10.07
N ILE C 283 -29.11 28.45 -10.43
CA ILE C 283 -27.85 28.01 -9.88
C ILE C 283 -27.25 29.12 -9.04
N ASP C 284 -27.00 30.28 -9.65
CA ASP C 284 -26.42 31.40 -8.91
C ASP C 284 -27.45 32.09 -8.04
N SER C 285 -26.95 33.01 -7.23
CA SER C 285 -27.77 33.76 -6.29
C SER C 285 -28.55 34.82 -7.04
N SER C 286 -29.88 34.63 -7.14
CA SER C 286 -30.72 35.63 -7.76
C SER C 286 -30.87 36.84 -6.86
N GLY C 287 -31.43 36.64 -5.68
CA GLY C 287 -31.54 37.70 -4.70
C GLY C 287 -31.18 37.21 -3.32
N ASP C 288 -31.98 37.61 -2.32
CA ASP C 288 -31.81 37.11 -0.96
C ASP C 288 -32.25 35.66 -0.79
N GLU C 289 -32.93 35.11 -1.80
CA GLU C 289 -33.32 33.71 -1.78
C GLU C 289 -32.10 32.81 -1.84
N GLN C 290 -32.28 31.57 -1.42
CA GLN C 290 -31.17 30.64 -1.43
C GLN C 290 -30.89 30.16 -2.84
N SER C 291 -29.62 29.85 -3.09
CA SER C 291 -29.18 29.32 -4.36
C SER C 291 -29.01 27.81 -4.24
N LEU C 292 -28.65 27.16 -5.33
CA LEU C 292 -28.33 25.74 -5.23
C LEU C 292 -26.96 25.55 -4.61
N LEU C 293 -26.00 26.39 -4.97
CA LEU C 293 -24.66 26.26 -4.41
C LEU C 293 -24.63 26.55 -2.92
N GLU C 294 -25.58 27.35 -2.42
CA GLU C 294 -25.72 27.48 -0.98
C GLU C 294 -26.20 26.17 -0.37
N LEU C 295 -27.13 25.50 -1.03
CA LEU C 295 -27.69 24.27 -0.48
C LEU C 295 -26.74 23.09 -0.56
N ILE C 296 -25.78 23.12 -1.47
CA ILE C 296 -24.87 21.99 -1.59
C ILE C 296 -23.91 21.93 -0.41
N ILE C 297 -23.29 23.06 -0.09
CA ILE C 297 -22.27 23.05 0.94
C ILE C 297 -22.88 22.98 2.33
N THR C 298 -24.15 23.35 2.48
CA THR C 298 -24.82 23.30 3.78
C THR C 298 -25.61 22.01 3.93
N THR C 299 -24.93 20.88 3.79
CA THR C 299 -25.49 19.60 4.14
C THR C 299 -24.39 18.72 4.72
N LYS C 300 -24.80 17.72 5.48
CA LYS C 300 -23.87 16.81 6.11
C LYS C 300 -23.63 15.56 5.28
N LYS C 301 -24.24 15.46 4.12
CA LYS C 301 -24.17 14.25 3.32
C LYS C 301 -22.86 14.21 2.55
N ARG C 302 -22.63 13.09 1.89
CA ARG C 302 -21.43 12.87 1.11
C ARG C 302 -21.72 12.74 -0.38
N GLU C 303 -22.84 12.13 -0.73
CA GLU C 303 -23.16 11.96 -2.14
C GLU C 303 -23.57 13.27 -2.78
N ALA C 304 -24.08 14.22 -1.99
CA ALA C 304 -24.54 15.48 -2.55
C ALA C 304 -23.39 16.35 -3.01
N ARG C 305 -22.31 16.38 -2.25
CA ARG C 305 -21.11 17.13 -2.63
C ARG C 305 -20.36 16.52 -3.81
N GLN C 306 -20.77 15.36 -4.29
CA GLN C 306 -20.17 14.81 -5.49
C GLN C 306 -20.70 15.48 -6.74
N ILE C 307 -21.79 16.25 -6.64
CA ILE C 307 -22.45 16.83 -7.82
C ILE C 307 -21.66 17.98 -8.43
N LEU C 308 -20.61 18.46 -7.74
CA LEU C 308 -19.87 19.64 -8.21
C LEU C 308 -19.12 19.39 -9.50
N ASP C 309 -18.74 18.16 -9.78
CA ASP C 309 -17.91 17.88 -10.93
C ASP C 309 -18.71 17.74 -12.21
N GLN C 310 -20.03 17.84 -12.15
CA GLN C 310 -20.83 17.68 -13.33
C GLN C 310 -20.70 18.89 -14.25
N THR C 311 -20.98 18.67 -15.52
CA THR C 311 -20.60 19.64 -16.54
C THR C 311 -21.23 21.04 -16.51
N PRO C 312 -22.43 21.32 -15.95
CA PRO C 312 -22.85 22.72 -15.95
C PRO C 312 -22.54 23.44 -14.66
N VAL C 313 -21.92 22.79 -13.69
CA VAL C 313 -21.61 23.42 -12.41
C VAL C 313 -20.11 23.59 -12.21
N LYS C 314 -19.32 22.61 -12.68
CA LYS C 314 -17.87 22.73 -12.60
C LYS C 314 -17.34 23.91 -13.41
N GLU C 315 -17.94 24.15 -14.58
CA GLU C 315 -17.56 25.31 -15.36
C GLU C 315 -17.95 26.61 -14.68
N LEU C 316 -19.05 26.60 -13.92
CA LEU C 316 -19.48 27.82 -13.26
C LEU C 316 -18.59 28.15 -12.07
N VAL C 317 -18.12 27.14 -11.36
CA VAL C 317 -17.29 27.38 -10.18
C VAL C 317 -15.91 27.85 -10.60
N SER C 318 -15.25 27.09 -11.49
CA SER C 318 -13.85 27.35 -11.79
C SER C 318 -13.67 28.62 -12.59
N LEU C 319 -14.72 29.09 -13.26
CA LEU C 319 -14.65 30.42 -13.85
C LEU C 319 -14.91 31.48 -12.80
N LYS C 320 -15.67 31.16 -11.75
CA LYS C 320 -16.00 32.18 -10.76
C LYS C 320 -14.82 32.43 -9.84
N TRP C 321 -14.02 31.42 -9.57
CA TRP C 321 -12.89 31.62 -8.69
C TRP C 321 -11.64 32.06 -9.42
N LYS C 322 -11.64 32.01 -10.75
CA LYS C 322 -10.44 32.39 -11.46
C LYS C 322 -10.39 33.87 -11.79
N ARG C 323 -11.53 34.48 -12.09
CA ARG C 323 -11.53 35.89 -12.46
C ARG C 323 -12.05 36.81 -11.39
N TYR C 324 -12.78 36.31 -10.39
CA TYR C 324 -13.19 37.15 -9.28
C TYR C 324 -12.92 36.50 -7.93
N GLY C 325 -12.10 35.46 -7.88
CA GLY C 325 -11.82 34.70 -6.69
C GLY C 325 -10.50 35.18 -6.08
N ARG C 326 -9.41 34.48 -6.41
CA ARG C 326 -8.03 34.69 -5.97
C ARG C 326 -7.56 36.14 -5.84
N PRO C 327 -7.97 37.09 -6.68
CA PRO C 327 -7.71 38.48 -6.29
C PRO C 327 -8.42 38.90 -5.02
N TYR C 328 -9.72 38.63 -4.88
CA TYR C 328 -10.36 39.12 -3.68
C TYR C 328 -10.22 38.16 -2.52
N PHE C 329 -9.47 37.08 -2.70
CA PHE C 329 -9.14 36.25 -1.56
C PHE C 329 -7.75 36.57 -1.04
N CYS C 330 -6.77 36.69 -1.94
CA CYS C 330 -5.41 36.96 -1.49
C CYS C 330 -5.24 38.39 -1.01
N MET C 331 -6.06 39.32 -1.52
CA MET C 331 -6.03 40.66 -0.94
C MET C 331 -6.66 40.67 0.43
N LEU C 332 -7.59 39.74 0.70
CA LEU C 332 -7.99 39.51 2.08
C LEU C 332 -6.89 38.81 2.84
N GLY C 333 -6.03 38.08 2.15
CA GLY C 333 -4.94 37.40 2.83
C GLY C 333 -3.84 38.36 3.26
N ALA C 334 -3.54 39.32 2.40
CA ALA C 334 -2.45 40.24 2.73
C ALA C 334 -2.84 41.23 3.80
N ILE C 335 -4.12 41.61 3.87
CA ILE C 335 -4.55 42.53 4.91
C ILE C 335 -4.47 41.86 6.27
N TYR C 336 -4.86 40.59 6.35
CA TYR C 336 -4.86 39.92 7.63
C TYR C 336 -3.46 39.59 8.10
N LEU C 337 -2.55 39.29 7.18
CA LEU C 337 -1.17 39.05 7.59
C LEU C 337 -0.51 40.34 8.01
N LEU C 338 -0.92 41.46 7.40
CA LEU C 338 -0.44 42.76 7.83
C LEU C 338 -1.06 43.16 9.17
N TYR C 339 -2.20 42.58 9.53
CA TYR C 339 -2.84 42.94 10.80
C TYR C 339 -2.08 42.37 11.98
N ILE C 340 -1.77 41.08 11.96
CA ILE C 340 -1.12 40.46 13.10
C ILE C 340 0.35 40.85 13.19
N ILE C 341 0.99 41.13 12.05
CA ILE C 341 2.37 41.57 12.08
C ILE C 341 2.50 42.98 12.64
N CYS C 342 1.40 43.74 12.75
CA CYS C 342 1.43 44.93 13.59
C CYS C 342 0.69 44.72 14.89
N PHE C 343 0.28 43.48 15.19
CA PHE C 343 -0.13 43.15 16.54
C PHE C 343 1.02 42.56 17.33
N THR C 344 1.78 41.66 16.71
CA THR C 344 2.94 41.09 17.35
C THR C 344 4.00 42.15 17.61
N MET C 345 4.15 43.08 16.67
CA MET C 345 5.07 44.20 16.86
C MET C 345 4.56 45.13 17.95
N CYS C 346 3.24 45.30 18.03
CA CYS C 346 2.67 46.04 19.14
C CYS C 346 2.76 45.25 20.44
N CYS C 347 2.90 43.94 20.37
CA CYS C 347 2.93 43.12 21.57
C CYS C 347 4.26 43.18 22.27
N ILE C 348 5.36 42.87 21.55
CA ILE C 348 6.65 42.70 22.19
C ILE C 348 7.27 43.99 22.70
N TYR C 349 6.70 45.14 22.36
CA TYR C 349 7.06 46.39 23.01
C TYR C 349 6.20 46.69 24.21
N ARG C 350 5.69 45.66 24.88
CA ARG C 350 4.90 45.84 26.09
C ARG C 350 5.73 46.55 27.16
N PRO C 351 5.17 47.52 27.86
CA PRO C 351 5.98 48.33 28.77
C PRO C 351 6.29 47.59 30.06
N LEU C 352 7.48 47.87 30.62
CA LEU C 352 7.89 47.26 31.87
C LEU C 352 8.54 48.32 32.76
N LYS C 353 9.17 47.84 33.83
CA LYS C 353 9.88 48.63 34.83
C LYS C 353 10.65 47.64 35.71
N PRO C 354 11.66 48.10 36.45
CA PRO C 354 12.25 47.22 37.46
C PRO C 354 11.30 47.03 38.64
N ARG C 355 11.56 45.99 39.43
CA ARG C 355 10.60 45.59 40.44
C ARG C 355 10.91 46.26 41.78
N THR C 356 9.83 46.57 42.54
CA THR C 356 9.96 47.17 43.87
C THR C 356 9.11 46.39 44.86
N ASN C 357 9.61 45.23 45.28
CA ASN C 357 9.18 44.62 46.54
C ASN C 357 10.32 43.86 47.22
N ASN C 358 11.52 43.88 46.65
CA ASN C 358 12.76 43.35 47.24
C ASN C 358 12.66 41.86 47.59
N ARG C 359 12.51 41.03 46.54
CA ARG C 359 12.55 39.56 46.54
C ARG C 359 11.72 38.93 47.67
N THR C 360 10.42 39.12 47.52
CA THR C 360 9.40 38.72 48.48
C THR C 360 9.17 37.20 48.37
N SER C 361 7.96 36.70 48.73
CA SER C 361 7.51 35.43 49.28
C SER C 361 8.33 34.23 48.79
N PRO C 362 8.63 33.25 49.66
CA PRO C 362 10.00 32.83 49.99
C PRO C 362 11.07 32.79 48.88
N ARG C 363 12.24 33.23 49.31
CA ARG C 363 13.34 33.56 48.41
C ARG C 363 13.91 32.31 47.76
N ASP C 364 14.68 32.56 46.69
CA ASP C 364 15.46 31.61 45.89
C ASP C 364 14.62 30.65 45.07
N ASN C 365 13.31 30.63 45.29
CA ASN C 365 12.39 29.84 44.51
C ASN C 365 11.34 30.79 43.96
N THR C 366 11.81 31.98 43.58
CA THR C 366 11.08 32.98 42.81
C THR C 366 12.12 33.78 42.05
N LEU C 367 11.75 34.25 40.86
CA LEU C 367 12.76 34.86 40.03
C LEU C 367 12.28 36.10 39.28
N LEU C 368 10.98 36.32 39.15
CA LEU C 368 10.47 37.34 38.26
C LEU C 368 10.77 38.74 38.78
N GLN C 369 11.03 39.67 37.87
CA GLN C 369 11.62 40.92 38.33
C GLN C 369 11.11 42.15 37.57
N GLN C 370 9.91 42.11 36.99
CA GLN C 370 9.46 43.27 36.24
C GLN C 370 8.19 43.93 36.78
N LYS C 371 7.15 43.16 37.12
CA LYS C 371 5.90 43.61 37.76
C LYS C 371 5.23 44.83 37.10
N LEU C 372 4.51 44.57 36.01
CA LEU C 372 3.99 45.49 34.99
C LEU C 372 3.67 46.93 35.37
N LEU C 373 4.18 47.87 34.57
CA LEU C 373 3.86 49.29 34.65
C LEU C 373 2.36 49.51 34.43
N GLN C 374 1.82 50.55 35.05
CA GLN C 374 0.37 50.67 35.19
C GLN C 374 -0.28 51.70 34.27
N GLU C 375 0.19 52.95 34.27
CA GLU C 375 -0.46 53.97 33.46
C GLU C 375 0.48 54.94 32.78
N ALA C 376 1.78 54.87 33.00
CA ALA C 376 2.71 55.84 32.44
C ALA C 376 2.90 55.58 30.95
N TYR C 377 2.32 56.45 30.13
CA TYR C 377 2.60 56.48 28.69
C TYR C 377 3.40 57.70 28.28
N MET C 378 3.71 58.59 29.19
CA MET C 378 4.38 59.85 28.85
C MET C 378 5.82 59.56 28.45
N THR C 379 6.04 59.55 27.14
CA THR C 379 7.28 59.19 26.46
C THR C 379 7.10 59.67 25.02
N PRO C 380 8.13 60.20 24.36
CA PRO C 380 8.02 60.46 22.92
C PRO C 380 7.97 59.21 22.06
N LYS C 381 8.20 58.03 22.62
CA LYS C 381 8.15 56.77 21.91
C LYS C 381 6.83 56.03 22.13
N ASP C 382 6.30 56.09 23.35
CA ASP C 382 5.11 55.31 23.70
C ASP C 382 3.85 55.82 23.03
N ASP C 383 3.89 56.99 22.40
CA ASP C 383 2.79 57.42 21.55
C ASP C 383 2.61 56.52 20.33
N ILE C 384 3.69 55.89 19.86
CA ILE C 384 3.60 55.02 18.70
C ILE C 384 2.81 53.76 19.02
N ARG C 385 2.95 53.23 20.23
CA ARG C 385 2.13 52.08 20.63
C ARG C 385 0.67 52.45 20.76
N LEU C 386 0.38 53.71 21.12
CA LEU C 386 -1.00 54.14 21.23
C LEU C 386 -1.67 54.18 19.87
N VAL C 387 -0.90 54.35 18.80
CA VAL C 387 -1.42 54.07 17.47
C VAL C 387 -1.65 52.58 17.30
N GLY C 388 -0.63 51.78 17.61
CA GLY C 388 -0.69 50.35 17.33
C GLY C 388 -1.70 49.61 18.18
N GLU C 389 -1.88 50.02 19.43
CA GLU C 389 -3.00 49.50 20.20
C GLU C 389 -4.32 49.91 19.59
N LEU C 390 -4.41 51.15 19.11
CA LEU C 390 -5.67 51.57 18.48
C LEU C 390 -5.84 51.01 17.09
N VAL C 391 -4.85 50.32 16.53
CA VAL C 391 -5.08 49.56 15.31
C VAL C 391 -5.82 48.27 15.64
N THR C 392 -5.24 47.46 16.51
CA THR C 392 -5.75 46.12 16.72
C THR C 392 -7.05 46.06 17.49
N VAL C 393 -7.37 47.06 18.30
CA VAL C 393 -8.65 47.05 19.00
C VAL C 393 -9.78 47.37 18.04
N ILE C 394 -9.55 48.31 17.12
CA ILE C 394 -10.51 48.57 16.05
C ILE C 394 -10.67 47.35 15.17
N GLY C 395 -9.58 46.63 14.93
CA GLY C 395 -9.66 45.39 14.17
C GLY C 395 -10.43 44.30 14.88
N ALA C 396 -10.41 44.30 16.21
CA ALA C 396 -11.22 43.34 16.94
C ALA C 396 -12.69 43.67 16.86
N ILE C 397 -13.04 44.94 16.70
CA ILE C 397 -14.43 45.31 16.58
C ILE C 397 -14.98 44.90 15.22
N ILE C 398 -14.16 45.03 14.17
CA ILE C 398 -14.60 44.68 12.82
C ILE C 398 -14.84 43.18 12.69
N ILE C 399 -14.08 42.36 13.42
CA ILE C 399 -14.32 40.92 13.41
C ILE C 399 -15.66 40.59 14.05
N LEU C 400 -15.97 41.25 15.16
CA LEU C 400 -17.21 40.93 15.86
C LEU C 400 -18.43 41.53 15.17
N LEU C 401 -18.24 42.49 14.27
CA LEU C 401 -19.41 43.02 13.58
C LEU C 401 -19.77 42.25 12.32
N VAL C 402 -18.95 41.28 11.91
CA VAL C 402 -19.27 40.48 10.73
C VAL C 402 -19.44 39.01 11.05
N GLU C 403 -19.53 38.65 12.32
CA GLU C 403 -19.85 37.28 12.71
C GLU C 403 -21.04 37.20 13.64
N VAL C 404 -21.12 38.13 14.58
CA VAL C 404 -22.29 38.19 15.47
C VAL C 404 -23.59 38.48 14.73
N PRO C 405 -23.65 39.34 13.69
CA PRO C 405 -24.85 39.32 12.84
C PRO C 405 -25.06 38.03 12.08
N ASP C 406 -24.05 37.18 11.90
CA ASP C 406 -24.29 35.90 11.27
C ASP C 406 -24.64 34.80 12.26
N ILE C 407 -24.53 35.05 13.56
CA ILE C 407 -25.01 34.06 14.52
C ILE C 407 -26.53 34.12 14.63
N PHE C 408 -27.06 35.32 14.85
CA PHE C 408 -28.49 35.49 15.10
C PHE C 408 -29.30 35.24 13.84
N ARG C 409 -28.74 35.54 12.67
CA ARG C 409 -29.48 35.33 11.43
C ARG C 409 -29.61 33.86 11.09
N MET C 410 -28.64 33.04 11.45
CA MET C 410 -28.73 31.60 11.26
C MET C 410 -29.12 30.95 12.58
N GLY C 411 -29.08 29.62 12.61
CA GLY C 411 -29.29 28.93 13.86
C GLY C 411 -28.10 29.03 14.79
N VAL C 412 -28.33 28.68 16.05
CA VAL C 412 -27.23 28.67 17.00
C VAL C 412 -26.33 27.47 16.77
N THR C 413 -26.88 26.37 16.27
CA THR C 413 -26.09 25.19 15.94
C THR C 413 -25.77 25.16 14.45
N ARG C 414 -25.15 26.24 13.98
CA ARG C 414 -24.57 26.26 12.65
C ARG C 414 -23.06 26.27 12.67
N PHE C 415 -22.46 26.76 13.74
CA PHE C 415 -21.01 26.92 13.79
C PHE C 415 -20.35 25.72 14.46
N PHE C 416 -21.05 25.08 15.40
CA PHE C 416 -20.79 23.65 15.64
C PHE C 416 -21.47 22.80 14.56
N GLY C 417 -22.37 23.39 13.78
CA GLY C 417 -23.16 22.69 12.79
C GLY C 417 -22.41 22.25 11.54
N GLN C 418 -22.00 23.20 10.70
CA GLN C 418 -21.34 22.88 9.45
C GLN C 418 -19.82 22.89 9.57
N THR C 419 -19.30 22.64 10.76
CA THR C 419 -17.86 22.74 11.00
C THR C 419 -17.05 21.60 10.40
N ILE C 420 -17.69 20.50 10.01
CA ILE C 420 -16.91 19.37 9.50
C ILE C 420 -16.48 19.62 8.06
N LEU C 421 -17.27 20.36 7.29
CA LEU C 421 -16.87 20.81 5.95
C LEU C 421 -15.67 21.70 6.12
N GLY C 422 -15.87 22.83 6.76
CA GLY C 422 -14.80 23.48 7.49
C GLY C 422 -15.38 24.59 8.33
N GLY C 423 -15.19 24.47 9.64
CA GLY C 423 -15.56 25.50 10.58
C GLY C 423 -14.82 25.72 11.90
N PRO C 424 -13.59 25.22 12.14
CA PRO C 424 -12.92 25.70 13.35
C PRO C 424 -12.54 27.15 13.24
N PHE C 425 -12.28 27.62 12.02
CA PHE C 425 -11.78 28.96 11.82
C PHE C 425 -12.83 30.02 12.10
N HIS C 426 -14.11 29.66 12.06
CA HIS C 426 -15.12 30.61 12.49
C HIS C 426 -15.31 30.59 13.99
N VAL C 427 -14.59 29.70 14.70
CA VAL C 427 -14.66 29.73 16.15
C VAL C 427 -13.41 30.38 16.72
N LEU C 428 -12.27 30.14 16.09
CA LEU C 428 -11.01 30.72 16.56
C LEU C 428 -10.99 32.23 16.43
N ILE C 429 -11.47 32.74 15.30
CA ILE C 429 -11.35 34.17 15.07
C ILE C 429 -12.39 34.94 15.87
N ILE C 430 -13.38 34.26 16.43
CA ILE C 430 -14.14 34.85 17.52
C ILE C 430 -13.28 34.92 18.78
N THR C 431 -12.60 33.82 19.10
CA THR C 431 -11.84 33.75 20.34
C THR C 431 -10.60 34.61 20.27
N TYR C 432 -10.06 34.84 19.08
CA TYR C 432 -9.01 35.83 18.93
C TYR C 432 -9.51 37.23 19.28
N ALA C 433 -10.67 37.60 18.73
CA ALA C 433 -11.21 38.92 19.00
C ALA C 433 -11.66 39.04 20.45
N PHE C 434 -12.07 37.94 21.06
CA PHE C 434 -12.50 37.99 22.43
C PHE C 434 -11.31 38.19 23.37
N MET C 435 -10.16 37.60 23.06
CA MET C 435 -9.01 37.75 23.92
C MET C 435 -8.36 39.12 23.79
N VAL C 436 -8.38 39.71 22.60
CA VAL C 436 -7.85 41.06 22.44
C VAL C 436 -8.77 42.05 23.12
N LEU C 437 -10.07 41.76 23.12
CA LEU C 437 -10.99 42.63 23.82
C LEU C 437 -10.83 42.51 25.33
N VAL C 438 -10.27 41.40 25.81
CA VAL C 438 -9.98 41.28 27.24
C VAL C 438 -8.79 42.14 27.62
N THR C 439 -7.72 42.11 26.82
CA THR C 439 -6.47 42.74 27.23
C THR C 439 -6.53 44.26 27.24
N MET C 440 -7.57 44.87 26.71
CA MET C 440 -7.75 46.30 26.96
C MET C 440 -8.55 46.54 28.23
N VAL C 441 -9.43 45.61 28.60
CA VAL C 441 -10.07 45.69 29.90
C VAL C 441 -9.05 45.40 30.99
N MET C 442 -8.08 44.53 30.69
CA MET C 442 -6.97 44.31 31.62
C MET C 442 -6.05 45.51 31.70
N ARG C 443 -6.09 46.38 30.70
CA ARG C 443 -5.22 47.55 30.69
C ARG C 443 -5.92 48.76 31.27
N LEU C 444 -7.23 48.88 31.05
CA LEU C 444 -7.94 50.08 31.47
C LEU C 444 -8.08 50.17 32.99
N ILE C 445 -8.01 49.04 33.69
CA ILE C 445 -8.05 49.07 35.14
C ILE C 445 -6.74 48.61 35.75
N SER C 446 -5.76 48.25 34.92
CA SER C 446 -4.38 47.95 35.31
C SER C 446 -4.29 46.76 36.25
N ALA C 447 -4.76 45.61 35.78
CA ALA C 447 -4.63 44.39 36.56
C ALA C 447 -3.21 43.85 36.45
N SER C 448 -2.92 42.83 37.27
CA SER C 448 -1.57 42.28 37.29
C SER C 448 -1.38 41.25 36.18
N GLY C 449 -2.16 40.18 36.22
CA GLY C 449 -1.93 39.04 35.35
C GLY C 449 -2.35 39.28 33.91
N GLU C 450 -1.61 40.15 33.23
CA GLU C 450 -1.95 40.57 31.89
C GLU C 450 -1.29 39.72 30.82
N VAL C 451 -0.32 38.87 31.19
CA VAL C 451 0.35 38.04 30.19
C VAL C 451 -0.49 36.84 29.80
N VAL C 452 -1.62 36.60 30.44
CA VAL C 452 -2.46 35.47 30.06
C VAL C 452 -3.18 35.75 28.74
N PRO C 453 -3.97 36.82 28.54
CA PRO C 453 -4.68 36.92 27.27
C PRO C 453 -3.77 37.30 26.12
N MET C 454 -2.67 37.98 26.40
CA MET C 454 -1.73 38.31 25.33
C MET C 454 -1.05 37.06 24.80
N SER C 455 -0.83 36.08 25.67
CA SER C 455 -0.25 34.83 25.21
C SER C 455 -1.21 34.04 24.35
N PHE C 456 -2.48 34.01 24.73
CA PHE C 456 -3.47 33.35 23.90
C PHE C 456 -3.74 34.13 22.62
N ALA C 457 -3.47 35.44 22.63
CA ALA C 457 -3.72 36.23 21.44
C ALA C 457 -2.74 35.90 20.34
N LEU C 458 -1.50 35.56 20.71
CA LEU C 458 -0.51 35.31 19.68
C LEU C 458 -0.61 33.90 19.13
N VAL C 459 -0.94 32.94 19.98
CA VAL C 459 -1.03 31.58 19.47
C VAL C 459 -2.35 31.37 18.71
N LEU C 460 -3.44 31.96 19.16
CA LEU C 460 -4.69 31.83 18.41
C LEU C 460 -4.71 32.77 17.22
N GLY C 461 -3.97 33.87 17.29
CA GLY C 461 -3.93 34.80 16.19
C GLY C 461 -3.22 34.22 14.99
N TRP C 462 -1.97 33.80 15.18
CA TRP C 462 -1.16 33.31 14.08
C TRP C 462 -1.72 32.03 13.48
N CYS C 463 -2.37 31.20 14.27
CA CYS C 463 -2.94 30.01 13.67
C CYS C 463 -4.17 30.30 12.82
N ASN C 464 -4.75 31.49 12.90
CA ASN C 464 -5.72 31.88 11.88
C ASN C 464 -5.12 32.50 10.65
N VAL C 465 -3.80 32.47 10.47
CA VAL C 465 -3.30 32.74 9.14
C VAL C 465 -3.59 31.55 8.26
N MET C 466 -3.63 30.37 8.86
CA MET C 466 -3.83 29.09 8.18
C MET C 466 -5.22 28.97 7.55
N TYR C 467 -6.16 29.84 7.92
CA TYR C 467 -7.43 29.94 7.20
C TYR C 467 -7.23 30.34 5.75
N PHE C 468 -6.20 31.11 5.46
CA PHE C 468 -5.92 31.47 4.08
C PHE C 468 -5.12 30.41 3.36
N ALA C 469 -4.84 29.28 4.01
CA ALA C 469 -4.14 28.20 3.35
C ALA C 469 -5.09 27.24 2.66
N ARG C 470 -6.02 27.79 1.89
CA ARG C 470 -6.88 26.99 1.06
C ARG C 470 -7.02 27.56 -0.33
N GLY C 471 -6.52 28.77 -0.57
CA GLY C 471 -6.55 29.32 -1.90
C GLY C 471 -5.23 29.13 -2.61
N PHE C 472 -4.59 27.99 -2.37
CA PHE C 472 -3.34 27.67 -3.00
C PHE C 472 -3.31 26.17 -3.25
N GLN C 473 -2.76 25.78 -4.38
CA GLN C 473 -2.77 24.36 -4.73
C GLN C 473 -1.78 23.57 -3.87
N MET C 474 -0.66 24.18 -3.53
CA MET C 474 0.43 23.48 -2.86
C MET C 474 0.10 23.23 -1.40
N LEU C 475 -0.08 24.28 -0.62
CA LEU C 475 -0.41 24.12 0.79
C LEU C 475 -1.91 24.22 1.03
N GLY C 476 -2.63 23.45 0.22
CA GLY C 476 -4.07 23.44 0.24
C GLY C 476 -4.58 22.26 1.03
N PRO C 477 -4.83 21.15 0.33
CA PRO C 477 -5.37 19.95 0.98
C PRO C 477 -4.54 19.41 2.12
N PHE C 478 -3.27 19.77 2.21
CA PHE C 478 -2.48 19.43 3.39
C PHE C 478 -3.01 20.10 4.65
N THR C 479 -3.72 21.22 4.54
CA THR C 479 -4.41 21.76 5.70
C THR C 479 -5.56 20.87 6.13
N ILE C 480 -6.34 20.38 5.17
CA ILE C 480 -7.50 19.54 5.50
C ILE C 480 -7.07 18.21 6.06
N MET C 481 -5.87 17.74 5.70
CA MET C 481 -5.34 16.52 6.28
C MET C 481 -5.07 16.69 7.78
N ILE C 482 -4.86 17.91 8.24
CA ILE C 482 -4.63 18.14 9.66
C ILE C 482 -5.95 18.16 10.42
N GLN C 483 -6.95 18.88 9.90
CA GLN C 483 -8.25 18.96 10.56
C GLN C 483 -8.93 17.60 10.63
N LYS C 484 -8.66 16.73 9.68
CA LYS C 484 -9.19 15.38 9.72
C LYS C 484 -8.32 14.46 10.55
N MET C 485 -7.40 15.01 11.35
CA MET C 485 -6.55 14.17 12.16
C MET C 485 -6.47 14.66 13.60
N ILE C 486 -6.51 15.97 13.81
CA ILE C 486 -6.71 16.50 15.16
C ILE C 486 -8.06 16.07 15.71
N PHE C 487 -9.10 16.14 14.90
CA PHE C 487 -10.36 15.54 15.31
C PHE C 487 -10.44 14.10 14.80
N GLY C 488 -9.34 13.39 14.98
CA GLY C 488 -9.12 12.09 14.38
C GLY C 488 -8.26 11.24 15.28
N ASP C 489 -7.17 10.70 14.72
CA ASP C 489 -6.35 9.74 15.45
C ASP C 489 -5.56 10.34 16.59
N LEU C 490 -5.26 11.63 16.57
CA LEU C 490 -4.56 12.20 17.71
C LEU C 490 -5.50 12.36 18.88
N MET C 491 -6.79 12.59 18.61
CA MET C 491 -7.79 12.53 19.66
C MET C 491 -7.96 11.10 20.14
N ARG C 492 -7.77 10.14 19.23
CA ARG C 492 -7.78 8.74 19.61
C ARG C 492 -6.55 8.39 20.43
N PHE C 493 -5.42 8.98 20.09
CA PHE C 493 -4.18 8.61 20.76
C PHE C 493 -4.06 9.28 22.11
N CYS C 494 -4.68 10.44 22.28
CA CYS C 494 -4.42 11.25 23.46
C CYS C 494 -5.02 10.62 24.71
N TRP C 495 -6.10 9.85 24.58
CA TRP C 495 -6.67 9.21 25.74
C TRP C 495 -5.75 8.12 26.27
N LEU C 496 -5.30 7.21 25.41
CA LEU C 496 -4.38 6.20 25.87
C LEU C 496 -3.00 6.75 26.13
N MET C 497 -2.70 7.94 25.64
CA MET C 497 -1.54 8.63 26.15
C MET C 497 -1.81 9.13 27.56
N ALA C 498 -3.03 9.61 27.81
CA ALA C 498 -3.31 10.22 29.11
C ALA C 498 -3.37 9.21 30.23
N VAL C 499 -3.73 7.97 29.93
CA VAL C 499 -3.90 6.99 30.99
C VAL C 499 -2.55 6.49 31.45
N VAL C 500 -1.63 6.27 30.51
CA VAL C 500 -0.29 5.84 30.88
C VAL C 500 0.48 6.96 31.55
N ILE C 501 0.30 8.20 31.07
CA ILE C 501 1.18 9.29 31.46
C ILE C 501 0.95 9.69 32.90
N LEU C 502 -0.24 9.46 33.44
CA LEU C 502 -0.38 9.68 34.85
C LEU C 502 -0.31 8.38 35.64
N GLY C 503 -0.17 7.25 34.94
CA GLY C 503 0.11 6.02 35.65
C GLY C 503 1.54 5.98 36.13
N PHE C 504 2.49 6.07 35.21
CA PHE C 504 3.90 6.01 35.58
C PHE C 504 4.33 7.21 36.40
N ALA C 505 3.68 8.36 36.21
CA ALA C 505 4.11 9.56 36.90
C ALA C 505 3.83 9.45 38.38
N SER C 506 2.67 8.91 38.73
CA SER C 506 2.42 8.64 40.13
C SER C 506 3.33 7.54 40.65
N ALA C 507 3.72 6.62 39.77
CA ALA C 507 4.66 5.59 40.17
C ALA C 507 6.08 6.15 40.26
N PHE C 508 6.36 7.20 39.50
CA PHE C 508 7.64 7.86 39.71
C PHE C 508 7.65 8.68 40.99
N TYR C 509 6.51 9.31 41.33
CA TYR C 509 6.49 10.29 42.40
C TYR C 509 6.74 9.67 43.75
N ILE C 510 6.24 8.45 43.98
CA ILE C 510 6.50 7.79 45.25
C ILE C 510 7.81 7.05 45.28
N ILE C 511 8.63 7.19 44.26
CA ILE C 511 10.00 6.70 44.35
C ILE C 511 10.93 7.81 44.79
N PHE C 512 10.87 8.96 44.13
CA PHE C 512 11.77 10.05 44.45
C PHE C 512 11.24 10.93 45.56
N GLN C 513 10.18 10.52 46.25
CA GLN C 513 9.75 11.28 47.40
C GLN C 513 10.68 11.07 48.56
N THR C 514 11.33 9.91 48.62
CA THR C 514 12.35 9.65 49.62
C THR C 514 13.72 10.00 49.05
N GLU C 515 13.89 11.30 48.78
CA GLU C 515 15.07 11.78 48.07
C GLU C 515 15.14 13.29 48.25
N ASP C 516 16.35 13.84 48.26
CA ASP C 516 16.51 15.30 48.25
C ASP C 516 16.58 15.77 46.81
N PRO C 517 15.67 16.62 46.36
CA PRO C 517 15.64 17.03 44.96
C PRO C 517 16.68 18.07 44.57
N GLU C 518 17.73 18.30 45.37
CA GLU C 518 18.75 19.25 44.96
C GLU C 518 19.54 18.71 43.78
N GLU C 519 19.82 17.42 43.79
CA GLU C 519 20.41 16.74 42.65
C GLU C 519 19.39 15.73 42.12
N LEU C 520 19.14 15.81 40.81
CA LEU C 520 18.08 15.06 40.12
C LEU C 520 16.74 15.33 40.79
N GLY C 521 16.40 16.60 40.84
CA GLY C 521 15.06 17.00 41.17
C GLY C 521 14.28 17.19 39.89
N HIS C 522 14.15 16.12 39.10
CA HIS C 522 13.29 16.18 37.92
C HIS C 522 11.85 16.40 38.30
N PHE C 523 11.43 15.93 39.47
CA PHE C 523 10.07 16.12 39.94
C PHE C 523 10.03 16.01 41.45
N TYR C 524 9.72 17.13 42.10
CA TYR C 524 9.57 17.22 43.55
C TYR C 524 8.11 17.27 43.97
N ASP C 525 7.25 17.90 43.18
CA ASP C 525 5.85 18.10 43.51
C ASP C 525 5.00 17.32 42.51
N TYR C 526 3.85 16.84 42.97
CA TYR C 526 3.03 15.99 42.12
C TYR C 526 2.43 16.71 40.92
N PRO C 527 2.11 18.01 40.95
CA PRO C 527 1.87 18.67 39.67
C PRO C 527 3.13 19.20 39.02
N MET C 528 4.19 18.45 39.12
CA MET C 528 5.34 18.58 38.22
C MET C 528 5.71 17.24 37.62
N ALA C 529 5.52 16.14 38.35
CA ALA C 529 5.74 14.82 37.77
C ALA C 529 4.70 14.50 36.73
N LEU C 530 3.52 15.11 36.81
CA LEU C 530 2.61 15.06 35.68
C LEU C 530 3.22 15.76 34.49
N PHE C 531 3.89 16.88 34.72
CA PHE C 531 4.47 17.60 33.59
C PHE C 531 5.79 16.98 33.17
N SER C 532 6.59 16.52 34.13
CA SER C 532 7.91 16.03 33.77
C SER C 532 7.85 14.65 33.17
N THR C 533 6.71 13.97 33.29
CA THR C 533 6.61 12.72 32.58
C THR C 533 6.08 12.95 31.18
N PHE C 534 5.19 13.95 31.02
CA PHE C 534 4.64 14.26 29.70
C PHE C 534 5.72 14.73 28.75
N GLU C 535 6.67 15.53 29.23
CA GLU C 535 7.83 15.87 28.43
C GLU C 535 8.67 14.63 28.14
N LEU C 536 8.70 13.68 29.07
CA LEU C 536 9.55 12.53 28.87
C LEU C 536 8.92 11.54 27.92
N PHE C 537 7.60 11.54 27.82
CA PHE C 537 6.91 10.59 26.97
C PHE C 537 7.12 10.89 25.51
N LEU C 538 7.33 12.15 25.17
CA LEU C 538 7.58 12.53 23.79
C LEU C 538 9.06 12.67 23.50
N THR C 539 9.91 12.27 24.44
CA THR C 539 11.37 12.27 24.33
C THR C 539 11.94 13.65 24.04
N ILE C 540 11.28 14.71 24.48
CA ILE C 540 11.76 16.06 24.24
C ILE C 540 12.54 16.60 25.43
N ILE C 541 12.78 15.78 26.45
CA ILE C 541 13.72 16.10 27.50
C ILE C 541 14.69 14.95 27.65
N ASP C 542 15.57 15.07 28.63
CA ASP C 542 16.87 14.44 28.51
C ASP C 542 16.89 13.05 29.12
N GLY C 543 15.90 12.72 29.93
CA GLY C 543 15.92 11.46 30.62
C GLY C 543 16.76 11.56 31.88
N PRO C 544 16.17 11.17 33.02
CA PRO C 544 16.76 11.52 34.32
C PRO C 544 17.96 10.66 34.63
N ALA C 545 19.11 11.31 34.83
CA ALA C 545 20.32 10.60 35.21
C ALA C 545 21.20 11.57 35.96
N ASN C 546 21.81 11.08 37.01
CA ASN C 546 22.80 11.87 37.72
C ASN C 546 24.19 11.27 37.68
N TYR C 547 24.30 9.94 37.56
CA TYR C 547 25.55 9.21 37.38
C TYR C 547 26.54 9.39 38.51
N ASN C 548 26.12 9.97 39.63
CA ASN C 548 27.10 10.35 40.63
C ASN C 548 26.68 9.81 41.98
N VAL C 549 25.37 9.82 42.25
CA VAL C 549 24.82 9.25 43.46
C VAL C 549 23.83 8.17 43.05
N ASP C 550 23.74 7.10 43.83
CA ASP C 550 22.85 6.01 43.44
C ASP C 550 21.38 6.35 43.62
N LEU C 551 20.79 6.78 42.53
CA LEU C 551 19.35 6.92 42.44
C LEU C 551 18.70 5.55 42.60
N PRO C 552 17.52 5.46 43.24
CA PRO C 552 17.08 4.18 43.82
C PRO C 552 16.74 3.11 42.80
N PHE C 553 16.62 1.88 43.31
CA PHE C 553 16.58 0.72 42.42
C PHE C 553 15.25 0.61 41.71
N MET C 554 14.14 0.86 42.41
CA MET C 554 12.85 0.72 41.75
C MET C 554 12.56 1.82 40.76
N TYR C 555 13.36 2.88 40.71
CA TYR C 555 13.38 3.73 39.54
C TYR C 555 13.81 2.93 38.32
N SER C 556 15.02 2.37 38.40
CA SER C 556 15.73 1.94 37.20
C SER C 556 15.09 0.72 36.56
N ILE C 557 14.32 -0.05 37.31
CA ILE C 557 13.54 -1.08 36.66
C ILE C 557 12.28 -0.48 36.03
N THR C 558 11.58 0.41 36.73
CA THR C 558 10.33 0.88 36.16
C THR C 558 10.53 1.99 35.14
N TYR C 559 11.73 2.54 35.05
CA TYR C 559 11.97 3.48 33.97
C TYR C 559 12.21 2.76 32.66
N ALA C 560 12.91 1.63 32.72
CA ALA C 560 13.18 0.89 31.51
C ALA C 560 11.90 0.25 30.99
N ALA C 561 11.04 -0.21 31.89
CA ALA C 561 9.76 -0.73 31.46
C ALA C 561 8.84 0.39 30.99
N PHE C 562 9.08 1.61 31.42
CA PHE C 562 8.36 2.74 30.85
C PHE C 562 8.75 2.96 29.41
N ALA C 563 10.04 3.04 29.14
CA ALA C 563 10.51 3.52 27.85
C ALA C 563 10.21 2.55 26.73
N ILE C 564 9.98 1.28 27.04
CA ILE C 564 9.59 0.33 26.00
C ILE C 564 8.18 0.62 25.53
N ILE C 565 7.22 0.73 26.45
CA ILE C 565 5.85 0.99 26.00
C ILE C 565 5.59 2.48 25.84
N ALA C 566 6.63 3.30 25.85
CA ALA C 566 6.47 4.71 25.56
C ALA C 566 7.18 5.12 24.28
N THR C 567 8.49 4.95 24.23
CA THR C 567 9.22 5.43 23.07
C THR C 567 9.24 4.38 21.97
N LEU C 568 9.30 3.12 22.34
CA LEU C 568 9.44 2.08 21.35
C LEU C 568 8.09 1.53 20.89
N LEU C 569 7.02 1.75 21.66
CA LEU C 569 5.70 1.23 21.27
C LEU C 569 4.67 2.31 20.98
N MET C 570 4.33 3.16 21.95
CA MET C 570 3.20 4.07 21.77
C MET C 570 3.53 5.19 20.79
N LEU C 571 4.74 5.73 20.86
CA LEU C 571 5.07 6.92 20.08
C LEU C 571 5.13 6.59 18.60
N ASN C 572 5.65 5.43 18.25
CA ASN C 572 5.82 5.10 16.86
C ASN C 572 4.82 4.07 16.35
N LEU C 573 3.91 3.59 17.19
CA LEU C 573 2.68 3.07 16.62
C LEU C 573 1.86 4.20 16.05
N LEU C 574 1.93 5.37 16.70
CA LEU C 574 1.13 6.51 16.29
C LEU C 574 1.57 7.04 14.94
N ILE C 575 2.79 6.75 14.50
CA ILE C 575 3.12 7.09 13.12
C ILE C 575 2.68 6.00 12.18
N ALA C 576 2.54 4.76 12.66
CA ALA C 576 2.12 3.69 11.77
C ALA C 576 0.65 3.83 11.40
N MET C 577 -0.20 4.11 12.40
CA MET C 577 -1.61 4.26 12.03
C MET C 577 -1.86 5.59 11.35
N MET C 578 -0.95 6.56 11.51
CA MET C 578 -1.12 7.82 10.81
C MET C 578 -0.69 7.66 9.36
N GLY C 579 0.29 6.80 9.11
CA GLY C 579 0.61 6.47 7.74
C GLY C 579 -0.47 5.66 7.08
N ASP C 580 -1.11 4.76 7.82
CA ASP C 580 -2.16 3.96 7.22
C ASP C 580 -3.42 4.76 6.98
N THR C 581 -3.77 5.68 7.86
CA THR C 581 -4.98 6.45 7.67
C THR C 581 -4.81 7.54 6.63
N HIS C 582 -3.61 7.74 6.09
CA HIS C 582 -3.41 8.79 5.12
C HIS C 582 -3.97 8.43 3.76
N TRP C 583 -3.52 7.31 3.18
CA TRP C 583 -3.93 6.99 1.81
C TRP C 583 -5.36 6.49 1.71
N ARG C 584 -5.98 6.11 2.81
CA ARG C 584 -7.36 5.68 2.71
C ARG C 584 -8.34 6.84 2.72
N VAL C 585 -7.86 8.06 2.94
CA VAL C 585 -8.67 9.25 2.73
C VAL C 585 -8.06 10.18 1.71
N ALA C 586 -7.07 9.72 0.95
CA ALA C 586 -6.40 10.58 -0.01
C ALA C 586 -7.30 10.97 -1.16
N HIS C 587 -8.26 10.12 -1.51
CA HIS C 587 -9.20 10.52 -2.55
C HIS C 587 -10.34 11.37 -1.97
N GLU C 588 -10.63 11.23 -0.69
CA GLU C 588 -11.73 11.99 -0.12
C GLU C 588 -11.32 13.43 0.14
N ARG C 589 -10.07 13.66 0.52
CA ARG C 589 -9.63 15.02 0.79
C ARG C 589 -9.55 15.86 -0.46
N ASP C 590 -9.28 15.23 -1.60
CA ASP C 590 -9.26 15.99 -2.85
C ASP C 590 -10.67 16.34 -3.30
N GLU C 591 -11.70 15.72 -2.72
CA GLU C 591 -13.04 16.27 -2.87
C GLU C 591 -13.34 17.34 -1.84
N LEU C 592 -12.80 17.17 -0.62
CA LEU C 592 -13.03 18.15 0.44
C LEU C 592 -12.45 19.51 0.08
N TRP C 593 -11.36 19.51 -0.68
CA TRP C 593 -10.77 20.78 -1.07
C TRP C 593 -11.64 21.52 -2.07
N ARG C 594 -12.13 20.83 -3.10
CA ARG C 594 -13.01 21.46 -4.06
C ARG C 594 -14.34 21.83 -3.42
N ALA C 595 -14.73 21.11 -2.37
CA ALA C 595 -15.90 21.54 -1.64
C ALA C 595 -15.61 22.79 -0.86
N GLN C 596 -14.41 22.88 -0.28
CA GLN C 596 -14.09 24.02 0.56
C GLN C 596 -13.91 25.27 -0.26
N ILE C 597 -13.49 25.12 -1.51
CA ILE C 597 -13.20 26.29 -2.32
C ILE C 597 -14.49 26.92 -2.84
N VAL C 598 -15.56 26.15 -2.96
CA VAL C 598 -16.84 26.71 -3.31
C VAL C 598 -17.40 27.49 -2.13
N ALA C 599 -17.27 26.91 -0.94
CA ALA C 599 -17.76 27.55 0.27
C ALA C 599 -16.98 28.81 0.60
N THR C 600 -15.75 28.91 0.13
CA THR C 600 -15.06 30.19 0.26
C THR C 600 -15.59 31.19 -0.75
N THR C 601 -15.96 30.73 -1.94
CA THR C 601 -16.43 31.63 -2.98
C THR C 601 -17.77 32.24 -2.62
N VAL C 602 -18.71 31.41 -2.18
CA VAL C 602 -20.06 31.89 -1.91
C VAL C 602 -20.08 32.76 -0.67
N MET C 603 -19.29 32.40 0.35
CA MET C 603 -19.19 33.24 1.53
C MET C 603 -18.51 34.56 1.22
N LEU C 604 -17.60 34.57 0.24
CA LEU C 604 -17.03 35.82 -0.22
C LEU C 604 -18.05 36.59 -1.05
N GLU C 605 -18.96 35.87 -1.70
CA GLU C 605 -19.95 36.50 -2.58
C GLU C 605 -20.97 37.28 -1.77
N ARG C 606 -21.34 36.77 -0.60
CA ARG C 606 -22.47 37.32 0.12
C ARG C 606 -22.14 38.66 0.74
N LYS C 607 -20.88 38.87 1.10
CA LYS C 607 -20.54 40.04 1.88
C LYS C 607 -20.12 41.21 0.99
N LEU C 608 -19.57 40.93 -0.16
CA LEU C 608 -19.16 42.01 -1.06
C LEU C 608 -20.40 42.62 -1.73
N PRO C 609 -20.42 43.93 -1.91
CA PRO C 609 -21.61 44.58 -2.45
C PRO C 609 -21.73 44.38 -3.96
N ARG C 610 -22.79 44.97 -4.52
CA ARG C 610 -23.08 44.84 -5.94
C ARG C 610 -22.22 45.77 -6.79
N CYS C 611 -21.66 46.82 -6.18
CA CYS C 611 -20.75 47.71 -6.90
C CYS C 611 -19.48 46.97 -7.33
N LEU C 612 -19.09 45.96 -6.57
CA LEU C 612 -18.08 45.02 -6.99
C LEU C 612 -18.78 43.72 -7.39
N TRP C 613 -18.00 42.71 -7.83
CA TRP C 613 -18.45 41.34 -8.08
C TRP C 613 -19.55 41.25 -9.13
N PRO C 614 -19.22 41.30 -10.42
CA PRO C 614 -20.25 41.11 -11.45
C PRO C 614 -20.86 39.72 -11.37
N ARG C 615 -22.11 39.60 -11.82
CA ARG C 615 -22.74 38.30 -11.89
C ARG C 615 -22.12 37.47 -13.00
N SER C 616 -22.16 36.16 -12.83
CA SER C 616 -21.45 35.28 -13.74
C SER C 616 -22.26 35.03 -15.00
N GLY C 617 -21.57 34.87 -16.11
CA GLY C 617 -22.21 34.54 -17.36
C GLY C 617 -22.86 35.73 -18.03
N ILE C 618 -23.21 35.53 -19.29
CA ILE C 618 -23.74 36.64 -20.08
C ILE C 618 -25.23 36.80 -19.78
N CYS C 619 -25.81 37.92 -20.20
CA CYS C 619 -27.17 38.26 -19.86
C CYS C 619 -28.10 38.04 -21.06
N GLY C 620 -29.39 38.19 -20.78
CA GLY C 620 -30.42 38.31 -21.76
C GLY C 620 -30.69 39.77 -22.05
N ARG C 621 -31.92 40.05 -22.52
CA ARG C 621 -32.46 41.38 -22.83
C ARG C 621 -31.72 42.09 -23.95
N GLU C 622 -30.81 41.40 -24.64
CA GLU C 622 -30.10 41.92 -25.77
C GLU C 622 -30.10 40.95 -26.92
N TYR C 623 -30.63 39.76 -26.72
CA TYR C 623 -30.48 38.67 -27.66
C TYR C 623 -31.80 37.92 -27.85
N GLY C 624 -32.88 38.40 -27.26
CA GLY C 624 -34.18 37.77 -27.38
C GLY C 624 -34.29 36.50 -26.57
N LEU C 625 -33.84 36.53 -25.32
CA LEU C 625 -33.85 35.33 -24.50
C LEU C 625 -34.63 35.53 -23.20
N GLY C 626 -34.79 36.77 -22.77
CA GLY C 626 -35.53 37.07 -21.56
C GLY C 626 -34.65 37.77 -20.53
N ASP C 627 -35.10 37.68 -19.28
CA ASP C 627 -34.36 38.29 -18.19
C ASP C 627 -33.36 37.32 -17.58
N ARG C 628 -33.41 36.06 -17.95
CA ARG C 628 -32.55 35.07 -17.35
C ARG C 628 -31.13 35.18 -17.92
N TRP C 629 -30.16 34.75 -17.13
CA TRP C 629 -28.77 34.78 -17.51
C TRP C 629 -28.40 33.46 -18.20
N PHE C 630 -27.19 33.39 -18.74
CA PHE C 630 -26.75 32.20 -19.46
C PHE C 630 -25.25 32.01 -19.32
N LEU C 631 -24.83 30.78 -19.60
CA LEU C 631 -23.42 30.41 -19.65
C LEU C 631 -23.27 29.41 -20.78
N ARG C 632 -22.16 29.48 -21.51
CA ARG C 632 -21.91 28.54 -22.59
C ARG C 632 -20.57 27.85 -22.39
N VAL C 633 -20.43 26.71 -23.08
CA VAL C 633 -19.23 25.89 -22.99
C VAL C 633 -19.21 25.02 -24.22
N GLU C 634 -18.02 24.60 -24.64
CA GLU C 634 -17.87 23.82 -25.86
C GLU C 634 -16.76 22.80 -25.68
N ASP C 635 -16.89 21.68 -26.40
CA ASP C 635 -16.04 20.53 -26.15
C ASP C 635 -16.07 19.58 -27.35
N ARG C 636 -15.25 18.55 -27.28
CA ARG C 636 -15.12 17.53 -28.32
C ARG C 636 -15.80 16.25 -27.86
N GLN C 637 -16.51 15.59 -28.77
CA GLN C 637 -17.36 14.44 -28.45
C GLN C 637 -17.09 13.29 -29.44
N ASP C 638 -15.84 12.80 -29.44
CA ASP C 638 -15.12 12.04 -30.46
C ASP C 638 -15.93 11.17 -31.42
N LEU C 639 -16.77 10.27 -30.88
CA LEU C 639 -17.66 9.47 -31.71
C LEU C 639 -18.83 8.99 -30.85
N ARG D 26 -5.49 37.72 -22.75
CA ARG D 26 -5.40 37.05 -21.46
C ARG D 26 -6.67 36.26 -21.16
N GLU D 27 -7.54 36.83 -20.33
CA GLU D 27 -8.73 36.12 -19.90
C GLU D 27 -10.00 36.69 -20.53
N SER D 28 -10.06 38.02 -20.71
CA SER D 28 -11.24 38.64 -21.30
C SER D 28 -11.41 38.33 -22.77
N TRP D 29 -10.41 37.71 -23.40
CA TRP D 29 -10.58 37.23 -24.76
C TRP D 29 -11.60 36.11 -24.84
N ALA D 30 -11.78 35.35 -23.76
CA ALA D 30 -12.91 34.43 -23.71
C ALA D 30 -14.23 35.17 -23.56
N GLN D 31 -14.21 36.31 -22.86
CA GLN D 31 -15.39 37.14 -22.68
C GLN D 31 -15.79 37.87 -23.97
N SER D 32 -14.89 38.00 -24.92
CA SER D 32 -15.25 38.56 -26.21
C SER D 32 -15.57 37.49 -27.24
N ARG D 33 -15.13 36.25 -27.02
CA ARG D 33 -15.38 35.21 -28.00
C ARG D 33 -16.81 34.70 -27.91
N ASP D 34 -17.29 34.49 -26.69
CA ASP D 34 -18.61 33.94 -26.49
C ASP D 34 -19.73 34.89 -26.90
N GLU D 35 -19.48 36.20 -26.82
CA GLU D 35 -20.49 37.16 -27.28
C GLU D 35 -20.69 37.12 -28.78
N GLN D 36 -19.67 36.70 -29.54
CA GLN D 36 -19.88 36.47 -30.96
C GLN D 36 -20.87 35.33 -31.20
N ASN D 37 -20.83 34.30 -30.36
CA ASN D 37 -21.74 33.18 -30.55
C ASN D 37 -23.16 33.55 -30.17
N LEU D 38 -23.32 34.43 -29.18
CA LEU D 38 -24.67 34.90 -28.87
C LEU D 38 -25.17 35.88 -29.92
N LEU D 39 -24.27 36.67 -30.50
CA LEU D 39 -24.70 37.70 -31.43
C LEU D 39 -25.13 37.07 -32.75
N GLN D 40 -24.62 35.88 -33.04
CA GLN D 40 -25.08 35.13 -34.20
C GLN D 40 -26.53 34.74 -34.04
N GLN D 41 -26.95 34.40 -32.83
CA GLN D 41 -28.31 33.95 -32.65
C GLN D 41 -29.31 35.08 -32.67
N LYS D 42 -28.85 36.33 -32.57
CA LYS D 42 -29.73 37.45 -32.84
C LYS D 42 -29.81 37.73 -34.32
N ARG D 43 -28.68 37.62 -35.02
CA ARG D 43 -28.69 37.85 -36.45
C ARG D 43 -29.34 36.69 -37.20
N ILE D 44 -29.37 35.50 -36.60
CA ILE D 44 -30.14 34.43 -37.20
C ILE D 44 -31.62 34.61 -36.93
N TRP D 45 -31.98 35.50 -36.01
CA TRP D 45 -33.36 35.68 -35.59
C TRP D 45 -34.04 36.84 -36.31
N GLU D 46 -33.37 37.99 -36.41
CA GLU D 46 -33.96 39.16 -37.03
C GLU D 46 -33.80 39.19 -38.54
N SER D 47 -33.50 38.06 -39.16
CA SER D 47 -33.26 37.99 -40.60
C SER D 47 -34.19 36.98 -41.23
N PRO D 48 -35.07 37.39 -42.15
CA PRO D 48 -36.14 36.49 -42.61
C PRO D 48 -35.70 35.31 -43.45
N LEU D 49 -34.89 35.55 -44.49
CA LEU D 49 -34.45 34.45 -45.33
C LEU D 49 -33.40 33.61 -44.63
N LEU D 50 -32.64 34.23 -43.74
CA LEU D 50 -31.51 33.56 -43.12
C LEU D 50 -31.96 32.61 -42.02
N LEU D 51 -33.06 32.93 -41.33
CA LEU D 51 -33.66 31.95 -40.43
C LEU D 51 -34.27 30.81 -41.23
N ALA D 52 -34.80 31.11 -42.41
CA ALA D 52 -35.25 30.05 -43.30
C ALA D 52 -34.08 29.25 -43.85
N ALA D 53 -32.87 29.81 -43.85
CA ALA D 53 -31.70 29.01 -44.15
C ALA D 53 -31.30 28.14 -42.97
N LYS D 54 -31.64 28.53 -41.74
CA LYS D 54 -31.26 27.72 -40.59
C LYS D 54 -32.11 26.46 -40.52
N ASP D 55 -33.36 26.54 -40.93
CA ASP D 55 -34.18 25.38 -41.13
C ASP D 55 -34.12 25.04 -42.62
N ASN D 56 -34.98 24.13 -43.07
CA ASN D 56 -35.03 23.89 -44.51
C ASN D 56 -35.84 24.99 -45.18
N ASP D 57 -37.15 25.02 -44.92
CA ASP D 57 -38.10 26.02 -45.43
C ASP D 57 -38.01 26.21 -46.94
N VAL D 58 -37.81 25.11 -47.67
CA VAL D 58 -37.44 25.20 -49.08
C VAL D 58 -38.62 25.65 -49.92
N GLN D 59 -39.85 25.49 -49.41
CA GLN D 59 -40.99 26.12 -50.06
C GLN D 59 -40.99 27.62 -49.79
N ALA D 60 -40.68 28.02 -48.55
CA ALA D 60 -40.71 29.42 -48.21
C ALA D 60 -39.47 30.14 -48.72
N LEU D 61 -38.30 29.51 -48.61
CA LEU D 61 -37.07 30.14 -49.07
C LEU D 61 -37.03 30.27 -50.59
N ASN D 62 -37.78 29.42 -51.30
CA ASN D 62 -37.99 29.65 -52.73
C ASN D 62 -38.72 30.96 -52.97
N LYS D 63 -39.71 31.25 -52.14
CA LYS D 63 -40.47 32.49 -52.29
C LYS D 63 -39.76 33.66 -51.65
N LEU D 64 -39.03 33.42 -50.56
CA LEU D 64 -38.32 34.50 -49.86
C LEU D 64 -37.19 35.08 -50.69
N LEU D 65 -36.67 34.34 -51.66
CA LEU D 65 -35.64 34.89 -52.53
C LEU D 65 -36.26 35.76 -53.62
N LYS D 66 -37.41 35.36 -54.15
CA LYS D 66 -38.01 36.03 -55.31
C LYS D 66 -38.66 37.33 -54.84
N TYR D 67 -37.83 38.37 -54.76
CA TYR D 67 -38.28 39.71 -54.43
C TYR D 67 -37.37 40.70 -55.15
N GLU D 68 -37.61 41.99 -54.90
CA GLU D 68 -36.84 43.02 -55.57
C GLU D 68 -35.48 43.21 -54.91
N ASP D 69 -35.48 43.59 -53.63
CA ASP D 69 -34.23 43.87 -52.92
C ASP D 69 -34.20 43.04 -51.65
N CYS D 70 -33.78 41.78 -51.79
CA CYS D 70 -33.57 40.83 -50.70
C CYS D 70 -32.29 40.06 -50.93
N LYS D 71 -31.19 40.80 -51.13
CA LYS D 71 -29.93 40.26 -51.62
C LYS D 71 -29.36 39.23 -50.66
N VAL D 72 -28.50 38.36 -51.19
CA VAL D 72 -27.96 37.25 -50.43
C VAL D 72 -26.60 37.55 -49.82
N HIS D 73 -26.04 38.72 -50.09
CA HIS D 73 -24.72 39.05 -49.60
C HIS D 73 -24.74 39.64 -48.20
N GLN D 74 -25.90 39.67 -47.55
CA GLN D 74 -25.96 40.14 -46.18
C GLN D 74 -25.27 39.16 -45.25
N ARG D 75 -24.66 39.69 -44.20
CA ARG D 75 -23.84 38.87 -43.33
C ARG D 75 -24.29 39.02 -41.89
N GLY D 76 -24.16 37.93 -41.14
CA GLY D 76 -24.59 37.90 -39.76
C GLY D 76 -23.57 38.54 -38.83
N ALA D 77 -23.43 37.92 -37.66
CA ALA D 77 -22.51 38.41 -36.66
C ALA D 77 -21.07 38.22 -37.06
N MET D 78 -20.72 37.01 -37.50
CA MET D 78 -19.35 36.67 -37.83
C MET D 78 -19.05 36.86 -39.29
N GLY D 79 -19.87 37.63 -40.00
CA GLY D 79 -19.65 37.90 -41.40
C GLY D 79 -19.90 36.67 -42.25
N GLU D 80 -21.13 36.17 -42.25
CA GLU D 80 -21.40 34.88 -42.85
C GLU D 80 -22.62 34.95 -43.75
N THR D 81 -22.57 34.23 -44.86
CA THR D 81 -23.62 34.31 -45.85
C THR D 81 -24.70 33.26 -45.61
N ALA D 82 -25.74 33.31 -46.42
CA ALA D 82 -26.87 32.40 -46.24
C ALA D 82 -26.56 31.00 -46.72
N LEU D 83 -25.49 30.84 -47.50
CA LEU D 83 -25.11 29.49 -47.91
C LEU D 83 -24.44 28.74 -46.76
N HIS D 84 -23.64 29.44 -45.96
CA HIS D 84 -22.90 28.82 -44.86
C HIS D 84 -23.82 28.27 -43.80
N ILE D 85 -24.86 29.03 -43.46
CA ILE D 85 -25.81 28.60 -42.45
C ILE D 85 -26.57 27.38 -42.93
N ALA D 86 -26.85 27.33 -44.23
CA ALA D 86 -27.45 26.14 -44.81
C ALA D 86 -26.49 24.96 -44.76
N ALA D 87 -25.19 25.24 -44.80
CA ALA D 87 -24.21 24.17 -44.68
C ALA D 87 -24.00 23.77 -43.24
N LEU D 88 -23.97 24.75 -42.34
CA LEU D 88 -23.54 24.51 -40.97
C LEU D 88 -24.59 23.72 -40.17
N TYR D 89 -25.84 23.75 -40.63
CA TYR D 89 -26.88 22.86 -40.12
C TYR D 89 -27.25 21.80 -41.15
N ASP D 90 -26.28 21.36 -41.96
CA ASP D 90 -26.27 20.32 -43.01
C ASP D 90 -27.58 20.14 -43.77
N ASN D 91 -28.17 21.26 -44.20
CA ASN D 91 -29.42 21.25 -44.94
C ASN D 91 -29.12 21.27 -46.42
N LEU D 92 -29.25 20.12 -47.07
CA LEU D 92 -28.83 20.01 -48.47
C LEU D 92 -29.83 20.69 -49.39
N GLU D 93 -31.13 20.61 -49.07
CA GLU D 93 -32.15 21.18 -49.94
C GLU D 93 -32.09 22.69 -49.94
N ALA D 94 -31.85 23.29 -48.78
CA ALA D 94 -31.73 24.74 -48.74
C ALA D 94 -30.40 25.21 -49.29
N ALA D 95 -29.42 24.31 -49.37
CA ALA D 95 -28.13 24.69 -49.92
C ALA D 95 -28.19 24.90 -51.43
N MET D 96 -28.79 23.96 -52.16
CA MET D 96 -28.76 24.00 -53.61
C MET D 96 -29.62 25.10 -54.20
N VAL D 97 -30.66 25.53 -53.48
CA VAL D 97 -31.51 26.58 -54.00
C VAL D 97 -30.77 27.92 -53.95
N LEU D 98 -29.92 28.11 -52.93
CA LEU D 98 -29.07 29.29 -52.90
C LEU D 98 -28.01 29.25 -54.00
N MET D 99 -27.54 28.05 -54.36
CA MET D 99 -26.62 27.94 -55.48
C MET D 99 -27.33 28.18 -56.81
N GLU D 100 -28.54 27.64 -56.97
CA GLU D 100 -29.28 27.78 -58.21
C GLU D 100 -29.73 29.22 -58.43
N ALA D 101 -30.01 29.94 -57.35
CA ALA D 101 -30.43 31.33 -57.49
C ALA D 101 -29.26 32.31 -57.45
N ALA D 102 -28.10 31.88 -56.95
CA ALA D 102 -26.94 32.75 -56.87
C ALA D 102 -25.67 31.95 -57.14
N PRO D 103 -25.14 32.01 -58.37
CA PRO D 103 -23.91 31.26 -58.67
C PRO D 103 -22.66 31.85 -58.07
N GLU D 104 -22.62 33.15 -57.76
CA GLU D 104 -21.41 33.74 -57.22
C GLU D 104 -21.23 33.42 -55.74
N LEU D 105 -22.29 32.92 -55.09
CA LEU D 105 -22.34 32.84 -53.64
C LEU D 105 -21.34 31.85 -53.04
N VAL D 106 -20.89 30.86 -53.81
CA VAL D 106 -19.94 29.88 -53.28
C VAL D 106 -18.54 30.47 -53.16
N PHE D 107 -18.22 31.52 -53.93
CA PHE D 107 -16.92 32.17 -53.86
C PHE D 107 -16.84 33.15 -52.69
N GLU D 108 -17.17 32.69 -51.49
CA GLU D 108 -17.40 33.69 -50.45
C GLU D 108 -16.92 33.19 -49.10
N PRO D 109 -15.81 33.72 -48.60
CA PRO D 109 -15.34 33.35 -47.27
C PRO D 109 -15.89 34.28 -46.21
N MET D 110 -15.85 33.81 -44.97
CA MET D 110 -16.27 34.63 -43.85
C MET D 110 -15.21 35.64 -43.49
N THR D 111 -15.64 36.78 -42.95
CA THR D 111 -14.78 37.93 -42.75
C THR D 111 -14.72 38.43 -41.32
N SER D 112 -14.89 37.57 -40.32
CA SER D 112 -14.70 38.00 -38.95
C SER D 112 -13.21 38.00 -38.61
N GLU D 113 -12.89 38.37 -37.38
CA GLU D 113 -11.53 38.14 -36.93
C GLU D 113 -11.39 36.80 -36.26
N LEU D 114 -12.49 36.22 -35.79
CA LEU D 114 -12.41 34.90 -35.18
C LEU D 114 -12.30 33.83 -36.26
N TYR D 115 -13.31 33.72 -37.09
CA TYR D 115 -13.25 32.89 -38.29
C TYR D 115 -12.88 33.81 -39.44
N GLU D 116 -11.98 33.36 -40.31
CA GLU D 116 -11.57 34.18 -41.43
C GLU D 116 -11.10 33.29 -42.55
N GLY D 117 -11.51 33.60 -43.76
CA GLY D 117 -11.11 32.80 -44.90
C GLY D 117 -11.71 31.43 -44.95
N GLN D 118 -12.87 31.21 -44.35
CA GLN D 118 -13.51 29.91 -44.39
C GLN D 118 -14.63 29.93 -45.41
N THR D 119 -14.51 29.10 -46.44
CA THR D 119 -15.51 29.06 -47.50
C THR D 119 -16.56 28.01 -47.21
N ALA D 120 -17.55 27.90 -48.10
CA ALA D 120 -18.62 26.95 -47.93
C ALA D 120 -18.17 25.51 -48.16
N LEU D 121 -17.03 25.31 -48.82
CA LEU D 121 -16.53 23.96 -49.01
C LEU D 121 -16.01 23.36 -47.71
N HIS D 122 -15.53 24.21 -46.80
CA HIS D 122 -14.94 23.75 -45.54
C HIS D 122 -15.98 23.05 -44.67
N ILE D 123 -17.13 23.68 -44.48
CA ILE D 123 -18.09 23.23 -43.48
C ILE D 123 -18.72 21.90 -43.89
N ALA D 124 -19.01 21.70 -45.17
CA ALA D 124 -19.52 20.42 -45.62
C ALA D 124 -18.47 19.32 -45.51
N VAL D 125 -17.19 19.70 -45.57
CA VAL D 125 -16.14 18.72 -45.33
C VAL D 125 -16.01 18.41 -43.84
N VAL D 126 -16.19 19.41 -42.99
CA VAL D 126 -16.08 19.19 -41.54
C VAL D 126 -17.22 18.30 -41.04
N ASN D 127 -18.40 18.46 -41.62
CA ASN D 127 -19.52 17.57 -41.31
C ASN D 127 -19.39 16.18 -41.96
N GLN D 128 -18.29 15.90 -42.66
CA GLN D 128 -17.70 14.60 -42.97
C GLN D 128 -18.56 13.65 -43.77
N ASN D 129 -19.77 14.06 -44.12
CA ASN D 129 -20.68 13.20 -44.85
C ASN D 129 -21.63 14.12 -45.59
N MET D 130 -21.40 14.30 -46.88
CA MET D 130 -22.19 15.29 -47.58
C MET D 130 -22.19 14.99 -49.06
N ASN D 131 -23.32 15.30 -49.70
CA ASN D 131 -23.41 15.36 -51.15
C ASN D 131 -23.29 16.79 -51.65
N LEU D 132 -23.18 17.76 -50.75
CA LEU D 132 -22.97 19.14 -51.18
C LEU D 132 -21.55 19.33 -51.70
N VAL D 133 -20.60 18.50 -51.25
CA VAL D 133 -19.25 18.55 -51.79
C VAL D 133 -19.20 18.09 -53.24
N ARG D 134 -20.18 17.31 -53.69
CA ARG D 134 -20.36 17.10 -55.12
C ARG D 134 -20.74 18.40 -55.80
N ALA D 135 -21.71 19.11 -55.21
CA ALA D 135 -22.28 20.27 -55.87
C ALA D 135 -21.34 21.47 -55.82
N LEU D 136 -20.68 21.70 -54.70
CA LEU D 136 -19.81 22.87 -54.59
C LEU D 136 -18.57 22.73 -55.46
N LEU D 137 -18.07 21.50 -55.60
CA LEU D 137 -16.99 21.26 -56.53
C LEU D 137 -17.47 21.40 -57.96
N ALA D 138 -18.70 20.99 -58.25
CA ALA D 138 -19.21 21.07 -59.62
C ALA D 138 -19.52 22.49 -60.04
N ARG D 139 -19.62 23.41 -59.10
CA ARG D 139 -19.78 24.82 -59.43
C ARG D 139 -18.46 25.57 -59.31
N ARG D 140 -17.35 24.84 -59.34
CA ARG D 140 -15.98 25.35 -59.40
C ARG D 140 -15.64 26.18 -58.15
N ALA D 141 -15.70 25.53 -57.01
CA ALA D 141 -15.18 26.11 -55.79
C ALA D 141 -13.65 26.08 -55.81
N SER D 142 -13.04 26.89 -54.95
CA SER D 142 -11.59 26.92 -54.87
C SER D 142 -11.13 26.05 -53.70
N VAL D 143 -10.25 25.10 -53.97
CA VAL D 143 -9.85 24.12 -52.98
C VAL D 143 -8.54 24.55 -52.33
N SER D 144 -8.21 25.83 -52.44
CA SER D 144 -7.00 26.35 -51.82
C SER D 144 -7.29 27.61 -51.03
N ALA D 145 -8.46 27.68 -50.40
CA ALA D 145 -8.81 28.84 -49.58
C ALA D 145 -8.26 28.63 -48.19
N ARG D 146 -7.19 29.35 -47.84
CA ARG D 146 -6.58 29.21 -46.53
C ARG D 146 -7.47 29.81 -45.47
N ALA D 147 -7.82 29.02 -44.46
CA ALA D 147 -8.67 29.48 -43.37
C ALA D 147 -7.81 29.85 -42.17
N THR D 148 -7.14 30.99 -42.29
CA THR D 148 -6.20 31.42 -41.26
C THR D 148 -6.83 32.27 -40.17
N GLY D 149 -8.11 32.09 -39.90
CA GLY D 149 -8.74 32.78 -38.79
C GLY D 149 -8.20 32.32 -37.45
N THR D 150 -8.48 33.13 -36.43
CA THR D 150 -7.92 32.86 -35.10
C THR D 150 -8.59 31.71 -34.41
N ALA D 151 -9.69 31.20 -34.93
CA ALA D 151 -10.27 29.98 -34.38
C ALA D 151 -9.67 28.73 -34.99
N PHE D 152 -8.50 28.81 -35.60
CA PHE D 152 -7.86 27.64 -36.15
C PHE D 152 -6.38 27.53 -35.81
N ARG D 153 -5.80 28.48 -35.11
CA ARG D 153 -4.39 28.39 -34.77
C ARG D 153 -4.17 27.37 -33.65
N ARG D 154 -3.00 26.75 -33.67
CA ARG D 154 -2.67 25.74 -32.68
C ARG D 154 -2.38 26.40 -31.36
N SER D 155 -3.37 26.44 -30.48
CA SER D 155 -3.24 27.06 -29.17
C SER D 155 -4.12 26.28 -28.23
N PRO D 156 -3.80 26.26 -26.94
CA PRO D 156 -4.66 25.55 -25.98
C PRO D 156 -5.92 26.31 -25.57
N CYS D 157 -6.59 26.89 -26.58
CA CYS D 157 -7.90 27.51 -26.41
C CYS D 157 -8.88 27.10 -27.50
N ASN D 158 -8.44 26.76 -28.70
CA ASN D 158 -9.27 26.07 -29.67
C ASN D 158 -9.21 24.58 -29.39
N LEU D 159 -10.36 23.94 -29.37
CA LEU D 159 -10.36 22.52 -29.07
C LEU D 159 -10.03 21.65 -30.26
N ILE D 160 -9.82 22.23 -31.43
CA ILE D 160 -9.45 21.49 -32.61
C ILE D 160 -8.13 22.06 -33.13
N TYR D 161 -7.46 21.26 -33.95
CA TYR D 161 -6.40 21.81 -34.81
C TYR D 161 -6.53 21.10 -36.16
N PHE D 162 -7.18 21.77 -37.09
CA PHE D 162 -7.52 21.14 -38.36
C PHE D 162 -6.66 21.62 -39.51
N GLY D 163 -5.71 22.50 -39.27
CA GLY D 163 -4.91 23.00 -40.36
C GLY D 163 -5.61 24.12 -41.10
N GLU D 164 -5.37 24.26 -42.39
CA GLU D 164 -5.97 25.39 -43.10
C GLU D 164 -6.71 25.01 -44.38
N HIS D 165 -6.20 24.07 -45.13
CA HIS D 165 -6.67 23.77 -46.47
C HIS D 165 -7.86 22.82 -46.46
N PRO D 166 -8.65 22.76 -47.54
CA PRO D 166 -9.84 21.90 -47.53
C PRO D 166 -9.56 20.42 -47.48
N LEU D 167 -8.52 19.92 -48.15
CA LEU D 167 -8.21 18.50 -47.99
C LEU D 167 -7.53 18.26 -46.67
N SER D 168 -6.94 19.29 -46.08
CA SER D 168 -6.41 19.16 -44.74
C SER D 168 -7.51 18.89 -43.73
N PHE D 169 -8.69 19.51 -43.92
CA PHE D 169 -9.81 19.20 -43.04
C PHE D 169 -10.30 17.77 -43.27
N ALA D 170 -10.25 17.31 -44.51
CA ALA D 170 -10.88 16.05 -44.86
C ALA D 170 -10.15 14.88 -44.27
N ALA D 171 -8.82 14.93 -44.29
CA ALA D 171 -8.02 13.92 -43.63
C ALA D 171 -8.19 14.01 -42.13
N CYS D 172 -8.42 15.22 -41.61
CA CYS D 172 -8.32 15.43 -40.18
C CYS D 172 -9.50 14.83 -39.44
N VAL D 173 -10.61 14.56 -40.13
CA VAL D 173 -11.80 14.01 -39.50
C VAL D 173 -12.06 12.58 -39.98
N ASN D 174 -11.07 11.98 -40.64
CA ASN D 174 -11.08 10.59 -41.10
C ASN D 174 -12.24 10.31 -42.04
N SER D 175 -12.16 10.92 -43.22
CA SER D 175 -13.15 10.64 -44.26
C SER D 175 -12.39 10.51 -45.58
N GLU D 176 -12.08 9.27 -45.94
CA GLU D 176 -11.32 8.99 -47.15
C GLU D 176 -12.09 9.39 -48.40
N GLU D 177 -13.41 9.23 -48.36
CA GLU D 177 -14.22 9.43 -49.55
C GLU D 177 -14.30 10.90 -49.93
N ILE D 178 -13.97 11.80 -49.00
CA ILE D 178 -13.79 13.19 -49.38
C ILE D 178 -12.37 13.41 -49.90
N VAL D 179 -11.40 12.68 -49.34
CA VAL D 179 -10.00 12.88 -49.71
C VAL D 179 -9.75 12.44 -51.14
N ARG D 180 -10.24 11.26 -51.50
CA ARG D 180 -10.11 10.78 -52.87
C ARG D 180 -10.89 11.65 -53.86
N LEU D 181 -11.99 12.23 -53.42
CA LEU D 181 -12.72 13.13 -54.29
C LEU D 181 -11.97 14.45 -54.44
N LEU D 182 -11.38 14.94 -53.35
CA LEU D 182 -10.82 16.27 -53.38
C LEU D 182 -9.47 16.27 -54.07
N ILE D 183 -8.70 15.18 -53.92
CA ILE D 183 -7.40 15.09 -54.57
C ILE D 183 -7.56 14.94 -56.07
N GLU D 184 -8.71 14.46 -56.53
CA GLU D 184 -8.90 14.20 -57.94
C GLU D 184 -9.10 15.49 -58.73
N HIS D 185 -9.48 16.58 -58.05
CA HIS D 185 -9.75 17.83 -58.72
C HIS D 185 -8.72 18.91 -58.41
N GLY D 186 -7.45 18.55 -58.39
CA GLY D 186 -6.37 19.50 -58.34
C GLY D 186 -5.84 19.90 -56.98
N ALA D 187 -6.13 19.12 -55.94
CA ALA D 187 -5.66 19.44 -54.60
C ALA D 187 -4.15 19.24 -54.51
N ASP D 188 -3.47 20.18 -53.86
CA ASP D 188 -2.02 20.13 -53.75
C ASP D 188 -1.67 19.58 -52.38
N ILE D 189 -0.95 18.46 -52.37
CA ILE D 189 -0.53 17.84 -51.11
C ILE D 189 0.46 18.74 -50.39
N ARG D 190 1.43 19.27 -51.11
CA ARG D 190 2.59 19.92 -50.52
C ARG D 190 2.31 21.32 -50.00
N ALA D 191 1.06 21.73 -49.93
CA ALA D 191 0.73 23.06 -49.45
C ALA D 191 0.92 23.13 -47.94
N GLN D 192 1.81 24.02 -47.51
CA GLN D 192 2.07 24.20 -46.09
C GLN D 192 1.07 25.19 -45.52
N ASP D 193 1.26 25.61 -44.28
CA ASP D 193 0.33 26.51 -43.62
C ASP D 193 1.07 27.73 -43.07
N SER D 194 0.31 28.60 -42.41
CA SER D 194 0.92 29.76 -41.77
C SER D 194 1.73 29.36 -40.55
N LEU D 195 1.41 28.21 -39.95
CA LEU D 195 2.29 27.66 -38.93
C LEU D 195 3.51 27.01 -39.56
N GLY D 196 3.42 26.65 -40.85
CA GLY D 196 4.53 26.10 -41.61
C GLY D 196 4.36 24.62 -41.90
N ASN D 197 3.55 23.94 -41.12
CA ASN D 197 3.36 22.50 -41.24
C ASN D 197 2.60 22.14 -42.50
N THR D 198 2.86 20.94 -43.00
CA THR D 198 2.20 20.42 -44.18
C THR D 198 0.96 19.63 -43.77
N VAL D 199 0.39 18.87 -44.72
CA VAL D 199 -0.75 18.01 -44.44
C VAL D 199 -0.41 16.95 -43.41
N LEU D 200 0.81 16.46 -43.46
CA LEU D 200 1.14 15.26 -42.72
C LEU D 200 1.54 15.54 -41.29
N HIS D 201 2.08 16.73 -41.01
CA HIS D 201 2.33 17.12 -39.63
C HIS D 201 1.04 17.26 -38.85
N ILE D 202 -0.02 17.66 -39.53
CA ILE D 202 -1.32 17.78 -38.88
C ILE D 202 -1.82 16.41 -38.46
N LEU D 203 -1.52 15.39 -39.26
CA LEU D 203 -1.95 14.04 -38.93
C LEU D 203 -1.26 13.47 -37.71
N ILE D 204 -0.09 13.96 -37.35
CA ILE D 204 0.64 13.36 -36.25
C ILE D 204 0.05 13.78 -34.91
N LEU D 205 -0.26 15.06 -34.77
CA LEU D 205 -0.73 15.53 -33.48
C LEU D 205 -2.24 15.51 -33.34
N GLN D 206 -2.91 14.64 -34.08
CA GLN D 206 -4.32 14.39 -33.84
C GLN D 206 -4.51 13.57 -32.56
N PRO D 207 -5.66 13.70 -31.90
CA PRO D 207 -5.89 12.89 -30.70
C PRO D 207 -6.36 11.49 -30.99
N ASN D 208 -7.06 11.26 -32.08
CA ASN D 208 -7.59 9.94 -32.40
C ASN D 208 -6.51 9.19 -33.16
N LYS D 209 -5.62 8.54 -32.41
CA LYS D 209 -4.30 8.17 -32.92
C LYS D 209 -4.34 7.04 -33.93
N THR D 210 -5.17 6.03 -33.72
CA THR D 210 -5.13 4.83 -34.54
C THR D 210 -5.63 5.11 -35.95
N PHE D 211 -6.72 5.89 -36.07
CA PHE D 211 -7.29 6.17 -37.38
C PHE D 211 -6.40 7.07 -38.22
N ALA D 212 -5.50 7.82 -37.59
CA ALA D 212 -4.55 8.58 -38.37
C ALA D 212 -3.52 7.67 -39.03
N CYS D 213 -3.14 6.60 -38.33
CA CYS D 213 -2.06 5.74 -38.80
C CYS D 213 -2.45 4.99 -40.06
N GLN D 214 -3.70 4.59 -40.16
CA GLN D 214 -4.18 3.94 -41.38
C GLN D 214 -4.16 4.91 -42.56
N MET D 215 -4.72 6.09 -42.37
CA MET D 215 -4.89 7.02 -43.47
C MET D 215 -3.61 7.77 -43.78
N TYR D 216 -2.63 7.72 -42.87
CA TYR D 216 -1.28 8.17 -43.19
C TYR D 216 -0.69 7.38 -44.35
N ASN D 217 -1.03 6.09 -44.43
CA ASN D 217 -0.53 5.28 -45.52
C ASN D 217 -1.17 5.66 -46.84
N LEU D 218 -2.42 6.12 -46.80
CA LEU D 218 -3.13 6.50 -48.02
C LEU D 218 -2.60 7.82 -48.58
N LEU D 219 -2.39 8.81 -47.71
CA LEU D 219 -1.88 10.10 -48.15
C LEU D 219 -0.46 10.02 -48.67
N LEU D 220 0.30 9.01 -48.26
CA LEU D 220 1.64 8.87 -48.77
C LEU D 220 1.64 8.36 -50.20
N SER D 221 0.57 7.68 -50.63
CA SER D 221 0.58 7.01 -51.92
C SER D 221 0.47 8.00 -53.07
N TYR D 222 -0.20 9.12 -52.85
CA TYR D 222 -0.44 10.08 -53.92
C TYR D 222 0.71 11.04 -54.15
N ASP D 223 1.90 10.69 -53.69
CA ASP D 223 3.08 11.53 -53.87
C ASP D 223 3.88 11.17 -55.12
N ARG D 224 3.35 10.29 -55.97
CA ARG D 224 4.13 9.63 -57.01
C ARG D 224 4.65 10.63 -58.05
N HIS D 225 5.81 10.26 -58.63
CA HIS D 225 6.83 11.01 -59.38
C HIS D 225 7.68 11.87 -58.44
N GLY D 226 7.27 12.01 -57.17
CA GLY D 226 8.02 12.68 -56.11
C GLY D 226 8.52 14.09 -56.29
N ASP D 227 8.17 14.72 -57.43
CA ASP D 227 8.68 16.03 -57.87
C ASP D 227 10.21 16.13 -57.81
N HIS D 228 10.88 15.00 -58.09
CA HIS D 228 12.33 14.79 -58.21
C HIS D 228 13.18 15.42 -57.10
N LEU D 229 12.60 15.62 -55.91
CA LEU D 229 13.24 16.28 -54.77
C LEU D 229 12.36 16.09 -53.54
N GLN D 230 13.02 15.76 -52.40
CA GLN D 230 12.56 15.68 -51.00
C GLN D 230 11.10 15.28 -50.86
N PRO D 231 10.78 14.04 -51.24
CA PRO D 231 9.46 13.73 -51.82
C PRO D 231 8.22 14.08 -51.01
N LEU D 232 8.03 13.49 -49.84
CA LEU D 232 6.92 13.99 -49.03
C LEU D 232 7.30 14.21 -47.58
N ASP D 233 8.03 13.29 -46.97
CA ASP D 233 8.22 13.32 -45.54
C ASP D 233 9.66 13.60 -45.18
N LEU D 234 10.33 14.42 -45.97
CA LEU D 234 11.62 14.97 -45.62
C LEU D 234 11.56 16.49 -45.49
N VAL D 235 10.39 17.08 -45.71
CA VAL D 235 10.25 18.52 -45.71
C VAL D 235 10.02 19.01 -44.28
N PRO D 236 10.74 20.00 -43.84
CA PRO D 236 10.49 20.54 -42.50
C PRO D 236 9.34 21.51 -42.50
N ASN D 237 9.02 22.08 -41.35
CA ASN D 237 8.06 23.15 -41.22
C ASN D 237 8.78 24.45 -40.89
N HIS D 238 8.00 25.50 -40.61
CA HIS D 238 8.61 26.77 -40.20
C HIS D 238 9.20 26.70 -38.80
N GLN D 239 8.88 25.66 -38.03
CA GLN D 239 9.56 25.42 -36.78
C GLN D 239 10.73 24.48 -36.96
N GLY D 240 10.77 23.74 -38.06
CA GLY D 240 11.98 23.07 -38.49
C GLY D 240 12.09 21.60 -38.20
N LEU D 241 11.05 20.81 -38.42
CA LEU D 241 11.07 19.38 -38.14
C LEU D 241 10.43 18.57 -39.25
N THR D 242 10.98 17.39 -39.47
CA THR D 242 10.40 16.38 -40.35
C THR D 242 9.20 15.75 -39.68
N PRO D 243 8.37 15.00 -40.41
CA PRO D 243 7.29 14.26 -39.73
C PRO D 243 7.79 13.22 -38.74
N PHE D 244 8.95 12.64 -39.00
CA PHE D 244 9.48 11.64 -38.09
C PHE D 244 9.91 12.25 -36.78
N LYS D 245 10.63 13.37 -36.83
CA LYS D 245 11.05 14.03 -35.60
C LYS D 245 9.87 14.62 -34.85
N LEU D 246 8.84 15.06 -35.58
CA LEU D 246 7.69 15.63 -34.90
C LEU D 246 6.92 14.56 -34.15
N ALA D 247 6.98 13.31 -34.65
CA ALA D 247 6.37 12.21 -33.93
C ALA D 247 7.05 11.96 -32.60
N GLY D 248 8.33 12.31 -32.50
CA GLY D 248 9.01 12.16 -31.23
C GLY D 248 8.56 13.16 -30.19
N VAL D 249 8.53 14.44 -30.58
CA VAL D 249 8.41 15.51 -29.60
C VAL D 249 7.01 15.57 -29.03
N GLU D 250 6.00 15.35 -29.87
CA GLU D 250 4.64 15.32 -29.37
C GLU D 250 4.31 14.01 -28.65
N GLY D 251 5.17 13.01 -28.74
CA GLY D 251 4.96 11.82 -27.96
C GLY D 251 3.96 10.85 -28.53
N ASN D 252 3.67 10.93 -29.82
CA ASN D 252 2.78 9.96 -30.44
C ASN D 252 3.53 8.65 -30.56
N THR D 253 3.23 7.71 -29.67
CA THR D 253 3.96 6.45 -29.65
C THR D 253 3.60 5.57 -30.84
N VAL D 254 2.33 5.56 -31.22
CA VAL D 254 1.86 4.61 -32.22
C VAL D 254 2.36 4.99 -33.59
N MET D 255 2.34 6.28 -33.92
CA MET D 255 2.87 6.73 -35.20
C MET D 255 4.38 6.54 -35.30
N PHE D 256 5.06 6.49 -34.16
CA PHE D 256 6.49 6.24 -34.21
C PHE D 256 6.79 4.81 -34.56
N GLN D 257 5.88 3.89 -34.24
CA GLN D 257 6.04 2.50 -34.69
C GLN D 257 5.89 2.41 -36.20
N HIS D 258 4.90 3.12 -36.74
CA HIS D 258 4.63 3.02 -38.16
C HIS D 258 5.68 3.74 -38.99
N LEU D 259 6.31 4.75 -38.43
CA LEU D 259 7.35 5.43 -39.19
C LEU D 259 8.68 4.69 -39.16
N MET D 260 8.85 3.71 -38.27
CA MET D 260 10.06 2.91 -38.38
C MET D 260 9.93 1.84 -39.44
N GLN D 261 8.71 1.61 -39.94
CA GLN D 261 8.49 0.53 -40.89
C GLN D 261 9.13 0.82 -42.23
N LYS D 262 9.08 2.07 -42.68
CA LYS D 262 9.84 2.41 -43.87
C LYS D 262 11.34 2.45 -43.58
N ARG D 263 11.72 2.91 -42.39
CA ARG D 263 13.11 3.27 -42.17
C ARG D 263 14.01 2.05 -41.98
N LYS D 264 13.51 1.02 -41.31
CA LYS D 264 14.34 -0.17 -41.19
C LYS D 264 14.14 -1.06 -42.40
N HIS D 265 15.06 -2.00 -42.58
CA HIS D 265 14.84 -3.08 -43.54
C HIS D 265 15.57 -4.32 -43.07
N THR D 266 14.93 -5.46 -43.25
CA THR D 266 15.31 -6.67 -42.56
C THR D 266 16.48 -7.37 -43.24
N GLN D 267 16.91 -8.44 -42.60
CA GLN D 267 17.99 -9.27 -43.09
C GLN D 267 17.49 -10.71 -43.11
N TRP D 268 18.44 -11.63 -43.20
CA TRP D 268 18.20 -13.06 -43.09
C TRP D 268 17.38 -13.45 -41.87
N THR D 269 16.50 -14.42 -42.06
CA THR D 269 15.72 -15.00 -41.00
C THR D 269 16.12 -16.46 -40.79
N TYR D 270 16.06 -16.91 -39.54
CA TYR D 270 16.66 -18.19 -39.19
C TYR D 270 15.88 -18.78 -38.03
N GLY D 271 14.86 -19.58 -38.37
CA GLY D 271 13.96 -20.14 -37.39
C GLY D 271 13.24 -19.05 -36.63
N PRO D 272 13.21 -19.15 -35.31
CA PRO D 272 12.66 -18.08 -34.48
C PRO D 272 13.63 -16.94 -34.24
N LEU D 273 14.83 -17.04 -34.77
CA LEU D 273 15.85 -16.02 -34.63
C LEU D 273 15.86 -15.17 -35.89
N THR D 274 15.96 -13.85 -35.72
CA THR D 274 15.98 -12.95 -36.86
C THR D 274 16.77 -11.70 -36.51
N SER D 275 17.21 -10.99 -37.55
CA SER D 275 18.07 -9.84 -37.37
C SER D 275 17.73 -8.78 -38.41
N THR D 276 17.77 -7.52 -37.98
CA THR D 276 17.41 -6.40 -38.84
C THR D 276 18.46 -5.30 -38.73
N LEU D 277 18.33 -4.30 -39.58
CA LEU D 277 19.14 -3.09 -39.55
C LEU D 277 18.23 -1.89 -39.44
N TYR D 278 18.66 -0.89 -38.67
CA TYR D 278 17.91 0.33 -38.53
C TYR D 278 18.62 1.49 -39.22
N ASP D 279 17.83 2.46 -39.69
CA ASP D 279 18.35 3.48 -40.58
C ASP D 279 19.31 4.42 -39.86
N LEU D 280 18.88 4.93 -38.70
CA LEU D 280 19.75 5.63 -37.73
C LEU D 280 20.28 6.97 -38.26
N THR D 281 19.91 7.37 -39.47
CA THR D 281 20.40 8.59 -40.07
C THR D 281 19.75 9.83 -39.50
N GLU D 282 18.78 9.68 -38.63
CA GLU D 282 18.07 10.83 -38.10
C GLU D 282 17.94 10.70 -36.59
N ILE D 283 18.83 9.97 -35.94
CA ILE D 283 18.76 9.76 -34.50
C ILE D 283 19.95 10.43 -33.84
N ASP D 284 21.16 10.02 -34.20
CA ASP D 284 22.36 10.59 -33.61
C ASP D 284 22.66 11.97 -34.19
N SER D 285 23.64 12.62 -33.58
CA SER D 285 24.06 13.96 -33.97
C SER D 285 24.88 13.88 -35.25
N SER D 286 24.30 14.38 -36.35
CA SER D 286 25.04 14.42 -37.61
C SER D 286 26.10 15.51 -37.56
N GLY D 287 25.68 16.75 -37.39
CA GLY D 287 26.61 17.85 -37.24
C GLY D 287 26.17 18.79 -36.14
N ASP D 288 26.25 20.09 -36.40
CA ASP D 288 25.76 21.09 -35.46
C ASP D 288 24.24 21.16 -35.42
N GLU D 289 23.55 20.50 -36.35
CA GLU D 289 22.11 20.42 -36.35
C GLU D 289 21.63 19.62 -35.15
N GLN D 290 20.37 19.83 -34.80
CA GLN D 290 19.81 19.13 -33.66
C GLN D 290 19.51 17.68 -34.02
N SER D 291 19.60 16.82 -33.02
CA SER D 291 19.30 15.42 -33.16
C SER D 291 17.91 15.16 -32.61
N LEU D 292 17.46 13.91 -32.71
CA LEU D 292 16.20 13.57 -32.06
C LEU D 292 16.38 13.44 -30.56
N LEU D 293 17.50 12.85 -30.13
CA LEU D 293 17.73 12.69 -28.70
C LEU D 293 17.94 14.02 -28.00
N GLU D 294 18.39 15.04 -28.73
CA GLU D 294 18.38 16.38 -28.16
C GLU D 294 16.97 16.87 -27.95
N LEU D 295 16.08 16.60 -28.91
CA LEU D 295 14.72 17.09 -28.82
C LEU D 295 13.88 16.36 -27.80
N ILE D 296 14.25 15.13 -27.44
CA ILE D 296 13.44 14.38 -26.48
C ILE D 296 13.61 14.95 -25.09
N ILE D 297 14.85 15.16 -24.67
CA ILE D 297 15.08 15.58 -23.29
C ILE D 297 14.76 17.05 -23.10
N THR D 298 14.72 17.84 -24.17
CA THR D 298 14.40 19.26 -24.06
C THR D 298 12.93 19.51 -24.36
N THR D 299 12.07 18.84 -23.59
CA THR D 299 10.66 19.15 -23.59
C THR D 299 10.11 18.97 -22.19
N LYS D 300 9.00 19.63 -21.92
CA LYS D 300 8.37 19.56 -20.61
C LYS D 300 7.29 18.50 -20.53
N LYS D 301 7.09 17.75 -21.60
CA LYS D 301 6.00 16.79 -21.66
C LYS D 301 6.39 15.51 -20.93
N ARG D 302 5.43 14.61 -20.83
CA ARG D 302 5.62 13.34 -20.16
C ARG D 302 5.50 12.16 -21.11
N GLU D 303 4.59 12.25 -22.09
CA GLU D 303 4.42 11.15 -23.02
C GLU D 303 5.59 11.04 -23.98
N ALA D 304 6.29 12.15 -24.22
CA ALA D 304 7.39 12.13 -25.18
C ALA D 304 8.59 11.37 -24.66
N ARG D 305 8.90 11.54 -23.37
CA ARG D 305 9.98 10.80 -22.74
C ARG D 305 9.70 9.31 -22.57
N GLN D 306 8.49 8.86 -22.88
CA GLN D 306 8.22 7.44 -22.85
C GLN D 306 8.77 6.72 -24.08
N ILE D 307 9.17 7.48 -25.11
CA ILE D 307 9.59 6.87 -26.37
C ILE D 307 10.96 6.21 -26.29
N LEU D 308 11.70 6.40 -25.18
CA LEU D 308 13.06 5.89 -25.07
C LEU D 308 13.12 4.38 -25.03
N ASP D 309 12.08 3.72 -24.56
CA ASP D 309 12.13 2.28 -24.38
C ASP D 309 11.82 1.52 -25.66
N GLN D 310 11.53 2.21 -26.75
CA GLN D 310 11.20 1.53 -27.99
C GLN D 310 12.44 0.90 -28.60
N THR D 311 12.22 -0.11 -29.43
CA THR D 311 13.32 -0.98 -29.84
C THR D 311 14.46 -0.38 -30.68
N PRO D 312 14.33 0.70 -31.46
CA PRO D 312 15.54 1.18 -32.13
C PRO D 312 16.26 2.28 -31.40
N VAL D 313 15.76 2.72 -30.24
CA VAL D 313 16.38 3.80 -29.49
C VAL D 313 16.98 3.31 -28.18
N LYS D 314 16.32 2.35 -27.53
CA LYS D 314 16.85 1.76 -26.29
C LYS D 314 18.18 1.06 -26.54
N GLU D 315 18.30 0.38 -27.68
CA GLU D 315 19.57 -0.26 -28.02
C GLU D 315 20.65 0.77 -28.31
N LEU D 316 20.27 1.93 -28.84
CA LEU D 316 21.26 2.94 -29.15
C LEU D 316 21.77 3.62 -27.90
N VAL D 317 20.90 3.82 -26.91
CA VAL D 317 21.33 4.50 -25.69
C VAL D 317 22.20 3.59 -24.85
N SER D 318 21.71 2.38 -24.57
CA SER D 318 22.40 1.51 -23.61
C SER D 318 23.72 0.99 -24.16
N LEU D 319 23.88 0.98 -25.48
CA LEU D 319 25.21 0.71 -26.02
C LEU D 319 26.09 1.94 -25.96
N LYS D 320 25.50 3.13 -25.99
CA LYS D 320 26.31 4.34 -26.01
C LYS D 320 26.85 4.65 -24.62
N TRP D 321 26.10 4.31 -23.58
CA TRP D 321 26.58 4.60 -22.24
C TRP D 321 27.42 3.46 -21.68
N LYS D 322 27.45 2.31 -22.33
CA LYS D 322 28.21 1.20 -21.76
C LYS D 322 29.65 1.19 -22.22
N ARG D 323 29.91 1.57 -23.47
CA ARG D 323 31.27 1.53 -23.98
C ARG D 323 31.94 2.88 -24.09
N TYR D 324 31.18 3.98 -24.09
CA TYR D 324 31.80 5.30 -24.07
C TYR D 324 31.19 6.21 -23.01
N GLY D 325 30.44 5.66 -22.07
CA GLY D 325 29.73 6.42 -21.06
C GLY D 325 30.54 6.43 -19.78
N ARG D 326 30.23 5.51 -18.86
CA ARG D 326 30.80 5.30 -17.54
C ARG D 326 32.32 5.47 -17.41
N PRO D 327 33.16 5.12 -18.40
CA PRO D 327 34.53 5.60 -18.31
C PRO D 327 34.64 7.12 -18.37
N TYR D 328 34.00 7.77 -19.32
CA TYR D 328 34.21 9.22 -19.37
C TYR D 328 33.26 9.96 -18.46
N PHE D 329 32.47 9.26 -17.66
CA PHE D 329 31.71 9.91 -16.62
C PHE D 329 32.40 9.79 -15.28
N CYS D 330 32.86 8.58 -14.94
CA CYS D 330 33.49 8.39 -13.64
C CYS D 330 34.88 9.01 -13.59
N MET D 331 35.55 9.13 -14.74
CA MET D 331 36.80 9.87 -14.74
C MET D 331 36.55 11.37 -14.59
N LEU D 332 35.37 11.84 -15.02
CA LEU D 332 34.95 13.17 -14.60
C LEU D 332 34.56 13.19 -13.14
N GLY D 333 34.16 12.05 -12.60
CA GLY D 333 33.81 12.01 -11.19
C GLY D 333 35.02 12.04 -10.29
N ALA D 334 36.09 11.35 -10.68
CA ALA D 334 37.25 11.31 -9.82
C ALA D 334 38.02 12.63 -9.83
N ILE D 335 38.01 13.34 -10.96
CA ILE D 335 38.69 14.63 -11.01
C ILE D 335 38.00 15.63 -10.11
N TYR D 336 36.68 15.63 -10.11
CA TYR D 336 35.96 16.61 -9.31
C TYR D 336 36.03 16.30 -7.83
N LEU D 337 36.07 15.02 -7.46
CA LEU D 337 36.22 14.69 -6.05
C LEU D 337 37.64 15.00 -5.58
N LEU D 338 38.61 14.89 -6.49
CA LEU D 338 39.97 15.29 -6.18
C LEU D 338 40.10 16.81 -6.12
N TYR D 339 39.18 17.54 -6.76
CA TYR D 339 39.26 18.99 -6.74
C TYR D 339 38.87 19.55 -5.39
N ILE D 340 37.73 19.14 -4.85
CA ILE D 340 37.28 19.71 -3.58
C ILE D 340 38.08 19.18 -2.41
N ILE D 341 38.60 17.95 -2.50
CA ILE D 341 39.43 17.43 -1.43
C ILE D 341 40.79 18.14 -1.37
N CYS D 342 41.18 18.88 -2.41
CA CYS D 342 42.27 19.83 -2.24
C CYS D 342 41.77 21.26 -2.16
N PHE D 343 40.46 21.46 -2.06
CA PHE D 343 39.95 22.76 -1.66
C PHE D 343 39.67 22.79 -0.17
N THR D 344 39.09 21.72 0.35
CA THR D 344 38.84 21.63 1.79
C THR D 344 40.15 21.58 2.55
N MET D 345 41.14 20.87 2.01
CA MET D 345 42.47 20.84 2.60
C MET D 345 43.14 22.19 2.49
N CYS D 346 42.91 22.91 1.40
CA CYS D 346 43.38 24.28 1.32
C CYS D 346 42.59 25.20 2.21
N CYS D 347 41.38 24.81 2.60
CA CYS D 347 40.54 25.69 3.41
C CYS D 347 40.95 25.68 4.86
N ILE D 348 41.02 24.50 5.48
CA ILE D 348 41.21 24.41 6.93
C ILE D 348 42.59 24.81 7.40
N TYR D 349 43.55 25.02 6.49
CA TYR D 349 44.81 25.65 6.82
C TYR D 349 44.77 27.16 6.63
N ARG D 350 43.60 27.76 6.78
CA ARG D 350 43.46 29.21 6.69
C ARG D 350 44.32 29.88 7.75
N PRO D 351 45.05 30.94 7.41
CA PRO D 351 46.01 31.51 8.36
C PRO D 351 45.33 32.34 9.43
N LEU D 352 45.90 32.33 10.63
CA LEU D 352 45.38 33.11 11.73
C LEU D 352 46.54 33.78 12.48
N LYS D 353 46.21 34.32 13.65
CA LYS D 353 47.11 35.01 14.57
C LYS D 353 46.35 35.22 15.87
N PRO D 354 47.05 35.49 16.97
CA PRO D 354 46.32 35.91 18.17
C PRO D 354 45.80 37.33 18.03
N ARG D 355 44.84 37.69 18.87
CA ARG D 355 44.11 38.94 18.67
C ARG D 355 44.77 40.09 19.43
N THR D 356 44.70 41.29 18.84
CA THR D 356 45.23 42.50 19.48
C THR D 356 44.18 43.60 19.44
N ASN D 357 43.20 43.50 20.34
CA ASN D 357 42.42 44.67 20.74
C ASN D 357 41.99 44.59 22.21
N ASN D 358 42.39 43.53 22.93
CA ASN D 358 42.23 43.37 24.38
C ASN D 358 40.76 43.43 24.82
N ARG D 359 39.98 42.43 24.36
CA ARG D 359 38.59 42.12 24.73
C ARG D 359 37.69 43.36 24.75
N THR D 360 37.48 43.88 23.55
CA THR D 360 36.74 45.10 23.27
C THR D 360 35.24 44.81 23.36
N SER D 361 34.39 45.59 22.65
CA SER D 361 33.00 46.02 22.85
C SER D 361 32.15 44.98 23.56
N PRO D 362 31.24 45.41 24.47
CA PRO D 362 31.23 44.96 25.88
C PRO D 362 31.57 43.52 26.23
N ARG D 363 32.32 43.43 27.32
CA ARG D 363 33.00 42.21 27.71
C ARG D 363 32.03 41.13 28.15
N ASP D 364 32.54 39.90 28.20
CA ASP D 364 31.92 38.65 28.68
C ASP D 364 30.80 38.16 27.78
N ASN D 365 30.38 38.95 26.80
CA ASN D 365 29.40 38.55 25.83
C ASN D 365 30.03 38.74 24.46
N THR D 366 31.32 38.42 24.39
CA THR D 366 32.10 38.29 23.17
C THR D 366 33.22 37.30 23.47
N LEU D 367 33.61 36.54 22.46
CA LEU D 367 34.55 35.47 22.74
C LEU D 367 35.63 35.30 21.69
N LEU D 368 35.46 35.83 20.48
CA LEU D 368 36.33 35.50 19.38
C LEU D 368 37.72 36.09 19.57
N GLN D 369 38.75 35.35 19.12
CA GLN D 369 40.09 35.72 19.53
C GLN D 369 41.15 35.55 18.45
N GLN D 370 40.78 35.58 17.17
CA GLN D 370 41.80 35.38 16.15
C GLN D 370 42.01 36.56 15.22
N LYS D 371 40.95 37.18 14.69
CA LYS D 371 40.97 38.40 13.86
C LYS D 371 41.98 38.38 12.69
N LEU D 372 41.58 37.72 11.60
CA LEU D 372 42.35 37.26 10.44
C LEU D 372 43.61 38.01 10.04
N LEU D 373 44.69 37.27 9.85
CA LEU D 373 45.96 37.77 9.30
C LEU D 373 45.72 38.31 7.89
N GLN D 374 46.53 39.31 7.50
CA GLN D 374 46.20 40.12 6.33
C GLN D 374 47.05 39.82 5.09
N GLU D 375 48.38 39.85 5.20
CA GLU D 375 49.19 39.65 4.00
C GLU D 375 50.45 38.82 4.23
N ALA D 376 50.76 38.40 5.45
CA ALA D 376 51.98 37.67 5.73
C ALA D 376 51.87 36.25 5.19
N TYR D 377 52.59 35.97 4.10
CA TYR D 377 52.77 34.61 3.61
C TYR D 377 54.19 34.11 3.79
N MET D 378 55.10 34.94 4.30
CA MET D 378 56.50 34.58 4.39
C MET D 378 56.68 33.51 5.46
N THR D 379 56.81 32.27 4.99
CA THR D 379 56.87 31.03 5.77
C THR D 379 57.36 29.98 4.80
N PRO D 380 58.20 29.03 5.21
CA PRO D 380 58.51 27.89 4.34
C PRO D 380 57.35 26.92 4.15
N LYS D 381 56.26 27.07 4.90
CA LYS D 381 55.07 26.23 4.79
C LYS D 381 53.98 26.88 3.96
N ASP D 382 53.79 28.19 4.12
CA ASP D 382 52.69 28.89 3.48
C ASP D 382 52.83 28.99 1.97
N ASP D 383 54.00 28.66 1.42
CA ASP D 383 54.13 28.52 -0.02
C ASP D 383 53.29 27.38 -0.57
N ILE D 384 53.03 26.35 0.25
CA ILE D 384 52.24 25.21 -0.21
C ILE D 384 50.79 25.61 -0.42
N ARG D 385 50.25 26.49 0.44
CA ARG D 385 48.90 26.99 0.21
C ARG D 385 48.81 27.85 -1.03
N LEU D 386 49.90 28.54 -1.39
CA LEU D 386 49.90 29.36 -2.58
C LEU D 386 49.81 28.51 -3.84
N VAL D 387 50.26 27.25 -3.76
CA VAL D 387 49.92 26.29 -4.80
C VAL D 387 48.44 25.96 -4.73
N GLY D 388 47.96 25.60 -3.54
CA GLY D 388 46.60 25.11 -3.39
C GLY D 388 45.54 26.16 -3.65
N GLU D 389 45.81 27.40 -3.27
CA GLU D 389 44.93 28.49 -3.69
C GLU D 389 44.97 28.66 -5.20
N LEU D 390 46.15 28.52 -5.81
CA LEU D 390 46.21 28.64 -7.26
C LEU D 390 45.71 27.40 -7.97
N VAL D 391 45.38 26.33 -7.26
CA VAL D 391 44.65 25.24 -7.90
C VAL D 391 43.19 25.61 -8.05
N THR D 392 42.54 25.94 -6.94
CA THR D 392 41.09 26.09 -6.95
C THR D 392 40.60 27.35 -7.63
N VAL D 393 41.42 28.40 -7.73
CA VAL D 393 40.99 29.58 -8.45
C VAL D 393 41.02 29.35 -9.95
N ILE D 394 42.03 28.63 -10.42
CA ILE D 394 42.06 28.19 -11.83
C ILE D 394 40.89 27.27 -12.12
N GLY D 395 40.54 26.41 -11.16
CA GLY D 395 39.38 25.55 -11.32
C GLY D 395 38.07 26.32 -11.35
N ALA D 396 38.01 27.46 -10.68
CA ALA D 396 36.79 28.26 -10.76
C ALA D 396 36.67 28.95 -12.11
N ILE D 397 37.80 29.22 -12.77
CA ILE D 397 37.75 29.83 -14.09
C ILE D 397 37.27 28.82 -15.13
N ILE D 398 37.69 27.57 -14.99
CA ILE D 398 37.31 26.53 -15.96
C ILE D 398 35.81 26.24 -15.88
N ILE D 399 35.21 26.35 -14.69
CA ILE D 399 33.77 26.17 -14.57
C ILE D 399 33.03 27.28 -15.28
N LEU D 400 33.51 28.52 -15.14
CA LEU D 400 32.80 29.64 -15.75
C LEU D 400 33.04 29.72 -17.25
N LEU D 401 34.06 29.05 -17.77
CA LEU D 401 34.26 29.09 -19.22
C LEU D 401 33.49 28.01 -19.96
N VAL D 402 32.84 27.09 -19.26
CA VAL D 402 32.04 26.06 -19.92
C VAL D 402 30.57 26.13 -19.57
N GLU D 403 30.12 27.20 -18.93
CA GLU D 403 28.70 27.41 -18.68
C GLU D 403 28.22 28.75 -19.19
N VAL D 404 29.03 29.79 -19.02
CA VAL D 404 28.69 31.11 -19.55
C VAL D 404 28.62 31.13 -21.08
N PRO D 405 29.48 30.42 -21.84
CA PRO D 405 29.15 30.24 -23.28
C PRO D 405 27.90 29.43 -23.53
N ASP D 406 27.40 28.64 -22.57
CA ASP D 406 26.15 27.96 -22.80
C ASP D 406 24.94 28.76 -22.33
N ILE D 407 25.14 29.88 -21.65
CA ILE D 407 24.00 30.74 -21.35
C ILE D 407 23.59 31.55 -22.57
N PHE D 408 24.57 32.22 -23.18
CA PHE D 408 24.29 33.13 -24.29
C PHE D 408 23.89 32.37 -25.55
N ARG D 409 24.40 31.15 -25.73
CA ARG D 409 24.06 30.38 -26.91
C ARG D 409 22.63 29.86 -26.87
N MET D 410 22.11 29.57 -25.68
CA MET D 410 20.74 29.16 -25.51
C MET D 410 19.92 30.35 -25.03
N GLY D 411 18.67 30.11 -24.67
CA GLY D 411 17.87 31.15 -24.08
C GLY D 411 18.27 31.42 -22.63
N VAL D 412 17.80 32.55 -22.11
CA VAL D 412 18.06 32.86 -20.71
C VAL D 412 17.20 32.01 -19.80
N THR D 413 16.01 31.61 -20.26
CA THR D 413 15.14 30.73 -19.49
C THR D 413 15.29 29.29 -19.97
N ARG D 414 16.52 28.81 -19.93
CA ARG D 414 16.79 27.40 -20.12
C ARG D 414 17.24 26.71 -18.85
N PHE D 415 17.84 27.45 -17.93
CA PHE D 415 18.42 26.86 -16.72
C PHE D 415 17.44 26.90 -15.57
N PHE D 416 16.56 27.90 -15.53
CA PHE D 416 15.27 27.71 -14.87
C PHE D 416 14.31 26.94 -15.77
N GLY D 417 14.65 26.79 -17.05
CA GLY D 417 13.80 26.15 -18.04
C GLY D 417 13.68 24.65 -17.94
N GLN D 418 14.76 23.92 -18.23
CA GLN D 418 14.71 22.46 -18.23
C GLN D 418 15.17 21.87 -16.90
N THR D 419 15.02 22.62 -15.81
CA THR D 419 15.53 22.17 -14.52
C THR D 419 14.72 21.05 -13.88
N ILE D 420 13.50 20.80 -14.35
CA ILE D 420 12.69 19.79 -13.70
C ILE D 420 13.13 18.38 -14.11
N LEU D 421 13.65 18.22 -15.33
CA LEU D 421 14.27 16.98 -15.78
C LEU D 421 15.47 16.73 -14.88
N GLY D 422 16.46 17.61 -15.00
CA GLY D 422 17.34 17.87 -13.89
C GLY D 422 18.19 19.08 -14.22
N GLY D 423 18.06 20.10 -13.38
CA GLY D 423 18.87 21.29 -13.45
C GLY D 423 19.21 22.13 -12.22
N PRO D 424 19.10 21.67 -10.96
CA PRO D 424 19.70 22.50 -9.91
C PRO D 424 21.20 22.51 -9.98
N PHE D 425 21.78 21.42 -10.47
CA PHE D 425 23.22 21.28 -10.47
C PHE D 425 23.90 22.23 -11.45
N HIS D 426 23.18 22.70 -12.46
CA HIS D 426 23.76 23.73 -13.31
C HIS D 426 23.60 25.12 -12.71
N VAL D 427 22.93 25.22 -11.57
CA VAL D 427 22.86 26.51 -10.89
C VAL D 427 23.81 26.56 -9.72
N LEU D 428 23.96 25.43 -9.01
CA LEU D 428 24.85 25.37 -7.87
C LEU D 428 26.30 25.54 -8.26
N ILE D 429 26.72 24.89 -9.35
CA ILE D 429 28.13 24.92 -9.68
C ILE D 429 28.51 26.25 -10.33
N ILE D 430 27.53 27.05 -10.72
CA ILE D 430 27.81 28.46 -10.95
C ILE D 430 28.06 29.17 -9.63
N THR D 431 27.20 28.92 -8.64
CA THR D 431 27.28 29.63 -7.37
C THR D 431 28.48 29.16 -6.56
N TYR D 432 28.92 27.92 -6.76
CA TYR D 432 30.20 27.50 -6.19
C TYR D 432 31.35 28.30 -6.76
N ALA D 433 31.39 28.43 -8.08
CA ALA D 433 32.47 29.18 -8.71
C ALA D 433 32.39 30.66 -8.38
N PHE D 434 31.17 31.16 -8.18
CA PHE D 434 31.02 32.57 -7.85
C PHE D 434 31.50 32.87 -6.44
N MET D 435 31.30 31.94 -5.51
CA MET D 435 31.74 32.20 -4.14
C MET D 435 33.25 32.05 -3.99
N VAL D 436 33.86 31.13 -4.73
CA VAL D 436 35.32 31.01 -4.69
C VAL D 436 35.95 32.22 -5.34
N LEU D 437 35.29 32.77 -6.36
CA LEU D 437 35.81 33.97 -6.99
C LEU D 437 35.65 35.18 -6.07
N VAL D 438 34.74 35.12 -5.09
CA VAL D 438 34.64 36.20 -4.12
C VAL D 438 35.79 36.14 -3.13
N THR D 439 36.12 34.95 -2.63
CA THR D 439 37.07 34.85 -1.53
C THR D 439 38.49 35.18 -1.92
N MET D 440 38.80 35.33 -3.21
CA MET D 440 40.09 35.91 -3.56
C MET D 440 40.00 37.42 -3.64
N VAL D 441 38.84 37.96 -3.99
CA VAL D 441 38.66 39.40 -3.88
C VAL D 441 38.62 39.81 -2.42
N MET D 442 38.10 38.93 -1.56
CA MET D 442 38.16 39.18 -0.12
C MET D 442 39.58 39.06 0.41
N ARG D 443 40.45 38.38 -0.32
CA ARG D 443 41.82 38.20 0.14
C ARG D 443 42.74 39.26 -0.44
N LEU D 444 42.48 39.71 -1.67
CA LEU D 444 43.39 40.63 -2.34
C LEU D 444 43.33 42.02 -1.72
N ILE D 445 42.25 42.37 -1.04
CA ILE D 445 42.18 43.66 -0.36
C ILE D 445 42.09 43.49 1.14
N SER D 446 42.09 42.24 1.63
CA SER D 446 42.19 41.89 3.05
C SER D 446 41.03 42.43 3.87
N ALA D 447 39.82 42.01 3.51
CA ALA D 447 38.67 42.39 4.29
C ALA D 447 38.57 41.53 5.55
N SER D 448 37.64 41.91 6.43
CA SER D 448 37.52 41.19 7.69
C SER D 448 36.66 39.94 7.54
N GLY D 449 35.39 40.13 7.15
CA GLY D 449 34.43 39.05 7.17
C GLY D 449 34.61 38.04 6.05
N GLU D 450 35.70 37.28 6.13
CA GLU D 450 36.08 36.36 5.07
C GLU D 450 35.52 34.96 5.29
N VAL D 451 34.97 34.68 6.48
CA VAL D 451 34.44 33.34 6.72
C VAL D 451 33.08 33.14 6.11
N VAL D 452 32.48 34.18 5.54
CA VAL D 452 31.17 34.02 4.91
C VAL D 452 31.29 33.27 3.59
N PRO D 453 32.09 33.67 2.58
CA PRO D 453 32.04 32.91 1.33
C PRO D 453 32.74 31.58 1.43
N MET D 454 33.70 31.44 2.33
CA MET D 454 34.36 30.15 2.51
C MET D 454 33.40 29.14 3.10
N SER D 455 32.47 29.58 3.93
CA SER D 455 31.49 28.67 4.49
C SER D 455 30.50 28.23 3.43
N PHE D 456 30.06 29.14 2.58
CA PHE D 456 29.19 28.74 1.48
C PHE D 456 29.93 27.92 0.44
N ALA D 457 31.25 28.05 0.38
CA ALA D 457 32.00 27.30 -0.61
C ALA D 457 32.05 25.82 -0.26
N LEU D 458 32.06 25.50 1.02
CA LEU D 458 32.18 24.11 1.40
C LEU D 458 30.84 23.41 1.36
N VAL D 459 29.77 24.11 1.73
CA VAL D 459 28.49 23.43 1.72
C VAL D 459 27.93 23.35 0.29
N LEU D 460 28.14 24.36 -0.54
CA LEU D 460 27.69 24.26 -1.92
C LEU D 460 28.65 23.43 -2.75
N GLY D 461 29.91 23.35 -2.34
CA GLY D 461 30.87 22.57 -3.09
C GLY D 461 30.60 21.10 -2.96
N TRP D 462 30.57 20.60 -1.72
CA TRP D 462 30.39 19.17 -1.48
C TRP D 462 29.05 18.67 -1.95
N CYS D 463 28.01 19.49 -1.90
CA CYS D 463 26.74 19.01 -2.40
C CYS D 463 26.70 18.88 -3.92
N ASN D 464 27.67 19.45 -4.64
CA ASN D 464 27.80 19.12 -6.05
C ASN D 464 28.65 17.89 -6.31
N VAL D 465 29.01 17.11 -5.29
CA VAL D 465 29.50 15.78 -5.59
C VAL D 465 28.32 14.93 -6.01
N MET D 466 27.15 15.23 -5.46
CA MET D 466 25.91 14.49 -5.68
C MET D 466 25.42 14.57 -7.12
N TYR D 467 25.95 15.49 -7.93
CA TYR D 467 25.71 15.47 -9.37
C TYR D 467 26.23 14.20 -10.02
N PHE D 468 27.29 13.63 -9.49
CA PHE D 468 27.79 12.38 -10.02
C PHE D 468 27.06 11.18 -9.46
N ALA D 469 26.03 11.39 -8.65
CA ALA D 469 25.24 10.28 -8.13
C ALA D 469 24.09 9.94 -9.05
N ARG D 470 24.38 9.80 -10.34
CA ARG D 470 23.41 9.33 -11.29
C ARG D 470 24.00 8.31 -12.23
N GLY D 471 25.30 8.10 -12.21
CA GLY D 471 25.90 7.07 -13.04
C GLY D 471 26.15 5.81 -12.24
N PHE D 472 25.23 5.51 -11.33
CA PHE D 472 25.33 4.31 -10.51
C PHE D 472 23.93 3.79 -10.27
N GLN D 473 23.78 2.48 -10.29
CA GLN D 473 22.45 1.91 -10.14
C GLN D 473 21.95 2.05 -8.71
N MET D 474 22.85 1.93 -7.74
CA MET D 474 22.46 1.87 -6.34
C MET D 474 22.04 3.24 -5.83
N LEU D 475 22.94 4.21 -5.83
CA LEU D 475 22.61 5.55 -5.36
C LEU D 475 22.24 6.46 -6.52
N GLY D 476 21.35 5.95 -7.35
CA GLY D 476 20.91 6.62 -8.54
C GLY D 476 19.59 7.32 -8.31
N PRO D 477 18.50 6.61 -8.61
CA PRO D 477 17.16 7.18 -8.45
C PRO D 477 16.81 7.68 -7.06
N PHE D 478 17.53 7.24 -6.03
CA PHE D 478 17.38 7.82 -4.71
C PHE D 478 17.79 9.30 -4.68
N THR D 479 18.65 9.75 -5.59
CA THR D 479 18.90 11.17 -5.70
C THR D 479 17.68 11.91 -6.25
N ILE D 480 17.03 11.35 -7.27
CA ILE D 480 15.87 11.99 -7.87
C ILE D 480 14.70 12.02 -6.92
N MET D 481 14.63 11.07 -5.99
CA MET D 481 13.59 11.09 -4.98
C MET D 481 13.74 12.30 -4.06
N ILE D 482 14.95 12.82 -3.92
CA ILE D 482 15.16 14.00 -3.08
C ILE D 482 14.74 15.27 -3.80
N GLN D 483 15.15 15.42 -5.06
CA GLN D 483 14.81 16.61 -5.85
C GLN D 483 13.32 16.72 -6.07
N LYS D 484 12.62 15.60 -6.11
CA LYS D 484 11.17 15.61 -6.22
C LYS D 484 10.50 15.75 -4.85
N MET D 485 11.26 16.13 -3.83
CA MET D 485 10.67 16.26 -2.51
C MET D 485 11.07 17.57 -1.84
N ILE D 486 12.30 18.03 -2.08
CA ILE D 486 12.67 19.40 -1.69
C ILE D 486 11.81 20.40 -2.44
N PHE D 487 11.62 20.20 -3.74
CA PHE D 487 10.65 21.02 -4.44
C PHE D 487 9.29 20.33 -4.44
N GLY D 488 8.92 19.84 -3.26
CA GLY D 488 7.79 18.97 -3.07
C GLY D 488 7.19 19.18 -1.71
N ASP D 489 7.03 18.09 -0.95
CA ASP D 489 6.31 18.15 0.32
C ASP D 489 7.06 18.89 1.41
N LEU D 490 8.38 18.99 1.35
CA LEU D 490 9.05 19.76 2.37
C LEU D 490 8.86 21.24 2.13
N MET D 491 8.72 21.64 0.87
CA MET D 491 8.30 23.01 0.57
C MET D 491 6.86 23.22 1.00
N ARG D 492 6.06 22.16 0.93
CA ARG D 492 4.70 22.22 1.44
C ARG D 492 4.68 22.29 2.95
N PHE D 493 5.59 21.58 3.59
CA PHE D 493 5.58 21.52 5.04
C PHE D 493 6.18 22.76 5.67
N CYS D 494 7.09 23.42 4.96
CA CYS D 494 7.87 24.49 5.59
C CYS D 494 7.03 25.72 5.86
N TRP D 495 5.98 25.94 5.06
CA TRP D 495 5.13 27.10 5.31
C TRP D 495 4.33 26.91 6.60
N LEU D 496 3.66 25.78 6.74
CA LEU D 496 2.93 25.57 7.98
C LEU D 496 3.85 25.26 9.13
N MET D 497 5.10 24.92 8.86
CA MET D 497 6.09 24.96 9.93
C MET D 497 6.40 26.41 10.29
N ALA D 498 6.47 27.29 9.29
CA ALA D 498 6.91 28.65 9.56
C ALA D 498 5.86 29.45 10.30
N VAL D 499 4.59 29.12 10.13
CA VAL D 499 3.54 29.92 10.76
C VAL D 499 3.44 29.60 12.23
N VAL D 500 3.57 28.32 12.58
CA VAL D 500 3.52 27.93 13.98
C VAL D 500 4.79 28.37 14.71
N ILE D 501 5.94 28.28 14.02
CA ILE D 501 7.22 28.43 14.70
C ILE D 501 7.45 29.85 15.13
N LEU D 502 6.85 30.82 14.46
CA LEU D 502 6.93 32.16 15.01
C LEU D 502 5.67 32.54 15.75
N GLY D 503 4.68 31.66 15.78
CA GLY D 503 3.55 31.89 16.64
C GLY D 503 3.90 31.65 18.10
N PHE D 504 4.33 30.42 18.41
CA PHE D 504 4.67 30.09 19.79
C PHE D 504 5.90 30.83 20.28
N ALA D 505 6.81 31.19 19.37
CA ALA D 505 8.04 31.83 19.80
C ALA D 505 7.77 33.21 20.33
N SER D 506 6.88 33.95 19.66
CA SER D 506 6.47 35.23 20.22
C SER D 506 5.67 35.03 21.48
N ALA D 507 4.95 33.91 21.59
CA ALA D 507 4.23 33.62 22.82
C ALA D 507 5.17 33.15 23.91
N PHE D 508 6.32 32.57 23.53
CA PHE D 508 7.31 32.29 24.54
C PHE D 508 8.03 33.55 25.00
N TYR D 509 8.25 34.49 24.08
CA TYR D 509 9.13 35.63 24.36
C TYR D 509 8.54 36.56 25.40
N ILE D 510 7.21 36.74 25.38
CA ILE D 510 6.60 37.60 26.38
C ILE D 510 6.27 36.87 27.65
N ILE D 511 6.71 35.62 27.79
CA ILE D 511 6.65 34.97 29.09
C ILE D 511 7.95 35.15 29.84
N PHE D 512 9.07 34.83 29.19
CA PHE D 512 10.37 34.91 29.85
C PHE D 512 10.98 36.29 29.76
N GLN D 513 10.23 37.28 29.31
CA GLN D 513 10.77 38.63 29.35
C GLN D 513 10.77 39.16 30.77
N THR D 514 9.86 38.68 31.59
CA THR D 514 9.86 39.03 33.01
C THR D 514 10.64 37.97 33.79
N GLU D 515 11.94 37.91 33.50
CA GLU D 515 12.79 36.86 34.01
C GLU D 515 14.24 37.27 33.82
N ASP D 516 15.13 36.82 34.70
CA ASP D 516 16.55 37.03 34.50
C ASP D 516 17.10 35.84 33.73
N PRO D 517 17.66 36.04 32.54
CA PRO D 517 18.13 34.92 31.73
C PRO D 517 19.45 34.30 32.16
N GLU D 518 19.94 34.56 33.38
CA GLU D 518 21.17 33.91 33.82
C GLU D 518 20.96 32.43 34.01
N GLU D 519 19.81 32.05 34.54
CA GLU D 519 19.40 30.66 34.63
C GLU D 519 18.17 30.47 33.75
N LEU D 520 18.24 29.47 32.87
CA LEU D 520 17.25 29.23 31.81
C LEU D 520 17.07 30.48 30.96
N GLY D 521 18.19 30.92 30.40
CA GLY D 521 18.14 31.91 29.35
C GLY D 521 18.17 31.20 28.02
N HIS D 522 17.16 30.37 27.76
CA HIS D 522 17.02 29.75 26.45
C HIS D 522 16.77 30.79 25.37
N PHE D 523 16.14 31.90 25.73
CA PHE D 523 15.90 32.98 24.78
C PHE D 523 15.68 34.28 25.53
N TYR D 524 16.63 35.20 25.33
CA TYR D 524 16.59 36.54 25.90
C TYR D 524 16.18 37.59 24.89
N ASP D 525 16.57 37.43 23.63
CA ASP D 525 16.31 38.41 22.58
C ASP D 525 15.38 37.79 21.56
N TYR D 526 14.56 38.62 20.93
CA TYR D 526 13.55 38.10 20.01
C TYR D 526 14.12 37.48 18.75
N PRO D 527 15.27 37.91 18.19
CA PRO D 527 15.91 37.04 17.20
C PRO D 527 16.81 36.00 17.81
N MET D 528 16.41 35.44 18.93
CA MET D 528 16.92 34.16 19.40
C MET D 528 15.80 33.21 19.73
N ALA D 529 14.64 33.71 20.17
CA ALA D 529 13.49 32.86 20.38
C ALA D 529 12.93 32.37 19.07
N LEU D 530 13.15 33.11 17.99
CA LEU D 530 12.90 32.54 16.67
C LEU D 530 13.82 31.36 16.42
N PHE D 531 15.08 31.47 16.83
CA PHE D 531 16.00 30.37 16.60
C PHE D 531 15.82 29.28 17.63
N SER D 532 15.58 29.64 18.88
CA SER D 532 15.51 28.63 19.93
C SER D 532 14.21 27.87 19.89
N THR D 533 13.23 28.37 19.16
CA THR D 533 12.03 27.56 19.00
C THR D 533 12.18 26.63 17.80
N PHE D 534 12.87 27.10 16.76
CA PHE D 534 13.08 26.28 15.57
C PHE D 534 13.91 25.04 15.88
N GLU D 535 14.92 25.19 16.73
CA GLU D 535 15.63 24.02 17.23
C GLU D 535 14.72 23.14 18.07
N LEU D 536 13.78 23.74 18.77
CA LEU D 536 12.94 22.95 19.66
C LEU D 536 11.86 22.22 18.88
N PHE D 537 11.48 22.75 17.74
CA PHE D 537 10.41 22.15 16.95
C PHE D 537 10.84 20.84 16.32
N LEU D 538 12.13 20.70 16.03
CA LEU D 538 12.63 19.47 15.47
C LEU D 538 13.23 18.56 16.53
N THR D 539 13.05 18.90 17.80
CA THR D 539 13.49 18.13 18.97
C THR D 539 15.00 17.88 18.97
N ILE D 540 15.78 18.78 18.40
CA ILE D 540 17.22 18.62 18.37
C ILE D 540 17.90 19.38 19.49
N ILE D 541 17.13 19.99 20.39
CA ILE D 541 17.66 20.53 21.62
C ILE D 541 16.85 19.99 22.78
N ASP D 542 17.17 20.46 23.97
CA ASP D 542 16.97 19.62 25.14
C ASP D 542 15.61 19.87 25.78
N GLY D 543 14.94 20.96 25.44
CA GLY D 543 13.71 21.30 26.10
C GLY D 543 14.00 22.03 27.39
N PRO D 544 13.37 23.19 27.57
CA PRO D 544 13.81 24.13 28.62
C PRO D 544 13.34 23.67 29.98
N ALA D 545 14.28 23.44 30.88
CA ALA D 545 13.95 23.06 32.25
C ALA D 545 15.09 23.50 33.14
N ASN D 546 14.75 24.03 34.29
CA ASN D 546 15.75 24.35 35.29
C ASN D 546 15.59 23.55 36.56
N TYR D 547 14.37 23.13 36.91
CA TYR D 547 14.05 22.25 38.03
C TYR D 547 14.45 22.81 39.38
N ASN D 548 14.83 24.08 39.46
CA ASN D 548 15.42 24.57 40.68
C ASN D 548 14.70 25.83 41.13
N VAL D 549 14.31 26.66 40.17
CA VAL D 549 13.53 27.86 40.44
C VAL D 549 12.23 27.76 39.66
N ASP D 550 11.13 28.26 40.22
CA ASP D 550 9.85 28.11 39.54
C ASP D 550 9.74 29.02 38.32
N LEU D 551 10.03 28.43 37.18
CA LEU D 551 9.73 29.04 35.90
C LEU D 551 8.22 29.22 35.76
N PRO D 552 7.76 30.30 35.12
CA PRO D 552 6.37 30.76 35.33
C PRO D 552 5.31 29.82 34.78
N PHE D 553 4.08 30.08 35.22
CA PHE D 553 3.02 29.11 35.01
C PHE D 553 2.55 29.08 33.57
N MET D 554 2.41 30.24 32.94
CA MET D 554 1.94 30.25 31.57
C MET D 554 2.96 29.74 30.57
N TYR D 555 4.21 29.54 30.97
CA TYR D 555 5.09 28.68 30.20
C TYR D 555 4.53 27.27 30.15
N SER D 556 4.34 26.66 31.32
CA SER D 556 4.22 25.22 31.41
C SER D 556 2.89 24.73 30.85
N ILE D 557 1.89 25.58 30.75
CA ILE D 557 0.72 25.17 30.00
C ILE D 557 0.94 25.34 28.51
N THR D 558 1.55 26.43 28.07
CA THR D 558 1.66 26.61 26.63
C THR D 558 2.83 25.85 26.04
N TYR D 559 3.71 25.33 26.87
CA TYR D 559 4.74 24.47 26.31
C TYR D 559 4.20 23.09 26.02
N ALA D 560 3.33 22.59 26.90
CA ALA D 560 2.77 21.28 26.68
C ALA D 560 1.82 21.28 25.51
N ALA D 561 1.08 22.38 25.34
CA ALA D 561 0.21 22.49 24.18
C ALA D 561 1.04 22.72 22.92
N PHE D 562 2.25 23.24 23.06
CA PHE D 562 3.13 23.30 21.90
C PHE D 562 3.56 21.92 21.46
N ALA D 563 4.03 21.10 22.40
CA ALA D 563 4.69 19.86 22.03
C ALA D 563 3.74 18.84 21.44
N ILE D 564 2.44 18.97 21.70
CA ILE D 564 1.48 18.06 21.07
C ILE D 564 1.37 18.36 19.59
N ILE D 565 1.13 19.62 19.22
CA ILE D 565 1.01 19.92 17.80
C ILE D 565 2.35 20.19 17.16
N ALA D 566 3.44 19.88 17.84
CA ALA D 566 4.76 19.98 17.22
C ALA D 566 5.43 18.63 17.09
N THR D 567 5.66 17.94 18.20
CA THR D 567 6.40 16.69 18.12
C THR D 567 5.47 15.53 17.82
N LEU D 568 4.26 15.58 18.36
CA LEU D 568 3.37 14.46 18.21
C LEU D 568 2.47 14.58 16.99
N LEU D 569 2.32 15.77 16.43
CA LEU D 569 1.46 15.95 15.26
C LEU D 569 2.20 16.38 14.00
N MET D 570 2.84 17.54 14.00
CA MET D 570 3.40 18.09 12.76
C MET D 570 4.61 17.30 12.28
N LEU D 571 5.48 16.92 13.21
CA LEU D 571 6.75 16.32 12.82
C LEU D 571 6.55 14.96 12.20
N ASN D 572 5.62 14.18 12.74
CA ASN D 572 5.43 12.83 12.26
C ASN D 572 4.18 12.66 11.41
N LEU D 573 3.41 13.72 11.17
CA LEU D 573 2.57 13.68 9.99
C LEU D 573 3.45 13.78 8.75
N LEU D 574 4.54 14.54 8.87
CA LEU D 574 5.41 14.78 7.73
C LEU D 574 6.13 13.53 7.30
N ILE D 575 6.24 12.51 8.17
CA ILE D 575 6.73 11.24 7.68
C ILE D 575 5.61 10.41 7.09
N ALA D 576 4.37 10.65 7.50
CA ALA D 576 3.27 9.87 6.96
C ALA D 576 2.99 10.27 5.52
N MET D 577 2.95 11.56 5.23
CA MET D 577 2.69 11.93 3.84
C MET D 577 3.93 11.72 2.98
N MET D 578 5.10 11.63 3.59
CA MET D 578 6.29 11.35 2.81
C MET D 578 6.36 9.87 2.48
N GLY D 579 5.84 9.02 3.38
CA GLY D 579 5.71 7.62 3.03
C GLY D 579 4.64 7.39 1.99
N ASP D 580 3.56 8.16 2.04
CA ASP D 580 2.52 7.96 1.05
C ASP D 580 2.92 8.50 -0.31
N THR D 581 3.64 9.61 -0.38
CA THR D 581 4.03 10.15 -1.66
C THR D 581 5.18 9.39 -2.29
N HIS D 582 5.75 8.41 -1.60
CA HIS D 582 6.87 7.67 -2.16
C HIS D 582 6.43 6.68 -3.23
N TRP D 583 5.54 5.76 -2.89
CA TRP D 583 5.19 4.70 -3.84
C TRP D 583 4.29 5.18 -4.96
N ARG D 584 3.67 6.34 -4.84
CA ARG D 584 2.86 6.82 -5.95
C ARG D 584 3.67 7.50 -7.02
N VAL D 585 4.97 7.71 -6.80
CA VAL D 585 5.87 8.14 -7.85
C VAL D 585 7.00 7.15 -8.07
N ALA D 586 6.89 5.94 -7.52
CA ALA D 586 7.97 4.97 -7.63
C ALA D 586 8.14 4.47 -9.06
N HIS D 587 7.07 4.45 -9.84
CA HIS D 587 7.23 4.07 -11.23
C HIS D 587 7.66 5.25 -12.09
N GLU D 588 7.36 6.47 -11.66
CA GLU D 588 7.73 7.62 -12.47
C GLU D 588 9.22 7.94 -12.33
N ARG D 589 9.78 7.73 -11.15
CA ARG D 589 11.20 8.04 -10.95
C ARG D 589 12.09 7.07 -11.71
N ASP D 590 11.64 5.84 -11.92
CA ASP D 590 12.43 4.90 -12.69
C ASP D 590 12.38 5.23 -14.18
N GLU D 591 11.45 6.09 -14.61
CA GLU D 591 11.58 6.69 -15.92
C GLU D 591 12.46 7.92 -15.90
N LEU D 592 12.39 8.70 -14.81
CA LEU D 592 13.19 9.91 -14.69
C LEU D 592 14.67 9.59 -14.71
N TRP D 593 15.05 8.44 -14.18
CA TRP D 593 16.45 8.06 -14.17
C TRP D 593 16.95 7.76 -15.57
N ARG D 594 16.21 6.96 -16.33
CA ARG D 594 16.60 6.65 -17.69
C ARG D 594 16.53 7.89 -18.56
N ALA D 595 15.67 8.84 -18.21
CA ALA D 595 15.68 10.10 -18.91
C ALA D 595 16.91 10.88 -18.57
N GLN D 596 17.33 10.85 -17.30
CA GLN D 596 18.45 11.66 -16.88
C GLN D 596 19.75 11.10 -17.43
N ILE D 597 19.81 9.79 -17.66
CA ILE D 597 21.05 9.20 -18.10
C ILE D 597 21.30 9.46 -19.58
N VAL D 598 20.24 9.70 -20.35
CA VAL D 598 20.43 10.11 -21.73
C VAL D 598 20.93 11.54 -21.78
N ALA D 599 20.35 12.40 -20.94
CA ALA D 599 20.75 13.80 -20.90
C ALA D 599 22.16 13.96 -20.38
N THR D 600 22.66 13.01 -19.61
CA THR D 600 24.07 13.04 -19.26
C THR D 600 24.92 12.62 -20.44
N THR D 601 24.44 11.66 -21.23
CA THR D 601 25.22 11.17 -22.35
C THR D 601 25.38 12.21 -23.44
N VAL D 602 24.28 12.87 -23.82
CA VAL D 602 24.32 13.82 -24.91
C VAL D 602 25.08 15.07 -24.51
N MET D 603 24.92 15.52 -23.26
CA MET D 603 25.69 16.66 -22.78
C MET D 603 27.16 16.32 -22.68
N LEU D 604 27.49 15.07 -22.40
CA LEU D 604 28.88 14.65 -22.45
C LEU D 604 29.35 14.55 -23.89
N GLU D 605 28.43 14.26 -24.82
CA GLU D 605 28.79 14.10 -26.22
C GLU D 605 29.19 15.42 -26.85
N ARG D 606 28.52 16.50 -26.46
CA ARG D 606 28.67 17.75 -27.17
C ARG D 606 30.02 18.39 -26.89
N LYS D 607 30.55 18.16 -25.70
CA LYS D 607 31.74 18.91 -25.30
C LYS D 607 33.02 18.18 -25.67
N LEU D 608 32.99 16.87 -25.73
CA LEU D 608 34.18 16.11 -26.08
C LEU D 608 34.45 16.23 -27.58
N PRO D 609 35.70 16.33 -28.00
CA PRO D 609 35.99 16.55 -29.41
C PRO D 609 35.85 15.26 -30.21
N ARG D 610 36.13 15.37 -31.52
CA ARG D 610 36.00 14.26 -32.44
C ARG D 610 37.19 13.31 -32.37
N CYS D 611 38.32 13.78 -31.84
CA CYS D 611 39.49 12.92 -31.63
C CYS D 611 39.18 11.82 -30.62
N LEU D 612 38.29 12.09 -29.68
CA LEU D 612 37.71 11.07 -28.83
C LEU D 612 36.29 10.80 -29.32
N TRP D 613 35.59 9.85 -28.64
CA TRP D 613 34.16 9.58 -28.82
C TRP D 613 33.81 9.17 -30.25
N PRO D 614 34.04 7.92 -30.64
CA PRO D 614 33.60 7.46 -31.96
C PRO D 614 32.08 7.54 -32.11
N ARG D 615 31.63 7.70 -33.35
CA ARG D 615 30.20 7.69 -33.61
C ARG D 615 29.66 6.28 -33.46
N SER D 616 28.39 6.19 -33.10
CA SER D 616 27.81 4.90 -32.76
C SER D 616 27.41 4.14 -34.02
N GLY D 617 27.52 2.82 -33.96
CA GLY D 617 27.08 1.97 -35.03
C GLY D 617 28.07 1.93 -36.19
N ILE D 618 27.84 0.95 -37.07
CA ILE D 618 28.78 0.75 -38.16
C ILE D 618 28.48 1.73 -39.28
N CYS D 619 29.40 1.84 -40.23
CA CYS D 619 29.29 2.83 -41.28
C CYS D 619 28.87 2.19 -42.60
N GLY D 620 28.62 3.05 -43.58
CA GLY D 620 28.50 2.70 -44.96
C GLY D 620 29.81 2.86 -45.67
N ARG D 621 29.74 3.08 -46.99
CA ARG D 621 30.86 3.32 -47.91
C ARG D 621 31.83 2.15 -48.00
N GLU D 622 31.48 1.00 -47.43
CA GLU D 622 32.26 -0.21 -47.53
C GLU D 622 31.39 -1.40 -47.88
N TYR D 623 30.07 -1.21 -47.94
CA TYR D 623 29.14 -2.30 -48.04
C TYR D 623 28.05 -2.00 -49.05
N GLY D 624 28.16 -0.90 -49.78
CA GLY D 624 27.17 -0.52 -50.77
C GLY D 624 25.88 -0.01 -50.17
N LEU D 625 25.98 0.87 -49.18
CA LEU D 625 24.78 1.34 -48.50
C LEU D 625 24.66 2.86 -48.55
N GLY D 626 25.77 3.55 -48.75
CA GLY D 626 25.78 4.99 -48.84
C GLY D 626 26.64 5.62 -47.75
N ASP D 627 26.35 6.89 -47.49
CA ASP D 627 27.09 7.61 -46.46
C ASP D 627 26.43 7.49 -45.10
N ARG D 628 25.24 6.93 -45.04
CA ARG D 628 24.51 6.86 -43.78
C ARG D 628 25.07 5.74 -42.92
N TRP D 629 24.91 5.90 -41.61
CA TRP D 629 25.37 4.91 -40.64
C TRP D 629 24.26 3.89 -40.38
N PHE D 630 24.59 2.85 -39.61
CA PHE D 630 23.62 1.80 -39.34
C PHE D 630 23.87 1.19 -37.97
N LEU D 631 22.85 0.51 -37.47
CA LEU D 631 22.92 -0.26 -36.23
C LEU D 631 22.07 -1.50 -36.45
N ARG D 632 22.51 -2.63 -35.89
CA ARG D 632 21.75 -3.87 -36.01
C ARG D 632 21.48 -4.45 -34.63
N VAL D 633 20.47 -5.33 -34.59
CA VAL D 633 20.04 -5.97 -33.36
C VAL D 633 19.29 -7.22 -33.76
N GLU D 634 19.27 -8.20 -32.87
CA GLU D 634 18.65 -9.48 -33.18
C GLU D 634 17.98 -10.04 -31.93
N ASP D 635 16.93 -10.83 -32.14
CA ASP D 635 16.06 -11.24 -31.03
C ASP D 635 15.22 -12.43 -31.45
N ARG D 636 14.47 -12.96 -30.48
CA ARG D 636 13.60 -14.10 -30.66
C ARG D 636 12.15 -13.65 -30.69
N GLN D 637 11.36 -14.23 -31.59
CA GLN D 637 10.00 -13.80 -31.88
C GLN D 637 9.04 -15.01 -31.88
N ASP D 638 8.94 -15.67 -30.72
CA ASP D 638 8.49 -17.04 -30.46
C ASP D 638 7.48 -17.66 -31.41
N LEU D 639 6.34 -16.99 -31.63
CA LEU D 639 5.36 -17.44 -32.61
C LEU D 639 4.51 -16.25 -33.05
#